data_8D6U
#
_entry.id   8D6U
#
_cell.length_a   96.437
_cell.length_b   109.370
_cell.length_c   256.361
_cell.angle_alpha   90.000
_cell.angle_beta   90.000
_cell.angle_gamma   90.000
#
_symmetry.space_group_name_H-M   'P 21 21 21'
#
loop_
_entity.id
_entity.type
_entity.pdbx_description
1 polymer Saxiphilin
2 non-polymer '(2P)-4-({6-[({[(3aS,4R,7R,10aS)-2,6-diamino-10,10-dihydroxy-3a,4,9,10-tetrahydro-3H,8H-pyrrolo[1,2-c]purin-4-yl]methoxy}carbonyl)amino]hexyl}carbamoyl)-2-{[4aP,9(9a)P]-6-hydroxy-3-oxo-3H-xanthen-9-yl}benzoic acid'
3 water water
#
_entity_poly.entity_id   1
_entity_poly.type   'polypeptide(L)'
_entity_poly.pdbx_seq_one_letter_code
;MAPTFQTALFFTIISLSFAAPNAKQVRWCAISDLEQKKCNDLVGSCNVPDITLVCVLRSSTEDCMTAIKDGQADAMFLDS
GEVYEASKDPYNLKPIIAEPYSSNRDLQKCLKERQQALAKKMIGHYIPQCDEKGNYQPQQCHGSTGHCWCVNAMGEKISG
TNTPPGQTRATCERHELPKCLKERQVALGGDEKVLGRFVPQCDEKGNYEPQQFHGSTGYSWCVNAIGEEIAGTKTPPGKI
PATCQKHDLVTTCHYAVAMVKKSSAFQFNQLKGKRSCHSGVSKTDGWKALVTVLVEKKLLSWDGPAKESIQRAMSKFFSV
SCIPGATQTNLCKQCKGEEGKNCKNSHDEPYYGNYGAFRCLKEDMGDVAFLRSTALSDEHSEVYELLCPDNTRKPLNKYK
ECNLGTVPAGTVVTRKISDKTEDINNFLMEAQKRQCKLFSSAHGKDLMFDDSTLQLALLSSEVDAFLYLGVKLFHAMKAL
TGDAHLPSKNKVRWCTINKLEKMKCDDWSAVSGGAIACTEASCPKGCVKQILKGEADAVKLEVQYMYEALMCGLLPAVEE
YHNKDDFGPCKTPGSPYTDFGTLRAVALVKKSNKDINWNNIKGKKSCHTGVGDIAGWVIPVSLIRRQNDNSDIDSFFGES
CAPGSDTKSNLCKLCIGDPKNSAANTKCSLSDKEAYYGNQGAFRCLVEKGDVAFVPHTVVFENTDGKNPAVWAKNLKSED
FELLCLDGSRAPVSNYKSCKLSGIPPPAIVTREESISDVVRIVANQQSLYGRKGFEKDMFQLFSSNKGNNLLFNDNTQCL
ITFDRQPKDIMEDYFGKPYYTTVYGASRSAMSSELISACTIKHCSNSLEVLFQ
;
_entity_poly.pdbx_strand_id   A,B
#
loop_
_chem_comp.id
_chem_comp.type
_chem_comp.name
_chem_comp.formula
QDX non-polymer '(2P)-4-({6-[({[(3aS,4R,7R,10aS)-2,6-diamino-10,10-dihydroxy-3a,4,9,10-tetrahydro-3H,8H-pyrrolo[1,2-c]purin-4-yl]methoxy}carbonyl)amino]hexyl}carbamoyl)-2-{[4aP,9(9a)P]-6-hydroxy-3-oxo-3H-xanthen-9-yl}benzoic acid' 'C37 H40 N8 O10'
#
# COMPACT_ATOMS: atom_id res chain seq x y z
N LYS A 24 -24.82 25.36 10.87
CA LYS A 24 -26.22 25.19 11.22
C LYS A 24 -26.46 23.89 11.99
N GLN A 25 -25.65 22.87 11.70
CA GLN A 25 -25.82 21.56 12.32
C GLN A 25 -24.44 20.97 12.65
N VAL A 26 -24.36 20.35 13.82
CA VAL A 26 -23.12 19.72 14.30
C VAL A 26 -23.46 18.32 14.80
N ARG A 27 -22.89 17.31 14.16
CA ARG A 27 -23.15 15.91 14.50
C ARG A 27 -22.00 15.39 15.35
N TRP A 28 -22.31 15.05 16.60
CA TRP A 28 -21.33 14.47 17.51
C TRP A 28 -21.50 12.94 17.53
N CYS A 29 -20.37 12.24 17.50
CA CYS A 29 -20.36 10.78 17.45
C CYS A 29 -20.16 10.22 18.84
N ALA A 30 -21.15 9.47 19.33
CA ALA A 30 -21.07 8.81 20.63
C ALA A 30 -20.66 7.36 20.46
N ILE A 31 -19.75 6.90 21.32
CA ILE A 31 -19.22 5.54 21.20
C ILE A 31 -19.97 4.54 22.05
N SER A 32 -20.85 4.97 22.96
CA SER A 32 -21.55 4.05 23.84
C SER A 32 -22.97 4.54 24.08
N ASP A 33 -23.74 3.72 24.77
CA ASP A 33 -25.12 4.09 25.09
C ASP A 33 -25.18 5.23 26.11
N LEU A 34 -24.26 5.23 27.08
CA LEU A 34 -24.24 6.30 28.08
C LEU A 34 -23.84 7.63 27.45
N GLU A 35 -22.86 7.62 26.55
CA GLU A 35 -22.53 8.83 25.81
C GLU A 35 -23.72 9.28 24.97
N GLN A 36 -24.49 8.33 24.42
CA GLN A 36 -25.67 8.69 23.66
C GLN A 36 -26.70 9.37 24.54
N LYS A 37 -26.91 8.86 25.76
CA LYS A 37 -27.84 9.49 26.69
C LYS A 37 -27.37 10.89 27.08
N LYS A 38 -26.08 11.05 27.37
CA LYS A 38 -25.58 12.38 27.72
C LYS A 38 -25.72 13.34 26.56
N CYS A 39 -25.44 12.88 25.34
CA CYS A 39 -25.55 13.75 24.17
C CYS A 39 -27.00 14.14 23.91
N ASN A 40 -27.94 13.21 24.10
CA ASN A 40 -29.34 13.56 23.94
C ASN A 40 -29.79 14.54 25.02
N ASP A 41 -29.29 14.37 26.25
CA ASP A 41 -29.58 15.33 27.30
C ASP A 41 -29.06 16.72 26.93
N LEU A 42 -27.85 16.79 26.36
CA LEU A 42 -27.31 18.08 25.94
C LEU A 42 -28.14 18.68 24.80
N VAL A 43 -28.58 17.83 23.86
CA VAL A 43 -29.46 18.31 22.78
C VAL A 43 -30.73 18.91 23.36
N GLY A 44 -31.30 18.26 24.37
CA GLY A 44 -32.54 18.76 24.95
C GLY A 44 -32.35 20.03 25.76
N SER A 45 -31.29 20.09 26.57
CA SER A 45 -31.14 21.15 27.55
C SER A 45 -30.30 22.32 27.04
N CYS A 46 -29.24 22.06 26.29
CA CYS A 46 -28.34 23.13 25.82
C CYS A 46 -28.93 23.73 24.56
N ASN A 47 -29.32 25.00 24.62
CA ASN A 47 -29.94 25.70 23.50
C ASN A 47 -28.94 26.72 22.96
N VAL A 48 -28.36 26.42 21.81
CA VAL A 48 -27.39 27.28 21.15
C VAL A 48 -28.06 27.87 19.91
N PRO A 49 -28.04 29.18 19.72
CA PRO A 49 -28.74 29.77 18.57
C PRO A 49 -28.06 29.43 17.25
N ASP A 50 -28.88 29.13 16.25
CA ASP A 50 -28.48 28.85 14.86
C ASP A 50 -27.62 27.60 14.71
N ILE A 51 -27.50 26.78 15.74
CA ILE A 51 -26.74 25.53 15.68
C ILE A 51 -27.55 24.44 16.38
N THR A 52 -27.74 23.31 15.70
CA THR A 52 -28.49 22.19 16.24
C THR A 52 -27.55 20.99 16.36
N LEU A 53 -27.50 20.41 17.56
CA LEU A 53 -26.65 19.26 17.83
C LEU A 53 -27.35 17.97 17.42
N VAL A 54 -26.58 17.03 16.86
CA VAL A 54 -27.09 15.73 16.45
C VAL A 54 -26.15 14.66 17.00
N CYS A 55 -26.72 13.61 17.56
CA CYS A 55 -25.96 12.55 18.22
C CYS A 55 -25.95 11.31 17.32
N VAL A 56 -24.79 11.00 16.76
CA VAL A 56 -24.61 9.80 15.94
C VAL A 56 -24.03 8.70 16.81
N LEU A 57 -24.68 7.54 16.83
CA LEU A 57 -24.30 6.44 17.71
C LEU A 57 -23.44 5.44 16.96
N ARG A 58 -22.33 5.05 17.57
CA ARG A 58 -21.47 3.97 17.09
C ARG A 58 -21.13 3.07 18.26
N SER A 59 -20.50 1.94 17.96
CA SER A 59 -20.24 0.92 18.96
C SER A 59 -18.87 1.03 19.60
N SER A 60 -17.98 1.87 19.08
CA SER A 60 -16.61 1.93 19.58
C SER A 60 -15.99 3.24 19.14
N THR A 61 -14.74 3.47 19.59
CA THR A 61 -14.01 4.67 19.20
C THR A 61 -13.60 4.62 17.74
N GLU A 62 -13.17 3.45 17.27
CA GLU A 62 -12.75 3.34 15.87
C GLU A 62 -13.93 3.52 14.91
N ASP A 63 -15.10 3.01 15.28
CA ASP A 63 -16.29 3.24 14.47
C ASP A 63 -16.64 4.72 14.38
N CYS A 64 -16.44 5.46 15.47
CA CYS A 64 -16.71 6.89 15.43
C CYS A 64 -15.68 7.63 14.58
N MET A 65 -14.40 7.25 14.68
CA MET A 65 -13.39 7.84 13.80
C MET A 65 -13.72 7.57 12.34
N THR A 66 -14.18 6.36 12.03
CA THR A 66 -14.55 6.02 10.66
C THR A 66 -15.77 6.83 10.20
N ALA A 67 -16.77 6.95 11.06
CA ALA A 67 -17.96 7.72 10.71
C ALA A 67 -17.61 9.18 10.44
N ILE A 68 -16.66 9.73 11.20
CA ILE A 68 -16.17 11.08 10.90
C ILE A 68 -15.46 11.10 9.55
N LYS A 69 -14.62 10.09 9.29
CA LYS A 69 -13.93 10.02 8.01
C LYS A 69 -14.91 9.93 6.84
N ASP A 70 -16.06 9.30 7.05
CA ASP A 70 -17.04 9.10 6.00
C ASP A 70 -18.06 10.22 5.90
N GLY A 71 -17.93 11.28 6.69
CA GLY A 71 -18.94 12.32 6.66
C GLY A 71 -20.23 11.99 7.38
N GLN A 72 -20.27 10.87 8.11
CA GLN A 72 -21.44 10.53 8.90
C GLN A 72 -21.52 11.30 10.21
N ALA A 73 -20.38 11.80 10.70
CA ALA A 73 -20.31 12.59 11.92
C ALA A 73 -19.39 13.78 11.65
N ASP A 74 -19.21 14.62 12.67
CA ASP A 74 -18.45 15.86 12.50
C ASP A 74 -17.28 15.99 13.44
N ALA A 75 -17.42 15.60 14.70
CA ALA A 75 -16.34 15.79 15.65
C ALA A 75 -16.45 14.78 16.77
N MET A 76 -15.31 14.43 17.36
CA MET A 76 -15.33 13.59 18.55
C MET A 76 -14.17 13.97 19.45
N PHE A 77 -14.11 13.35 20.62
CA PHE A 77 -13.03 13.57 21.57
C PHE A 77 -12.15 12.33 21.62
N LEU A 78 -10.85 12.53 21.47
CA LEU A 78 -9.88 11.44 21.45
C LEU A 78 -8.82 11.66 22.53
N ASP A 79 -8.34 10.54 23.05
CA ASP A 79 -7.17 10.55 23.91
C ASP A 79 -5.94 10.97 23.11
N SER A 80 -4.97 11.59 23.79
CA SER A 80 -3.77 12.07 23.11
C SER A 80 -3.05 10.95 22.39
N GLY A 81 -2.94 9.77 23.02
CA GLY A 81 -2.28 8.65 22.38
C GLY A 81 -2.94 8.22 21.09
N GLU A 82 -4.25 8.44 20.97
CA GLU A 82 -4.99 8.09 19.77
C GLU A 82 -4.85 9.13 18.67
N VAL A 83 -4.10 10.21 18.90
CA VAL A 83 -4.05 11.30 17.92
C VAL A 83 -3.22 10.90 16.71
N TYR A 84 -2.04 10.32 16.92
CA TYR A 84 -1.16 9.98 15.82
C TYR A 84 -1.83 9.04 14.83
N GLU A 85 -2.32 7.90 15.32
CA GLU A 85 -3.03 6.96 14.47
C GLU A 85 -4.27 7.58 13.85
N ALA A 86 -4.77 8.68 14.41
CA ALA A 86 -5.93 9.36 13.84
C ALA A 86 -5.56 10.23 12.65
N SER A 87 -4.29 10.64 12.52
CA SER A 87 -3.87 11.50 11.42
C SER A 87 -3.46 10.72 10.18
N LYS A 88 -3.63 9.39 10.19
CA LYS A 88 -3.22 8.55 9.08
C LYS A 88 -4.40 7.71 8.60
N ASP A 89 -4.21 7.07 7.45
CA ASP A 89 -5.20 6.13 6.96
C ASP A 89 -5.46 5.05 8.01
N PRO A 90 -6.71 4.56 8.13
CA PRO A 90 -7.87 4.91 7.32
C PRO A 90 -8.79 5.93 8.01
N TYR A 91 -8.21 6.92 8.67
CA TYR A 91 -8.99 7.89 9.42
C TYR A 91 -8.76 9.32 8.95
N ASN A 92 -7.51 9.79 8.96
CA ASN A 92 -7.16 11.13 8.49
C ASN A 92 -7.98 12.20 9.22
N LEU A 93 -7.77 12.28 10.53
CA LEU A 93 -8.40 13.27 11.38
C LEU A 93 -7.33 14.20 11.97
N LYS A 94 -7.77 15.39 12.38
CA LYS A 94 -6.86 16.36 12.95
C LYS A 94 -7.44 16.96 14.22
N PRO A 95 -6.61 17.22 15.22
CA PRO A 95 -7.11 17.92 16.41
C PRO A 95 -7.42 19.38 16.10
N ILE A 96 -8.57 19.84 16.59
CA ILE A 96 -9.00 21.22 16.38
C ILE A 96 -9.27 21.95 17.69
N ILE A 97 -9.79 21.28 18.70
CA ILE A 97 -10.24 21.97 19.91
C ILE A 97 -9.67 21.28 21.14
N ALA A 98 -8.82 21.97 21.89
CA ALA A 98 -8.13 21.37 23.02
C ALA A 98 -8.26 22.26 24.26
N GLU A 99 -8.05 21.65 25.42
CA GLU A 99 -8.08 22.36 26.69
C GLU A 99 -6.78 23.11 26.91
N PRO A 100 -6.82 24.42 27.11
CA PRO A 100 -5.57 25.17 27.29
C PRO A 100 -5.00 25.01 28.70
N TYR A 101 -3.67 25.00 28.76
CA TYR A 101 -2.95 24.91 30.02
C TYR A 101 -2.37 26.27 30.38
N SER A 102 -2.18 26.49 31.68
CA SER A 102 -1.54 27.70 32.17
C SER A 102 -0.04 27.49 32.24
N SER A 103 0.72 28.48 31.76
CA SER A 103 2.17 28.40 31.74
C SER A 103 2.75 29.73 32.21
N ASN A 104 4.07 29.76 32.37
CA ASN A 104 4.78 30.98 32.71
C ASN A 104 4.99 31.89 31.50
N ARG A 105 4.36 31.58 30.36
CA ARG A 105 4.44 32.40 29.16
C ARG A 105 3.18 33.20 28.90
N ASP A 106 2.08 32.92 29.60
CA ASP A 106 0.82 33.62 29.41
C ASP A 106 0.98 35.10 29.76
N LEU A 107 0.91 35.96 28.74
CA LEU A 107 1.00 37.40 28.95
C LEU A 107 -0.40 37.99 29.05
N GLN A 108 -0.56 38.96 29.96
CA GLN A 108 -1.84 39.64 30.18
C GLN A 108 -2.95 38.63 30.48
N LYS A 109 -2.65 37.69 31.38
CA LYS A 109 -3.61 36.64 31.71
C LYS A 109 -4.85 37.19 32.39
N CYS A 110 -4.70 38.26 33.19
CA CYS A 110 -5.83 38.78 33.95
C CYS A 110 -6.91 39.32 33.04
N LEU A 111 -6.54 40.14 32.05
CA LEU A 111 -7.52 40.70 31.13
C LEU A 111 -8.24 39.60 30.35
N LYS A 112 -7.48 38.60 29.88
CA LYS A 112 -8.08 37.50 29.14
C LYS A 112 -9.09 36.74 30.01
N GLU A 113 -8.72 36.42 31.25
CA GLU A 113 -9.63 35.67 32.10
C GLU A 113 -10.86 36.50 32.50
N ARG A 114 -10.68 37.80 32.71
CA ARG A 114 -11.83 38.65 33.02
C ARG A 114 -12.78 38.74 31.82
N GLN A 115 -12.23 38.86 30.62
CA GLN A 115 -13.07 38.86 29.42
C GLN A 115 -13.80 37.54 29.26
N GLN A 116 -13.11 36.42 29.53
CA GLN A 116 -13.75 35.12 29.47
C GLN A 116 -14.90 35.03 30.47
N ALA A 117 -14.68 35.50 31.71
CA ALA A 117 -15.72 35.40 32.73
C ALA A 117 -16.91 36.30 32.41
N LEU A 118 -16.65 37.50 31.89
CA LEU A 118 -17.75 38.40 31.53
C LEU A 118 -18.57 37.88 30.36
N ALA A 119 -18.01 36.98 29.56
CA ALA A 119 -18.72 36.41 28.42
C ALA A 119 -19.65 35.27 28.80
N LYS A 120 -19.73 34.92 30.08
CA LYS A 120 -20.58 33.81 30.53
C LYS A 120 -21.98 34.32 30.82
N LYS A 121 -22.98 33.62 30.29
CA LYS A 121 -24.39 33.97 30.49
C LYS A 121 -24.85 33.41 31.83
N MET A 122 -24.35 34.02 32.90
CA MET A 122 -24.59 33.55 34.26
C MET A 122 -24.34 34.70 35.22
N ILE A 123 -25.10 34.72 36.30
CA ILE A 123 -24.97 35.75 37.34
C ILE A 123 -24.35 35.11 38.58
N GLY A 124 -23.56 35.90 39.30
CA GLY A 124 -23.02 35.46 40.57
C GLY A 124 -21.82 34.55 40.48
N HIS A 125 -21.00 34.68 39.44
CA HIS A 125 -19.77 33.92 39.32
C HIS A 125 -18.57 34.84 39.50
N TYR A 126 -17.40 34.23 39.71
CA TYR A 126 -16.19 34.99 39.95
C TYR A 126 -15.68 35.62 38.66
N ILE A 127 -15.67 36.94 38.62
CA ILE A 127 -15.03 37.70 37.55
C ILE A 127 -13.74 38.28 38.13
N PRO A 128 -12.57 37.87 37.63
CA PRO A 128 -11.32 38.39 38.18
C PRO A 128 -11.23 39.91 38.03
N GLN A 129 -10.52 40.52 38.98
CA GLN A 129 -10.36 41.96 39.03
C GLN A 129 -8.91 42.31 38.67
N CYS A 130 -8.74 43.13 37.64
CA CYS A 130 -7.42 43.64 37.26
C CYS A 130 -7.32 45.12 37.57
N ASP A 131 -6.10 45.62 37.53
CA ASP A 131 -5.84 47.04 37.75
C ASP A 131 -5.86 47.78 36.41
N GLU A 132 -5.35 49.01 36.40
CA GLU A 132 -5.33 49.79 35.17
C GLU A 132 -4.36 49.22 34.16
N LYS A 133 -3.18 48.79 34.62
CA LYS A 133 -2.19 48.22 33.70
C LYS A 133 -2.65 46.87 33.16
N GLY A 134 -3.48 46.16 33.90
CA GLY A 134 -3.99 44.87 33.48
C GLY A 134 -3.48 43.69 34.29
N ASN A 135 -2.72 43.92 35.35
CA ASN A 135 -2.25 42.83 36.18
C ASN A 135 -3.32 42.42 37.19
N TYR A 136 -3.09 41.27 37.82
CA TYR A 136 -3.99 40.82 38.87
C TYR A 136 -3.89 41.73 40.09
N GLN A 137 -5.04 42.18 40.58
CA GLN A 137 -5.05 42.86 41.86
C GLN A 137 -4.66 41.88 42.96
N PRO A 138 -3.76 42.24 43.86
CA PRO A 138 -3.30 41.28 44.89
C PRO A 138 -4.43 40.63 45.66
N GLN A 139 -5.51 41.35 45.92
CA GLN A 139 -6.70 40.78 46.54
C GLN A 139 -7.76 40.53 45.46
N GLN A 140 -8.30 39.32 45.45
CA GLN A 140 -9.39 38.94 44.57
C GLN A 140 -10.58 38.52 45.42
N CYS A 141 -11.76 39.02 45.07
CA CYS A 141 -12.97 38.72 45.81
C CYS A 141 -14.02 38.10 44.89
N HIS A 142 -14.87 37.27 45.48
CA HIS A 142 -16.02 36.68 44.79
C HIS A 142 -17.25 37.44 45.27
N GLY A 143 -17.72 38.38 44.44
CA GLY A 143 -18.78 39.28 44.87
C GLY A 143 -20.06 38.58 45.28
N SER A 144 -20.36 37.44 44.66
CA SER A 144 -21.58 36.71 45.01
C SER A 144 -21.52 36.13 46.42
N THR A 145 -20.34 35.74 46.88
CA THR A 145 -20.20 35.05 48.15
C THR A 145 -19.55 35.89 49.24
N GLY A 146 -18.85 36.96 48.90
CA GLY A 146 -18.13 37.75 49.87
C GLY A 146 -16.76 37.23 50.23
N HIS A 147 -16.40 36.03 49.78
CA HIS A 147 -15.07 35.49 50.05
C HIS A 147 -14.01 36.25 49.25
N CYS A 148 -12.89 36.51 49.90
CA CYS A 148 -11.74 37.14 49.25
C CYS A 148 -10.50 36.30 49.55
N TRP A 149 -9.43 36.61 48.83
CA TRP A 149 -8.17 35.89 48.99
C TRP A 149 -7.07 36.70 48.32
N CYS A 150 -5.83 36.27 48.54
CA CYS A 150 -4.67 36.89 47.93
C CYS A 150 -4.16 36.05 46.77
N VAL A 151 -3.37 36.66 45.90
CA VAL A 151 -3.08 36.08 44.60
C VAL A 151 -1.78 36.68 44.07
N ASN A 152 -1.00 35.85 43.38
CA ASN A 152 0.27 36.28 42.82
C ASN A 152 0.07 36.88 41.43
N ALA A 153 1.18 37.10 40.70
CA ALA A 153 1.08 37.74 39.39
C ALA A 153 0.28 36.91 38.40
N MET A 154 0.35 35.59 38.51
CA MET A 154 -0.34 34.69 37.60
C MET A 154 -1.75 34.32 38.08
N GLY A 155 -2.25 34.99 39.13
CA GLY A 155 -3.58 34.71 39.61
C GLY A 155 -3.72 33.48 40.48
N GLU A 156 -2.61 32.87 40.89
CA GLU A 156 -2.67 31.71 41.76
C GLU A 156 -2.95 32.14 43.20
N LYS A 157 -3.91 31.46 43.83
CA LYS A 157 -4.30 31.81 45.19
C LYS A 157 -3.18 31.48 46.18
N ILE A 158 -2.82 32.46 47.01
CA ILE A 158 -1.86 32.21 48.08
C ILE A 158 -2.51 31.30 49.11
N SER A 159 -1.82 30.21 49.45
CA SER A 159 -2.41 29.16 50.26
C SER A 159 -2.80 29.68 51.64
N GLY A 160 -4.08 29.51 51.98
CA GLY A 160 -4.58 29.86 53.30
C GLY A 160 -5.20 31.23 53.41
N THR A 161 -5.18 32.04 52.35
CA THR A 161 -5.63 33.42 52.42
C THR A 161 -7.11 33.59 52.10
N ASN A 162 -7.86 32.50 51.96
CA ASN A 162 -9.29 32.58 51.68
C ASN A 162 -10.04 32.92 52.96
N THR A 163 -10.69 34.09 52.98
CA THR A 163 -11.45 34.51 54.13
C THR A 163 -12.92 34.70 53.76
N PRO A 164 -13.84 34.23 54.60
CA PRO A 164 -15.27 34.44 54.33
C PRO A 164 -15.69 35.85 54.71
N PRO A 165 -16.86 36.30 54.27
CA PRO A 165 -17.32 37.63 54.66
C PRO A 165 -17.55 37.72 56.16
N GLY A 166 -17.46 38.93 56.69
CA GLY A 166 -17.57 39.14 58.13
C GLY A 166 -16.35 38.72 58.92
N GLN A 167 -15.22 38.47 58.26
CA GLN A 167 -13.99 38.06 58.92
C GLN A 167 -12.84 38.90 58.40
N THR A 168 -11.90 39.21 59.29
CA THR A 168 -10.71 39.98 58.94
C THR A 168 -10.03 39.41 57.70
N ARG A 169 -9.86 40.25 56.70
CA ARG A 169 -9.23 39.83 55.46
C ARG A 169 -7.72 39.66 55.63
N ALA A 170 -7.16 38.73 54.87
CA ALA A 170 -5.71 38.56 54.84
C ALA A 170 -5.10 39.69 54.02
N THR A 171 -4.19 40.44 54.63
CA THR A 171 -3.51 41.51 53.92
C THR A 171 -2.64 40.92 52.81
N CYS A 172 -2.86 41.39 51.59
CA CYS A 172 -2.21 40.82 50.41
C CYS A 172 -1.00 41.64 50.02
N GLU A 173 0.12 40.97 49.79
CA GLU A 173 1.34 41.60 49.33
C GLU A 173 1.39 41.56 47.80
N ARG A 174 2.47 42.10 47.24
CA ARG A 174 2.68 42.16 45.80
C ARG A 174 3.77 41.16 45.44
N HIS A 175 3.37 39.98 44.99
CA HIS A 175 4.29 38.91 44.59
C HIS A 175 4.26 38.79 43.08
N GLU A 176 5.13 39.56 42.41
CA GLU A 176 5.26 39.47 40.96
C GLU A 176 6.69 39.43 40.47
N LEU A 177 7.67 39.75 41.30
CA LEU A 177 9.07 39.79 40.85
C LEU A 177 9.53 38.38 40.49
N PRO A 178 9.88 38.11 39.23
CA PRO A 178 10.29 36.76 38.85
C PRO A 178 11.61 36.37 39.48
N LYS A 179 11.89 35.07 39.47
CA LYS A 179 13.12 34.58 40.08
C LYS A 179 14.35 35.03 39.31
N CYS A 180 14.25 35.16 37.99
CA CYS A 180 15.42 35.53 37.19
C CYS A 180 15.86 36.95 37.48
N LEU A 181 14.92 37.89 37.52
CA LEU A 181 15.28 39.28 37.82
C LEU A 181 15.69 39.45 39.27
N LYS A 182 15.17 38.61 40.17
CA LYS A 182 15.58 38.67 41.56
C LYS A 182 16.99 38.11 41.75
N GLU A 183 17.36 37.11 40.95
CA GLU A 183 18.73 36.60 41.00
C GLU A 183 19.70 37.52 40.28
N ARG A 184 19.21 38.29 39.29
CA ARG A 184 20.06 39.32 38.69
C ARG A 184 20.47 40.36 39.72
N GLN A 185 19.53 40.77 40.57
CA GLN A 185 19.89 41.54 41.74
C GLN A 185 20.57 40.64 42.78
N VAL A 186 21.09 41.27 43.83
CA VAL A 186 21.90 40.58 44.84
C VAL A 186 23.03 39.85 44.13
N ALA A 187 23.61 40.51 43.12
CA ALA A 187 24.68 39.93 42.32
C ALA A 187 25.45 41.02 41.59
N PHE A 198 28.04 35.52 39.30
CA PHE A 198 27.22 35.05 38.18
C PHE A 198 25.92 35.84 38.06
N VAL A 199 25.73 36.46 36.90
CA VAL A 199 24.55 37.25 36.60
C VAL A 199 23.74 36.51 35.54
N PRO A 200 22.56 35.98 35.87
CA PRO A 200 21.77 35.27 34.87
C PRO A 200 21.23 36.22 33.80
N GLN A 201 20.87 35.63 32.67
CA GLN A 201 20.26 36.37 31.56
C GLN A 201 18.79 36.03 31.48
N CYS A 202 17.95 37.07 31.45
CA CYS A 202 16.50 36.92 31.37
C CYS A 202 16.01 37.52 30.05
N ASP A 203 14.75 37.22 29.74
CA ASP A 203 14.12 37.75 28.53
C ASP A 203 13.40 39.06 28.87
N GLU A 204 12.59 39.55 27.95
CA GLU A 204 11.83 40.78 28.18
C GLU A 204 10.70 40.59 29.18
N LYS A 205 10.41 39.36 29.59
CA LYS A 205 9.35 39.06 30.54
C LYS A 205 9.86 38.63 31.90
N GLY A 206 11.18 38.47 32.06
CA GLY A 206 11.74 38.04 33.32
C GLY A 206 11.90 36.55 33.48
N ASN A 207 11.81 35.78 32.39
CA ASN A 207 11.98 34.34 32.45
C ASN A 207 13.43 33.95 32.19
N TYR A 208 13.80 32.76 32.65
CA TYR A 208 15.16 32.28 32.47
C TYR A 208 15.42 31.89 31.03
N GLU A 209 16.47 32.47 30.45
CA GLU A 209 16.90 32.04 29.12
C GLU A 209 17.47 30.63 29.20
N PRO A 210 17.17 29.77 28.22
CA PRO A 210 17.63 28.37 28.30
C PRO A 210 19.14 28.22 28.36
N GLN A 211 19.89 29.10 27.71
CA GLN A 211 21.35 29.03 27.70
C GLN A 211 21.90 30.10 28.62
N GLN A 212 22.69 29.70 29.62
CA GLN A 212 23.31 30.61 30.56
C GLN A 212 24.82 30.60 30.34
N PHE A 213 25.41 31.79 30.26
CA PHE A 213 26.83 31.98 30.01
C PHE A 213 27.42 32.81 31.16
N HIS A 214 28.39 32.24 31.85
CA HIS A 214 29.02 32.91 32.99
C HIS A 214 30.09 33.87 32.48
N GLY A 215 30.02 35.12 32.96
CA GLY A 215 30.96 36.13 32.50
C GLY A 215 32.31 36.08 33.20
N SER A 216 32.33 35.71 34.47
CA SER A 216 33.60 35.64 35.19
C SER A 216 34.46 34.49 34.69
N THR A 217 33.86 33.31 34.53
CA THR A 217 34.54 32.15 33.98
C THR A 217 33.78 31.68 32.74
N GLY A 218 34.48 31.59 31.62
CA GLY A 218 33.86 31.21 30.36
C GLY A 218 33.20 29.84 30.40
N TYR A 219 31.93 29.80 30.77
CA TYR A 219 31.20 28.54 30.85
C TYR A 219 29.79 28.74 30.31
N SER A 220 29.27 27.72 29.64
CA SER A 220 27.92 27.74 29.10
C SER A 220 27.19 26.48 29.57
N TRP A 221 25.92 26.64 29.93
CA TRP A 221 25.12 25.51 30.36
C TRP A 221 23.65 25.76 30.06
N CYS A 222 22.85 24.71 30.23
CA CYS A 222 21.41 24.76 30.02
C CYS A 222 20.70 24.69 31.36
N VAL A 223 19.59 25.41 31.48
CA VAL A 223 18.88 25.52 32.76
C VAL A 223 17.43 25.11 32.59
N ASN A 224 16.82 24.74 33.71
CA ASN A 224 15.41 24.43 33.79
C ASN A 224 14.59 25.71 33.53
N ALA A 225 13.27 25.53 33.46
CA ALA A 225 12.37 26.69 33.37
C ALA A 225 12.43 27.55 34.62
N ILE A 226 12.92 27.00 35.74
CA ILE A 226 13.08 27.74 36.99
C ILE A 226 14.54 28.04 37.28
N GLY A 227 15.44 27.71 36.37
CA GLY A 227 16.84 28.04 36.51
C GLY A 227 17.75 26.91 36.97
N GLU A 228 17.19 25.73 37.28
CA GLU A 228 18.01 24.62 37.71
C GLU A 228 18.87 24.11 36.56
N GLU A 229 20.16 23.95 36.81
CA GLU A 229 21.09 23.54 35.76
C GLU A 229 20.82 22.10 35.35
N ILE A 230 20.63 21.88 34.05
CA ILE A 230 20.46 20.54 33.52
C ILE A 230 21.81 19.84 33.48
N ALA A 231 21.86 18.61 33.97
CA ALA A 231 23.12 17.88 34.06
C ALA A 231 23.64 17.53 32.67
N GLY A 232 24.96 17.45 32.57
CA GLY A 232 25.61 17.09 31.32
C GLY A 232 25.63 18.17 30.27
N THR A 233 25.44 19.44 30.65
CA THR A 233 25.42 20.54 29.71
C THR A 233 26.51 21.57 29.94
N LYS A 234 27.19 21.55 31.08
CA LYS A 234 28.24 22.51 31.35
C LYS A 234 29.45 22.21 30.47
N THR A 235 29.93 23.23 29.74
CA THR A 235 31.02 23.07 28.79
C THR A 235 32.10 24.10 29.07
N PRO A 236 33.37 23.68 29.15
CA PRO A 236 34.47 24.64 29.34
C PRO A 236 34.61 25.54 28.12
N PRO A 237 35.36 26.63 28.23
CA PRO A 237 35.51 27.54 27.08
C PRO A 237 36.31 26.90 25.96
N GLY A 238 36.10 27.43 24.76
CA GLY A 238 36.71 26.87 23.57
C GLY A 238 36.03 25.62 23.03
N LYS A 239 35.19 24.97 23.82
CA LYS A 239 34.44 23.81 23.38
C LYS A 239 33.04 24.24 22.95
N ILE A 240 32.51 23.58 21.92
CA ILE A 240 31.21 23.92 21.35
C ILE A 240 30.14 23.73 22.42
N PRO A 241 29.38 24.77 22.75
CA PRO A 241 28.37 24.64 23.81
C PRO A 241 27.27 23.65 23.43
N ALA A 242 26.63 23.11 24.46
CA ALA A 242 25.52 22.20 24.24
C ALA A 242 24.28 22.98 23.81
N THR A 243 23.54 22.42 22.86
CA THR A 243 22.33 23.06 22.37
C THR A 243 21.24 22.97 23.43
N CYS A 244 20.83 24.12 23.96
CA CYS A 244 19.83 24.17 25.02
C CYS A 244 18.43 24.27 24.43
N GLN A 245 17.51 23.50 24.98
CA GLN A 245 16.13 23.45 24.52
C GLN A 245 15.25 24.34 25.40
N LYS A 246 14.23 24.92 24.76
CA LYS A 246 13.34 25.83 25.48
C LYS A 246 12.46 25.07 26.46
N HIS A 247 12.18 25.70 27.60
CA HIS A 247 11.36 25.10 28.65
C HIS A 247 10.20 26.02 28.99
N ASP A 248 9.03 25.42 29.17
CA ASP A 248 7.85 26.12 29.64
C ASP A 248 7.35 25.44 30.91
N LEU A 249 7.15 26.22 31.97
CA LEU A 249 6.63 25.70 33.22
C LEU A 249 5.11 25.72 33.18
N VAL A 250 4.50 24.54 33.24
CA VAL A 250 3.05 24.40 33.17
C VAL A 250 2.55 23.74 34.44
N THR A 251 1.26 23.88 34.69
CA THR A 251 0.62 23.35 35.89
C THR A 251 -0.52 22.41 35.52
N THR A 252 -1.06 21.75 36.54
CA THR A 252 -2.20 20.84 36.41
C THR A 252 -1.92 19.75 35.38
N CYS A 253 -0.85 19.00 35.63
CA CYS A 253 -0.47 17.89 34.77
C CYS A 253 -1.11 16.60 35.25
N HIS A 254 -1.35 15.70 34.30
CA HIS A 254 -1.90 14.38 34.59
C HIS A 254 -0.89 13.31 34.19
N TYR A 255 -0.97 12.16 34.84
CA TYR A 255 0.05 11.13 34.73
C TYR A 255 -0.59 9.76 34.50
N ALA A 256 0.19 8.86 33.91
CA ALA A 256 -0.20 7.47 33.76
C ALA A 256 0.35 6.67 34.93
N VAL A 257 -0.54 6.05 35.70
CA VAL A 257 -0.15 5.35 36.92
C VAL A 257 -0.65 3.92 36.88
N ALA A 258 0.01 3.08 37.67
CA ALA A 258 -0.38 1.69 37.91
C ALA A 258 -0.85 1.58 39.35
N MET A 259 -2.14 1.35 39.52
CA MET A 259 -2.76 1.17 40.83
C MET A 259 -2.78 -0.31 41.19
N VAL A 260 -2.49 -0.61 42.45
CA VAL A 260 -2.59 -1.95 42.99
C VAL A 260 -3.31 -1.86 44.34
N LYS A 261 -3.69 -3.02 44.86
CA LYS A 261 -4.27 -3.07 46.20
C LYS A 261 -3.19 -3.40 47.20
N LYS A 262 -3.31 -2.81 48.40
CA LYS A 262 -2.29 -3.00 49.43
C LYS A 262 -2.19 -4.46 49.88
N SER A 263 -3.23 -5.26 49.64
CA SER A 263 -3.18 -6.67 50.02
C SER A 263 -2.18 -7.45 49.17
N SER A 264 -1.89 -6.99 47.96
CA SER A 264 -0.92 -7.67 47.12
C SER A 264 0.51 -7.30 47.52
N ALA A 265 1.47 -8.10 47.04
CA ALA A 265 2.86 -7.94 47.44
C ALA A 265 3.84 -7.84 46.29
N PHE A 266 3.43 -8.08 45.05
CA PHE A 266 4.37 -8.02 43.93
C PHE A 266 4.79 -6.58 43.66
N GLN A 267 5.89 -6.45 42.93
CA GLN A 267 6.43 -5.15 42.53
C GLN A 267 6.33 -5.00 41.01
N PHE A 268 7.02 -4.00 40.47
CA PHE A 268 6.87 -3.65 39.06
C PHE A 268 7.53 -4.69 38.16
N ASN A 269 8.76 -5.10 38.48
CA ASN A 269 9.47 -6.07 37.65
C ASN A 269 8.94 -7.49 37.80
N GLN A 270 7.81 -7.66 38.47
CA GLN A 270 7.14 -8.96 38.61
C GLN A 270 5.75 -8.95 37.98
N LEU A 271 5.48 -7.99 37.09
CA LEU A 271 4.20 -7.93 36.41
C LEU A 271 4.00 -9.09 35.44
N LYS A 272 5.07 -9.75 35.02
CA LYS A 272 4.97 -10.89 34.12
C LYS A 272 4.08 -11.97 34.72
N GLY A 273 3.04 -12.34 33.98
CA GLY A 273 2.12 -13.37 34.44
C GLY A 273 0.99 -12.87 35.32
N LYS A 274 0.93 -11.57 35.60
CA LYS A 274 -0.11 -11.02 36.45
C LYS A 274 -1.36 -10.69 35.63
N ARG A 275 -2.47 -10.51 36.35
CA ARG A 275 -3.73 -10.08 35.73
C ARG A 275 -3.78 -8.57 35.73
N SER A 276 -4.03 -7.99 34.55
CA SER A 276 -3.98 -6.54 34.39
C SER A 276 -5.31 -6.00 33.87
N CYS A 277 -5.62 -4.79 34.31
CA CYS A 277 -6.77 -4.02 33.86
C CYS A 277 -6.24 -2.77 33.17
N HIS A 278 -6.84 -2.43 32.02
CA HIS A 278 -6.38 -1.29 31.24
C HIS A 278 -7.56 -0.43 30.85
N SER A 279 -7.30 0.88 30.72
CA SER A 279 -8.35 1.80 30.28
C SER A 279 -8.68 1.63 28.82
N GLY A 280 -7.70 1.21 28.01
CA GLY A 280 -7.91 1.01 26.58
C GLY A 280 -6.60 0.70 25.87
N VAL A 281 -6.68 -0.08 24.78
CA VAL A 281 -5.48 -0.51 24.07
C VAL A 281 -4.84 0.62 23.28
N SER A 282 -5.55 1.73 23.06
CA SER A 282 -5.03 2.85 22.29
C SER A 282 -4.80 4.10 23.12
N LYS A 283 -5.00 4.03 24.43
CA LYS A 283 -4.82 5.20 25.30
C LYS A 283 -3.43 5.20 25.90
N THR A 284 -2.90 6.40 26.13
CA THR A 284 -1.57 6.53 26.71
C THR A 284 -1.55 6.03 28.16
N ASP A 285 -2.54 6.45 28.95
CA ASP A 285 -2.62 6.06 30.36
C ASP A 285 -3.01 4.61 30.56
N GLY A 286 -3.23 3.84 29.49
CA GLY A 286 -3.61 2.45 29.65
C GLY A 286 -2.75 1.49 28.86
N TRP A 287 -1.85 2.00 28.04
CA TRP A 287 -1.11 1.13 27.13
C TRP A 287 0.27 1.68 26.77
N LYS A 288 0.30 2.81 26.06
CA LYS A 288 1.53 3.28 25.43
C LYS A 288 2.62 3.56 26.44
N ALA A 289 2.28 4.29 27.51
CA ALA A 289 3.26 4.56 28.56
C ALA A 289 3.76 3.26 29.18
N LEU A 290 2.86 2.31 29.42
CA LEU A 290 3.27 1.02 29.97
C LEU A 290 4.21 0.28 29.02
N VAL A 291 3.91 0.29 27.72
CA VAL A 291 4.79 -0.35 26.75
C VAL A 291 6.16 0.29 26.78
N THR A 292 6.21 1.62 26.80
CA THR A 292 7.49 2.31 26.83
C THR A 292 8.30 1.94 28.06
N VAL A 293 7.67 1.96 29.23
CA VAL A 293 8.38 1.65 30.47
C VAL A 293 8.86 0.20 30.45
N LEU A 294 8.02 -0.72 29.98
CA LEU A 294 8.42 -2.12 29.93
C LEU A 294 9.59 -2.35 28.98
N VAL A 295 9.58 -1.69 27.82
CA VAL A 295 10.65 -1.91 26.86
C VAL A 295 11.94 -1.25 27.31
N GLU A 296 11.85 -0.14 28.06
CA GLU A 296 13.06 0.47 28.60
C GLU A 296 13.62 -0.30 29.78
N LYS A 297 12.76 -0.89 30.61
CA LYS A 297 13.23 -1.69 31.73
C LYS A 297 13.56 -3.13 31.36
N LYS A 298 13.51 -3.45 30.06
CA LYS A 298 13.88 -4.79 29.57
C LYS A 298 13.05 -5.89 30.22
N LEU A 299 11.77 -5.60 30.45
CA LEU A 299 10.85 -6.57 31.03
C LEU A 299 9.97 -7.26 30.01
N LEU A 300 9.78 -6.66 28.84
CA LEU A 300 8.88 -7.19 27.80
C LEU A 300 9.73 -7.76 26.67
N SER A 301 9.66 -9.08 26.50
CA SER A 301 10.35 -9.76 25.40
C SER A 301 9.67 -9.37 24.10
N TRP A 302 10.29 -8.46 23.34
CA TRP A 302 9.70 -7.97 22.11
C TRP A 302 10.82 -7.58 21.14
N ASP A 303 10.66 -7.99 19.88
CA ASP A 303 11.70 -7.75 18.88
C ASP A 303 11.58 -6.35 18.30
N GLY A 304 10.57 -6.12 17.47
CA GLY A 304 10.35 -4.83 16.86
C GLY A 304 8.97 -4.74 16.25
N PRO A 305 8.53 -3.53 15.91
CA PRO A 305 7.17 -3.37 15.36
C PRO A 305 6.98 -4.07 14.03
N ALA A 306 8.04 -4.23 13.24
CA ALA A 306 7.94 -4.95 11.98
C ALA A 306 8.07 -6.46 12.14
N LYS A 307 8.75 -6.90 13.21
CA LYS A 307 8.93 -8.33 13.44
C LYS A 307 7.76 -8.96 14.17
N GLU A 308 7.20 -8.27 15.17
CA GLU A 308 6.10 -8.82 15.95
C GLU A 308 5.24 -7.67 16.45
N SER A 309 3.92 -7.88 16.49
CA SER A 309 3.02 -6.86 17.00
C SER A 309 3.17 -6.71 18.50
N ILE A 310 2.87 -5.51 18.99
CA ILE A 310 2.95 -5.24 20.43
C ILE A 310 1.94 -6.09 21.18
N GLN A 311 0.76 -6.30 20.58
CA GLN A 311 -0.29 -7.06 21.27
C GLN A 311 0.14 -8.49 21.52
N ARG A 312 0.91 -9.09 20.61
CA ARG A 312 1.40 -10.45 20.83
C ARG A 312 2.34 -10.50 22.04
N ALA A 313 3.29 -9.57 22.11
CA ALA A 313 4.21 -9.53 23.24
C ALA A 313 3.46 -9.29 24.54
N MET A 314 2.41 -8.46 24.50
CA MET A 314 1.62 -8.19 25.70
C MET A 314 0.80 -9.41 26.11
N SER A 315 0.27 -10.15 25.12
CA SER A 315 -0.47 -11.36 25.41
C SER A 315 0.45 -12.44 25.99
N LYS A 316 1.70 -12.46 25.58
CA LYS A 316 2.68 -13.36 26.19
C LYS A 316 3.19 -12.85 27.53
N PHE A 317 3.05 -11.55 27.80
CA PHE A 317 3.55 -10.97 29.04
C PHE A 317 2.59 -11.20 30.20
N PHE A 318 1.34 -10.78 30.04
CA PHE A 318 0.32 -10.99 31.06
C PHE A 318 -0.33 -12.37 30.89
N SER A 319 -1.05 -12.77 31.94
CA SER A 319 -1.79 -14.03 31.90
C SER A 319 -3.16 -13.82 31.28
N VAL A 320 -4.09 -13.25 32.05
CA VAL A 320 -5.41 -12.87 31.55
C VAL A 320 -5.65 -11.41 31.92
N SER A 321 -6.23 -10.66 31.00
CA SER A 321 -6.39 -9.23 31.19
C SER A 321 -7.70 -8.77 30.55
N CYS A 322 -8.07 -7.53 30.85
CA CYS A 322 -9.14 -6.83 30.14
C CYS A 322 -8.55 -5.54 29.59
N ILE A 323 -8.29 -5.53 28.29
CA ILE A 323 -7.76 -4.37 27.60
C ILE A 323 -8.71 -4.02 26.46
N PRO A 324 -9.58 -3.03 26.67
CA PRO A 324 -10.58 -2.71 25.64
C PRO A 324 -9.93 -2.37 24.30
N GLY A 325 -10.47 -2.96 23.24
CA GLY A 325 -9.95 -2.77 21.91
C GLY A 325 -8.88 -3.77 21.49
N ALA A 326 -8.44 -4.63 22.38
CA ALA A 326 -7.38 -5.57 22.05
C ALA A 326 -7.87 -6.65 21.10
N THR A 327 -6.93 -7.28 20.41
CA THR A 327 -7.23 -8.32 19.44
C THR A 327 -6.81 -9.71 19.89
N GLN A 328 -6.07 -9.84 20.99
CA GLN A 328 -5.73 -11.13 21.55
C GLN A 328 -6.80 -11.55 22.55
N THR A 329 -7.14 -12.84 22.53
CA THR A 329 -8.27 -13.32 23.34
C THR A 329 -8.00 -13.15 24.82
N ASN A 330 -6.80 -13.51 25.29
CA ASN A 330 -6.51 -13.43 26.72
C ASN A 330 -6.50 -11.99 27.21
N LEU A 331 -6.14 -11.03 26.35
CA LEU A 331 -6.22 -9.62 26.70
C LEU A 331 -7.66 -9.11 26.76
N CYS A 332 -8.64 -9.98 26.51
CA CYS A 332 -10.05 -9.63 26.61
C CYS A 332 -10.82 -10.53 27.56
N LYS A 333 -10.17 -11.51 28.18
CA LYS A 333 -10.89 -12.50 28.98
C LYS A 333 -11.51 -11.86 30.22
N GLN A 334 -10.80 -10.95 30.86
CA GLN A 334 -11.24 -10.37 32.13
C GLN A 334 -12.30 -9.28 31.94
N CYS A 335 -12.76 -9.02 30.73
CA CYS A 335 -13.76 -7.99 30.50
C CYS A 335 -15.16 -8.53 30.81
N LYS A 336 -16.06 -7.60 31.14
CA LYS A 336 -17.41 -7.93 31.60
C LYS A 336 -18.49 -7.55 30.58
N GLY A 337 -18.11 -7.04 29.41
CA GLY A 337 -19.11 -6.65 28.44
C GLY A 337 -19.94 -7.83 27.97
N GLU A 338 -21.22 -7.59 27.74
CA GLU A 338 -22.11 -8.63 27.27
C GLU A 338 -21.74 -9.07 25.86
N GLU A 339 -22.39 -10.13 25.39
CA GLU A 339 -22.08 -10.67 24.07
C GLU A 339 -22.37 -9.64 23.00
N GLY A 340 -21.34 -9.29 22.24
CA GLY A 340 -21.42 -8.20 21.29
C GLY A 340 -20.96 -6.86 21.83
N LYS A 341 -20.68 -6.77 23.13
CA LYS A 341 -20.17 -5.55 23.74
C LYS A 341 -18.85 -5.77 24.46
N ASN A 342 -18.35 -7.00 24.51
CA ASN A 342 -17.19 -7.32 25.32
C ASN A 342 -15.91 -6.77 24.69
N CYS A 343 -15.07 -6.17 25.53
CA CYS A 343 -13.72 -5.73 25.15
C CYS A 343 -13.74 -4.65 24.07
N LYS A 344 -14.83 -3.88 24.01
CA LYS A 344 -14.94 -2.80 23.05
C LYS A 344 -14.42 -1.49 23.64
N ASN A 345 -13.84 -0.66 22.78
CA ASN A 345 -13.48 0.70 23.18
C ASN A 345 -14.76 1.52 23.35
N SER A 346 -15.51 1.23 24.42
CA SER A 346 -16.82 1.82 24.62
C SER A 346 -17.27 1.56 26.05
N HIS A 347 -18.02 2.51 26.61
CA HIS A 347 -18.58 2.33 27.94
C HIS A 347 -19.59 1.19 28.00
N ASP A 348 -19.99 0.64 26.84
CA ASP A 348 -20.78 -0.59 26.85
C ASP A 348 -20.02 -1.71 27.54
N GLU A 349 -18.70 -1.71 27.43
CA GLU A 349 -17.82 -2.53 28.26
C GLU A 349 -17.66 -1.85 29.61
N PRO A 350 -18.19 -2.44 30.69
CA PRO A 350 -18.12 -1.77 31.99
C PRO A 350 -16.71 -1.59 32.53
N TYR A 351 -15.72 -2.26 31.96
CA TYR A 351 -14.34 -2.13 32.40
C TYR A 351 -13.52 -1.20 31.49
N TYR A 352 -14.19 -0.37 30.69
CA TYR A 352 -13.52 0.53 29.77
C TYR A 352 -13.29 1.89 30.42
N GLY A 353 -12.15 2.49 30.12
CA GLY A 353 -11.79 3.79 30.67
C GLY A 353 -11.03 3.69 31.97
N ASN A 354 -10.71 4.87 32.52
CA ASN A 354 -10.00 4.93 33.79
C ASN A 354 -10.85 4.37 34.92
N TYR A 355 -12.09 4.83 35.04
CA TYR A 355 -12.98 4.30 36.07
C TYR A 355 -13.39 2.86 35.76
N GLY A 356 -13.43 2.48 34.48
CA GLY A 356 -13.63 1.08 34.15
C GLY A 356 -12.49 0.21 34.62
N ALA A 357 -11.25 0.67 34.46
CA ALA A 357 -10.10 -0.09 34.96
C ALA A 357 -10.09 -0.13 36.48
N PHE A 358 -10.53 0.96 37.13
CA PHE A 358 -10.62 0.94 38.58
C PHE A 358 -11.65 -0.06 39.07
N ARG A 359 -12.82 -0.10 38.43
CA ARG A 359 -13.82 -1.12 38.76
C ARG A 359 -13.28 -2.52 38.48
N CYS A 360 -12.46 -2.66 37.43
CA CYS A 360 -11.82 -3.94 37.13
C CYS A 360 -10.93 -4.39 38.28
N LEU A 361 -10.11 -3.47 38.80
CA LEU A 361 -9.26 -3.81 39.93
C LEU A 361 -10.08 -4.12 41.17
N LYS A 362 -11.13 -3.31 41.43
CA LYS A 362 -11.89 -3.44 42.67
C LYS A 362 -12.61 -4.79 42.74
N GLU A 363 -13.12 -5.27 41.61
CA GLU A 363 -13.89 -6.51 41.58
C GLU A 363 -13.02 -7.75 41.47
N ASP A 364 -11.70 -7.60 41.62
CA ASP A 364 -10.76 -8.72 41.69
C ASP A 364 -10.74 -9.54 40.40
N MET A 365 -10.71 -8.84 39.26
CA MET A 365 -10.43 -9.46 37.98
C MET A 365 -9.05 -9.11 37.45
N GLY A 366 -8.34 -8.19 38.12
CA GLY A 366 -6.97 -7.90 37.79
C GLY A 366 -6.17 -7.63 39.04
N ASP A 367 -4.84 -7.69 38.88
CA ASP A 367 -3.92 -7.41 39.98
C ASP A 367 -3.34 -6.01 39.93
N VAL A 368 -3.46 -5.33 38.79
CA VAL A 368 -2.95 -3.98 38.62
C VAL A 368 -3.79 -3.29 37.55
N ALA A 369 -4.17 -2.05 37.81
CA ALA A 369 -4.91 -1.23 36.85
C ALA A 369 -4.00 -0.14 36.32
N PHE A 370 -4.04 0.06 35.01
CA PHE A 370 -3.24 1.10 34.36
C PHE A 370 -4.19 2.20 33.90
N LEU A 371 -4.12 3.35 34.59
CA LEU A 371 -5.09 4.41 34.33
C LEU A 371 -4.43 5.76 34.55
N ARG A 372 -5.23 6.80 34.62
CA ARG A 372 -4.75 8.16 34.76
C ARG A 372 -5.03 8.68 36.17
N SER A 373 -4.23 9.66 36.60
CA SER A 373 -4.34 10.20 37.96
C SER A 373 -5.67 10.87 38.22
N THR A 374 -6.50 11.08 37.20
CA THR A 374 -7.83 11.66 37.42
C THR A 374 -8.73 10.71 38.20
N ALA A 375 -8.57 9.41 38.02
CA ALA A 375 -9.37 8.42 38.73
C ALA A 375 -8.96 8.25 40.18
N LEU A 376 -7.84 8.84 40.60
CA LEU A 376 -7.42 8.74 41.98
C LEU A 376 -8.31 9.57 42.90
N SER A 377 -8.37 9.17 44.17
CA SER A 377 -9.16 9.86 45.17
C SER A 377 -8.64 9.49 46.55
N ASP A 378 -8.98 10.32 47.53
CA ASP A 378 -8.61 10.02 48.91
C ASP A 378 -9.49 8.94 49.52
N GLU A 379 -10.68 8.71 48.98
CA GLU A 379 -11.52 7.61 49.45
C GLU A 379 -10.93 6.25 49.09
N HIS A 380 -9.95 6.20 48.18
CA HIS A 380 -9.27 4.97 47.82
C HIS A 380 -7.92 4.81 48.50
N SER A 381 -7.46 5.81 49.25
CA SER A 381 -6.14 5.77 49.87
C SER A 381 -6.02 4.77 51.00
N GLU A 382 -7.11 4.09 51.36
CA GLU A 382 -7.08 3.08 52.42
C GLU A 382 -6.92 1.67 51.88
N VAL A 383 -7.47 1.38 50.71
CA VAL A 383 -7.40 0.05 50.13
C VAL A 383 -6.35 -0.04 49.04
N TYR A 384 -6.06 1.06 48.33
CA TYR A 384 -5.23 1.03 47.14
C TYR A 384 -3.94 1.80 47.36
N GLU A 385 -2.97 1.54 46.48
CA GLU A 385 -1.70 2.25 46.48
C GLU A 385 -1.14 2.22 45.07
N LEU A 386 0.04 2.80 44.89
CA LEU A 386 0.63 2.94 43.57
C LEU A 386 1.78 1.95 43.39
N LEU A 387 2.00 1.55 42.14
CA LEU A 387 3.06 0.62 41.77
C LEU A 387 4.06 1.38 40.91
N CYS A 388 5.21 1.73 41.49
CA CYS A 388 6.17 2.58 40.80
C CYS A 388 7.13 1.74 39.95
N PRO A 389 7.64 2.31 38.86
CA PRO A 389 8.57 1.55 38.00
C PRO A 389 9.94 1.29 38.63
N ASP A 390 10.23 1.84 39.81
CA ASP A 390 11.46 1.54 40.52
C ASP A 390 11.31 0.34 41.46
N ASN A 391 10.29 -0.50 41.25
CA ASN A 391 10.06 -1.72 42.00
C ASN A 391 9.71 -1.46 43.46
N THR A 392 9.16 -0.28 43.75
CA THR A 392 8.65 0.04 45.08
C THR A 392 7.21 0.50 44.97
N ARG A 393 6.54 0.54 46.12
CA ARG A 393 5.16 1.00 46.20
C ARG A 393 5.09 2.30 47.00
N LYS A 394 4.12 3.13 46.64
CA LYS A 394 3.90 4.42 47.27
C LYS A 394 2.41 4.69 47.35
N PRO A 395 1.98 5.56 48.27
CA PRO A 395 0.57 5.94 48.32
C PRO A 395 0.17 6.78 47.11
N LEU A 396 -1.14 6.95 46.97
CA LEU A 396 -1.69 7.60 45.78
C LEU A 396 -1.21 9.05 45.65
N ASN A 397 -1.18 9.78 46.77
CA ASN A 397 -0.81 11.19 46.74
C ASN A 397 0.61 11.42 46.25
N LYS A 398 1.43 10.37 46.13
CA LYS A 398 2.77 10.47 45.58
C LYS A 398 2.80 10.21 44.07
N TYR A 399 1.66 10.38 43.38
CA TYR A 399 1.61 10.04 41.97
C TYR A 399 2.55 10.89 41.11
N LYS A 400 3.00 12.04 41.62
CA LYS A 400 3.96 12.83 40.86
C LYS A 400 5.33 12.20 40.84
N GLU A 401 5.63 11.36 41.84
CA GLU A 401 6.92 10.66 41.92
C GLU A 401 6.78 9.16 41.65
N CYS A 402 5.65 8.71 41.11
CA CYS A 402 5.37 7.28 40.99
C CYS A 402 4.36 7.08 39.86
N ASN A 403 4.85 7.16 38.63
CA ASN A 403 3.98 7.12 37.47
C ASN A 403 4.76 6.56 36.28
N LEU A 404 4.05 6.40 35.16
CA LEU A 404 4.62 5.91 33.92
C LEU A 404 4.80 7.02 32.89
N GLY A 405 4.63 8.28 33.29
CA GLY A 405 4.81 9.39 32.38
C GLY A 405 3.66 10.38 32.41
N THR A 406 3.90 11.61 31.94
CA THR A 406 2.85 12.60 31.87
C THR A 406 1.93 12.31 30.69
N VAL A 407 0.64 12.58 30.87
CA VAL A 407 -0.36 12.32 29.83
C VAL A 407 -0.95 13.65 29.36
N PRO A 408 -0.70 14.06 28.12
CA PRO A 408 -1.30 15.30 27.61
C PRO A 408 -2.82 15.15 27.50
N ALA A 409 -3.48 16.30 27.49
CA ALA A 409 -4.94 16.32 27.46
C ALA A 409 -5.47 15.83 26.12
N GLY A 410 -6.62 15.17 26.17
CA GLY A 410 -7.31 14.77 24.95
C GLY A 410 -7.79 15.97 24.16
N THR A 411 -8.22 15.71 22.93
CA THR A 411 -8.60 16.80 22.04
C THR A 411 -9.82 16.41 21.22
N VAL A 412 -10.61 17.43 20.86
CA VAL A 412 -11.70 17.28 19.92
C VAL A 412 -11.13 17.37 18.51
N VAL A 413 -11.35 16.32 17.72
CA VAL A 413 -10.84 16.18 16.37
C VAL A 413 -12.00 16.10 15.39
N THR A 414 -11.70 16.48 14.15
CA THR A 414 -12.62 16.40 13.02
C THR A 414 -11.79 16.00 11.78
N ARG A 415 -12.43 16.03 10.62
CA ARG A 415 -11.74 15.70 9.37
C ARG A 415 -10.63 16.70 9.08
N LYS A 416 -9.52 16.20 8.53
CA LYS A 416 -8.38 17.05 8.25
C LYS A 416 -8.73 18.15 7.25
N ILE A 417 -9.72 17.93 6.39
CA ILE A 417 -10.18 18.98 5.49
C ILE A 417 -10.88 20.11 6.24
N SER A 418 -11.28 19.87 7.49
CA SER A 418 -11.78 20.90 8.39
C SER A 418 -12.96 21.67 7.78
N ASP A 419 -13.91 20.92 7.22
CA ASP A 419 -15.10 21.52 6.63
C ASP A 419 -16.15 21.91 7.67
N LYS A 420 -15.97 21.53 8.93
CA LYS A 420 -16.96 21.81 9.97
C LYS A 420 -16.33 22.40 11.23
N THR A 421 -15.05 22.76 11.20
CA THR A 421 -14.36 23.25 12.40
C THR A 421 -15.04 24.49 12.95
N GLU A 422 -15.49 25.39 12.07
CA GLU A 422 -16.11 26.64 12.54
C GLU A 422 -17.42 26.37 13.28
N ASP A 423 -18.28 25.51 12.74
CA ASP A 423 -19.56 25.23 13.39
C ASP A 423 -19.36 24.51 14.73
N ILE A 424 -18.47 23.51 14.75
CA ILE A 424 -18.18 22.80 16.00
C ILE A 424 -17.64 23.76 17.04
N ASN A 425 -16.72 24.65 16.63
CA ASN A 425 -16.14 25.61 17.57
C ASN A 425 -17.22 26.56 18.10
N ASN A 426 -18.06 27.09 17.21
CA ASN A 426 -19.11 28.00 17.66
C ASN A 426 -20.06 27.31 18.64
N PHE A 427 -20.46 26.08 18.33
CA PHE A 427 -21.35 25.35 19.24
C PHE A 427 -20.70 25.14 20.60
N LEU A 428 -19.44 24.69 20.62
CA LEU A 428 -18.79 24.42 21.89
C LEU A 428 -18.59 25.69 22.70
N MET A 429 -18.21 26.79 22.02
CA MET A 429 -17.99 28.05 22.74
C MET A 429 -19.29 28.59 23.31
N GLU A 430 -20.39 28.49 22.56
CA GLU A 430 -21.67 28.96 23.09
C GLU A 430 -22.19 28.04 24.18
N ALA A 431 -21.91 26.74 24.10
CA ALA A 431 -22.30 25.83 25.17
C ALA A 431 -21.51 26.10 26.44
N GLN A 432 -20.24 26.51 26.30
CA GLN A 432 -19.46 26.88 27.47
C GLN A 432 -19.93 28.21 28.06
N LYS A 433 -20.21 29.19 27.20
CA LYS A 433 -20.70 30.48 27.69
C LYS A 433 -22.06 30.34 28.37
N ARG A 434 -22.90 29.42 27.89
CA ARG A 434 -24.23 29.23 28.44
C ARG A 434 -24.27 28.18 29.54
N GLN A 435 -23.11 27.71 30.01
CA GLN A 435 -23.02 26.86 31.20
C GLN A 435 -23.78 25.54 31.02
N CYS A 436 -23.57 24.91 29.87
CA CYS A 436 -24.18 23.61 29.61
C CYS A 436 -23.36 22.50 30.25
N LYS A 437 -24.04 21.42 30.61
CA LYS A 437 -23.41 20.30 31.29
C LYS A 437 -22.51 19.50 30.35
N LEU A 438 -21.37 20.08 29.96
CA LEU A 438 -20.49 19.43 29.01
C LEU A 438 -19.55 18.44 29.69
N PHE A 439 -19.00 18.81 30.84
CA PHE A 439 -17.91 18.07 31.47
C PHE A 439 -18.38 17.32 32.72
N SER A 440 -19.67 16.96 32.76
CA SER A 440 -20.23 16.20 33.86
C SER A 440 -21.55 15.60 33.39
N SER A 441 -21.95 14.51 34.04
CA SER A 441 -23.20 13.84 33.70
C SER A 441 -23.58 12.88 34.81
N ALA A 442 -24.89 12.72 35.02
CA ALA A 442 -25.39 11.74 35.96
C ALA A 442 -25.39 10.32 35.40
N HIS A 443 -25.27 10.18 34.07
CA HIS A 443 -25.23 8.86 33.47
C HIS A 443 -23.89 8.17 33.68
N GLY A 444 -22.82 8.94 33.84
CA GLY A 444 -21.51 8.34 34.02
C GLY A 444 -20.44 9.41 34.06
N LYS A 445 -19.20 8.96 34.04
CA LYS A 445 -18.04 9.85 34.09
C LYS A 445 -17.22 9.71 32.81
N ASP A 446 -16.52 10.79 32.45
CA ASP A 446 -15.67 10.84 31.26
C ASP A 446 -16.46 10.54 30.00
N LEU A 447 -17.73 10.91 29.97
CA LEU A 447 -18.58 10.74 28.79
C LEU A 447 -18.43 11.95 27.88
N MET A 448 -18.27 11.69 26.58
CA MET A 448 -18.08 12.72 25.56
C MET A 448 -16.76 13.48 25.75
N PHE A 449 -16.48 13.94 26.95
CA PHE A 449 -15.21 14.60 27.27
C PHE A 449 -14.67 14.03 28.57
N ASP A 450 -13.40 14.35 28.85
CA ASP A 450 -12.86 14.09 30.17
C ASP A 450 -13.57 14.97 31.19
N ASP A 451 -14.02 14.36 32.29
CA ASP A 451 -14.70 15.14 33.32
C ASP A 451 -13.77 16.19 33.92
N SER A 452 -12.46 15.93 33.92
CA SER A 452 -11.50 16.87 34.45
C SER A 452 -11.34 18.12 33.59
N THR A 453 -11.96 18.17 32.42
CA THR A 453 -11.84 19.32 31.55
C THR A 453 -12.57 20.53 32.16
N LEU A 454 -11.91 21.68 32.13
CA LEU A 454 -12.48 22.92 32.63
C LEU A 454 -12.86 23.91 31.54
N GLN A 455 -12.20 23.85 30.38
CA GLN A 455 -12.39 24.83 29.33
C GLN A 455 -11.76 24.31 28.05
N LEU A 456 -12.48 24.45 26.94
CA LEU A 456 -12.01 24.03 25.63
C LEU A 456 -11.80 25.26 24.76
N ALA A 457 -10.63 25.33 24.12
CA ALA A 457 -10.25 26.44 23.27
C ALA A 457 -9.95 25.94 21.86
N LEU A 458 -9.94 26.87 20.91
CA LEU A 458 -9.69 26.55 19.51
C LEU A 458 -8.19 26.54 19.24
N LEU A 459 -7.72 25.46 18.63
CA LEU A 459 -6.34 25.37 18.20
C LEU A 459 -6.15 26.09 16.87
N SER A 460 -4.92 26.52 16.62
CA SER A 460 -4.60 27.10 15.31
C SER A 460 -4.80 26.06 14.22
N SER A 461 -5.22 26.53 13.04
CA SER A 461 -5.46 25.63 11.93
C SER A 461 -4.19 24.88 11.52
N GLU A 462 -3.02 25.49 11.77
CA GLU A 462 -1.76 24.83 11.46
C GLU A 462 -1.53 23.58 12.29
N VAL A 463 -2.15 23.48 13.46
CA VAL A 463 -1.87 22.38 14.38
C VAL A 463 -2.38 21.07 13.79
N ASP A 464 -1.45 20.15 13.55
CA ASP A 464 -1.75 18.77 13.20
C ASP A 464 -1.40 17.86 14.38
N ALA A 465 -1.30 16.56 14.12
CA ALA A 465 -0.90 15.64 15.17
C ALA A 465 0.52 15.91 15.63
N PHE A 466 1.41 16.24 14.68
CA PHE A 466 2.80 16.52 15.03
C PHE A 466 2.92 17.76 15.90
N LEU A 467 2.21 18.84 15.52
CA LEU A 467 2.28 20.07 16.31
C LEU A 467 1.56 19.92 17.64
N TYR A 468 0.54 19.05 17.72
CA TYR A 468 -0.18 18.88 18.97
C TYR A 468 0.60 18.03 19.97
N LEU A 469 1.28 16.98 19.49
CA LEU A 469 2.00 16.10 20.39
C LEU A 469 3.38 16.63 20.74
N GLY A 470 3.98 17.44 19.88
CA GLY A 470 5.36 17.85 20.04
C GLY A 470 6.32 16.89 19.36
N VAL A 471 7.54 17.39 19.14
CA VAL A 471 8.52 16.64 18.34
C VAL A 471 8.83 15.29 18.99
N LYS A 472 9.24 15.32 20.27
CA LYS A 472 9.68 14.11 20.94
C LYS A 472 8.53 13.10 21.06
N LEU A 473 7.36 13.58 21.48
CA LEU A 473 6.22 12.68 21.65
C LEU A 473 5.71 12.16 20.31
N PHE A 474 5.74 13.00 19.27
CA PHE A 474 5.35 12.53 17.95
C PHE A 474 6.30 11.43 17.46
N HIS A 475 7.60 11.63 17.65
CA HIS A 475 8.56 10.60 17.25
C HIS A 475 8.36 9.32 18.05
N ALA A 476 8.00 9.46 19.34
CA ALA A 476 7.72 8.29 20.16
C ALA A 476 6.51 7.51 19.63
N MET A 477 5.43 8.23 19.31
CA MET A 477 4.26 7.57 18.75
C MET A 477 4.58 6.92 17.40
N LYS A 478 5.38 7.61 16.58
CA LYS A 478 5.74 7.07 15.27
C LYS A 478 6.57 5.79 15.40
N ALA A 479 7.52 5.78 16.34
CA ALA A 479 8.32 4.58 16.56
C ALA A 479 7.47 3.44 17.13
N LEU A 480 6.53 3.78 18.02
CA LEU A 480 5.69 2.75 18.62
C LEU A 480 4.76 2.12 17.60
N THR A 481 4.20 2.93 16.70
CA THR A 481 3.27 2.41 15.70
C THR A 481 3.98 1.58 14.63
N GLY A 482 5.28 1.79 14.43
CA GLY A 482 6.04 1.06 13.45
C GLY A 482 6.39 1.82 12.19
N ASP A 483 6.21 3.14 12.18
CA ASP A 483 6.51 3.96 11.02
C ASP A 483 7.85 4.67 11.13
N ALA A 484 8.66 4.31 12.12
CA ALA A 484 9.94 4.98 12.34
C ALA A 484 10.86 4.79 11.13
N HIS A 485 11.28 5.89 10.52
CA HIS A 485 12.13 5.83 9.35
C HIS A 485 13.51 5.31 9.71
N LEU A 486 13.99 4.32 8.95
CA LEU A 486 15.33 3.80 9.15
C LEU A 486 16.32 4.74 8.45
N PRO A 487 17.14 5.47 9.20
CA PRO A 487 17.99 6.48 8.58
C PRO A 487 19.07 5.86 7.69
N SER A 488 19.30 6.50 6.55
CA SER A 488 20.32 6.09 5.60
C SER A 488 21.45 7.12 5.62
N LYS A 489 22.69 6.64 5.80
CA LYS A 489 23.85 7.50 5.88
C LYS A 489 24.49 7.78 4.53
N ASN A 490 23.84 7.38 3.44
CA ASN A 490 24.39 7.58 2.10
C ASN A 490 23.36 8.17 1.14
N LYS A 491 22.29 8.77 1.66
CA LYS A 491 21.26 9.35 0.82
C LYS A 491 20.62 10.53 1.56
N VAL A 492 20.60 11.68 0.90
CA VAL A 492 20.03 12.90 1.47
C VAL A 492 18.68 13.15 0.81
N ARG A 493 17.65 13.36 1.64
CA ARG A 493 16.30 13.66 1.17
C ARG A 493 16.12 15.17 1.19
N TRP A 494 16.18 15.79 0.01
CA TRP A 494 15.98 17.21 -0.14
C TRP A 494 14.49 17.52 -0.24
N CYS A 495 14.07 18.58 0.44
CA CYS A 495 12.67 18.98 0.51
C CYS A 495 12.43 20.17 -0.40
N THR A 496 11.43 20.08 -1.25
CA THR A 496 11.07 21.14 -2.19
C THR A 496 9.83 21.87 -1.70
N ILE A 497 9.60 23.06 -2.28
CA ILE A 497 8.50 23.92 -1.88
C ILE A 497 7.51 24.18 -3.02
N ASN A 498 7.79 23.69 -4.23
CA ASN A 498 6.87 23.86 -5.35
C ASN A 498 7.20 22.81 -6.40
N LYS A 499 6.38 22.79 -7.47
CA LYS A 499 6.55 21.77 -8.50
C LYS A 499 7.80 22.02 -9.34
N LEU A 500 8.21 23.28 -9.49
CA LEU A 500 9.44 23.57 -10.24
C LEU A 500 10.67 23.05 -9.51
N GLU A 501 10.75 23.32 -8.20
CA GLU A 501 11.82 22.73 -7.41
C GLU A 501 11.72 21.22 -7.37
N LYS A 502 10.49 20.68 -7.44
CA LYS A 502 10.34 19.23 -7.50
C LYS A 502 10.93 18.67 -8.79
N MET A 503 10.72 19.36 -9.91
CA MET A 503 11.30 18.92 -11.18
C MET A 503 12.82 19.02 -11.16
N LYS A 504 13.36 20.12 -10.63
CA LYS A 504 14.81 20.25 -10.54
C LYS A 504 15.40 19.18 -9.62
N CYS A 505 14.71 18.87 -8.52
CA CYS A 505 15.19 17.84 -7.61
C CYS A 505 15.09 16.45 -8.26
N ASP A 506 14.06 16.22 -9.07
CA ASP A 506 13.97 14.95 -9.78
C ASP A 506 15.11 14.80 -10.78
N ASP A 507 15.47 15.89 -11.47
CA ASP A 507 16.66 15.86 -12.32
C ASP A 507 17.90 15.52 -11.50
N TRP A 508 18.07 16.18 -10.36
CA TRP A 508 19.24 15.93 -9.52
C TRP A 508 19.25 14.50 -9.00
N SER A 509 18.08 13.93 -8.71
CA SER A 509 18.02 12.56 -8.22
C SER A 509 18.32 11.56 -9.31
N ALA A 510 17.84 11.82 -10.53
CA ALA A 510 18.15 10.93 -11.65
C ALA A 510 19.61 11.01 -12.04
N VAL A 511 20.26 12.14 -11.78
CA VAL A 511 21.67 12.31 -12.14
C VAL A 511 22.63 12.07 -10.99
N SER A 512 22.11 11.86 -9.77
CA SER A 512 22.97 11.79 -8.59
C SER A 512 23.44 10.38 -8.25
N GLY A 513 22.74 9.35 -8.72
CA GLY A 513 23.13 7.99 -8.42
C GLY A 513 22.89 7.58 -6.98
N GLY A 514 21.63 7.59 -6.56
CA GLY A 514 21.24 7.13 -5.24
C GLY A 514 21.60 8.03 -4.08
N ALA A 515 22.30 9.14 -4.33
CA ALA A 515 22.72 10.01 -3.24
C ALA A 515 21.68 11.06 -2.87
N ILE A 516 20.76 11.39 -3.78
CA ILE A 516 19.78 12.46 -3.57
C ILE A 516 18.39 11.91 -3.84
N ALA A 517 17.49 12.07 -2.87
CA ALA A 517 16.07 11.79 -3.02
C ALA A 517 15.29 13.07 -2.76
N CYS A 518 13.99 13.05 -3.08
CA CYS A 518 13.20 14.26 -3.06
C CYS A 518 11.89 14.05 -2.31
N THR A 519 11.53 15.04 -1.49
CA THR A 519 10.24 15.13 -0.84
C THR A 519 9.59 16.46 -1.20
N GLU A 520 8.27 16.50 -1.12
CA GLU A 520 7.50 17.66 -1.52
C GLU A 520 6.80 18.29 -0.32
N ALA A 521 6.85 19.62 -0.24
CA ALA A 521 6.15 20.40 0.76
C ALA A 521 5.56 21.63 0.10
N SER A 522 4.87 22.44 0.89
CA SER A 522 4.22 23.65 0.38
C SER A 522 4.93 24.94 0.74
N CYS A 523 5.87 24.91 1.69
CA CYS A 523 6.53 26.11 2.16
C CYS A 523 7.78 25.69 2.93
N PRO A 524 8.75 26.60 3.11
CA PRO A 524 9.95 26.24 3.89
C PRO A 524 9.64 25.76 5.29
N LYS A 525 8.66 26.34 5.97
CA LYS A 525 8.30 25.87 7.31
C LYS A 525 7.79 24.43 7.25
N GLY A 526 7.09 24.07 6.18
CA GLY A 526 6.69 22.68 5.99
C GLY A 526 7.89 21.76 5.84
N CYS A 527 8.95 22.24 5.17
CA CYS A 527 10.16 21.43 5.05
C CYS A 527 10.86 21.28 6.40
N VAL A 528 10.86 22.34 7.21
CA VAL A 528 11.42 22.23 8.56
C VAL A 528 10.64 21.20 9.37
N LYS A 529 9.30 21.23 9.26
CA LYS A 529 8.48 20.25 9.95
C LYS A 529 8.77 18.84 9.46
N GLN A 530 8.95 18.66 8.15
CA GLN A 530 9.27 17.35 7.61
C GLN A 530 10.61 16.85 8.13
N ILE A 531 11.61 17.74 8.21
CA ILE A 531 12.92 17.34 8.74
C ILE A 531 12.78 16.94 10.21
N LEU A 532 11.99 17.68 10.97
CA LEU A 532 11.79 17.35 12.37
C LEU A 532 11.02 16.05 12.56
N LYS A 533 10.27 15.61 11.56
CA LYS A 533 9.50 14.37 11.63
C LYS A 533 10.23 13.19 11.02
N GLY A 534 11.48 13.37 10.58
CA GLY A 534 12.20 12.29 9.94
C GLY A 534 11.71 11.96 8.55
N GLU A 535 10.91 12.84 7.94
CA GLU A 535 10.43 12.62 6.58
C GLU A 535 11.32 13.23 5.52
N ALA A 536 12.22 14.14 5.91
CA ALA A 536 13.19 14.73 5.00
C ALA A 536 14.53 14.84 5.75
N ASP A 537 15.55 15.32 5.04
CA ASP A 537 16.90 15.39 5.61
C ASP A 537 17.41 16.81 5.72
N ALA A 538 17.52 17.54 4.60
CA ALA A 538 18.07 18.88 4.61
C ALA A 538 17.25 19.78 3.70
N VAL A 539 17.33 21.08 3.95
CA VAL A 539 16.61 22.05 3.12
C VAL A 539 17.30 23.40 3.27
N LYS A 540 17.23 24.21 2.21
CA LYS A 540 17.76 25.57 2.25
C LYS A 540 16.71 26.52 2.81
N LEU A 541 17.15 27.44 3.65
CA LEU A 541 16.26 28.40 4.30
C LEU A 541 16.89 29.78 4.23
N GLU A 542 16.05 30.79 3.96
CA GLU A 542 16.47 32.17 4.11
C GLU A 542 16.56 32.52 5.60
N VAL A 543 17.05 33.73 5.89
CA VAL A 543 17.28 34.11 7.28
C VAL A 543 15.96 34.20 8.04
N GLN A 544 14.91 34.69 7.38
CA GLN A 544 13.63 34.87 8.07
C GLN A 544 12.96 33.57 8.45
N TYR A 545 13.52 32.42 8.05
CA TYR A 545 13.04 31.11 8.48
C TYR A 545 13.99 30.42 9.44
N MET A 546 15.16 31.01 9.70
CA MET A 546 16.20 30.29 10.43
C MET A 546 15.94 30.29 11.94
N TYR A 547 15.39 31.37 12.48
CA TYR A 547 15.18 31.49 13.93
C TYR A 547 14.46 30.26 14.47
N GLU A 548 13.22 30.04 14.02
CA GLU A 548 12.49 28.85 14.43
C GLU A 548 13.30 27.59 14.15
N ALA A 549 13.95 27.53 13.00
CA ALA A 549 14.76 26.36 12.66
C ALA A 549 15.88 26.16 13.67
N LEU A 550 16.50 27.24 14.13
CA LEU A 550 17.51 27.12 15.16
C LEU A 550 16.91 26.90 16.54
N MET A 551 15.63 27.22 16.72
CA MET A 551 14.97 26.98 18.00
C MET A 551 14.61 25.50 18.18
N CYS A 552 14.39 24.79 17.09
CA CYS A 552 13.99 23.38 17.13
C CYS A 552 15.17 22.42 17.06
N GLY A 553 16.39 22.92 17.15
CA GLY A 553 17.56 22.06 17.20
C GLY A 553 18.22 21.74 15.89
N LEU A 554 17.71 22.28 14.77
CA LEU A 554 18.34 22.05 13.49
C LEU A 554 19.58 22.93 13.35
N LEU A 555 20.64 22.36 12.77
CA LEU A 555 21.91 23.05 12.63
C LEU A 555 22.23 23.34 11.18
N PRO A 556 22.85 24.49 10.89
CA PRO A 556 23.22 24.79 9.50
C PRO A 556 24.29 23.85 8.96
N ALA A 557 23.92 23.03 7.98
CA ALA A 557 24.89 22.12 7.38
C ALA A 557 25.85 22.87 6.45
N VAL A 558 25.30 23.65 5.52
CA VAL A 558 26.11 24.43 4.59
C VAL A 558 25.48 25.81 4.42
N GLU A 559 26.18 26.67 3.69
CA GLU A 559 25.72 28.04 3.47
C GLU A 559 26.07 28.49 2.06
N GLU A 560 25.19 29.28 1.46
CA GLU A 560 25.42 29.79 0.11
C GLU A 560 26.50 30.86 0.13
N TYR A 561 27.41 30.78 -0.84
CA TYR A 561 28.49 31.75 -1.02
C TYR A 561 28.14 32.61 -2.23
N HIS A 562 28.04 33.93 -2.01
CA HIS A 562 27.55 34.85 -3.03
C HIS A 562 28.63 35.79 -3.55
N ASN A 563 29.88 35.62 -3.14
CA ASN A 563 30.97 36.48 -3.61
C ASN A 563 31.26 36.12 -5.06
N LYS A 564 30.69 36.90 -5.99
CA LYS A 564 30.85 36.68 -7.41
C LYS A 564 32.19 37.14 -7.95
N ASP A 565 33.10 37.61 -7.09
CA ASP A 565 34.42 38.05 -7.51
C ASP A 565 35.55 37.23 -6.93
N ASP A 566 35.26 36.26 -6.07
CA ASP A 566 36.31 35.44 -5.43
C ASP A 566 35.83 33.99 -5.44
N PHE A 567 36.29 33.23 -6.42
CA PHE A 567 35.99 31.80 -6.48
C PHE A 567 36.93 30.98 -5.60
N GLY A 568 37.94 31.60 -5.00
CA GLY A 568 38.92 30.93 -4.18
C GLY A 568 38.35 29.94 -3.17
N PRO A 569 37.44 30.39 -2.32
CA PRO A 569 36.84 29.46 -1.35
C PRO A 569 36.08 28.30 -1.99
N CYS A 570 35.72 28.40 -3.27
CA CYS A 570 34.98 27.34 -3.93
C CYS A 570 35.89 26.33 -4.62
N LYS A 571 37.02 26.78 -5.18
CA LYS A 571 37.90 25.86 -5.91
C LYS A 571 38.59 24.87 -4.98
N THR A 572 38.89 25.29 -3.75
CA THR A 572 39.53 24.41 -2.79
C THR A 572 39.03 24.70 -1.38
N PRO A 573 38.50 23.70 -0.67
CA PRO A 573 38.07 23.93 0.70
C PRO A 573 39.24 24.28 1.60
N GLY A 574 38.97 25.11 2.60
CA GLY A 574 39.99 25.60 3.49
C GLY A 574 40.53 26.97 3.15
N SER A 575 40.24 27.48 1.95
CA SER A 575 40.65 28.81 1.57
C SER A 575 39.96 29.84 2.45
N PRO A 576 40.69 30.63 3.23
CA PRO A 576 40.05 31.61 4.11
C PRO A 576 39.23 32.64 3.35
N TYR A 577 37.91 32.54 3.42
CA TYR A 577 37.03 33.46 2.73
C TYR A 577 37.07 34.84 3.39
N THR A 578 37.02 35.88 2.57
CA THR A 578 37.03 37.26 3.04
C THR A 578 35.62 37.84 3.13
N ASP A 579 34.91 37.88 2.01
CA ASP A 579 33.52 38.34 1.96
C ASP A 579 32.64 37.21 1.44
N PHE A 580 31.61 36.87 2.22
CA PHE A 580 30.70 35.80 1.87
C PHE A 580 29.64 36.21 0.86
N GLY A 581 29.73 37.42 0.32
CA GLY A 581 28.67 37.90 -0.56
C GLY A 581 27.42 38.30 0.18
N THR A 582 27.51 38.49 1.49
CA THR A 582 26.34 38.82 2.29
C THR A 582 25.91 40.26 2.04
N LEU A 583 24.61 40.46 1.93
CA LEU A 583 24.06 41.79 1.75
C LEU A 583 24.13 42.59 3.04
N ARG A 584 24.22 43.92 2.91
CA ARG A 584 24.32 44.82 4.04
C ARG A 584 23.20 45.85 3.95
N ALA A 585 22.31 45.84 4.93
CA ALA A 585 21.24 46.82 4.99
C ALA A 585 21.81 48.20 5.26
N VAL A 586 21.42 49.19 4.46
CA VAL A 586 21.90 50.55 4.61
C VAL A 586 20.77 51.54 4.38
N ALA A 587 20.95 52.73 4.92
CA ALA A 587 20.02 53.85 4.75
C ALA A 587 20.63 54.80 3.73
N LEU A 588 20.10 54.76 2.51
CA LEU A 588 20.60 55.58 1.40
C LEU A 588 19.87 56.90 1.37
N VAL A 589 20.63 58.00 1.29
CA VAL A 589 20.08 59.34 1.16
C VAL A 589 20.76 60.03 -0.02
N LYS A 590 20.24 61.19 -0.38
CA LYS A 590 20.80 61.98 -1.46
C LYS A 590 21.86 62.93 -0.94
N LYS A 591 22.81 63.26 -1.81
CA LYS A 591 23.78 64.31 -1.49
C LYS A 591 23.13 65.69 -1.43
N SER A 592 21.94 65.84 -2.02
CA SER A 592 21.27 67.13 -2.00
C SER A 592 20.78 67.48 -0.60
N ASN A 593 20.15 66.53 0.08
CA ASN A 593 19.62 66.72 1.42
C ASN A 593 20.73 66.43 2.42
N LYS A 594 21.33 67.48 2.98
CA LYS A 594 22.40 67.35 3.96
C LYS A 594 21.90 67.61 5.39
N ASP A 595 20.65 67.24 5.68
CA ASP A 595 20.09 67.40 7.01
C ASP A 595 19.54 66.10 7.56
N ILE A 596 19.69 64.99 6.84
CA ILE A 596 19.17 63.69 7.26
C ILE A 596 20.33 62.92 7.88
N ASN A 597 20.32 62.79 9.21
CA ASN A 597 21.23 61.92 9.93
C ASN A 597 20.41 60.90 10.70
N TRP A 598 21.11 59.91 11.28
CA TRP A 598 20.43 58.82 11.95
C TRP A 598 19.72 59.28 13.22
N ASN A 599 20.19 60.37 13.84
CA ASN A 599 19.62 60.85 15.09
C ASN A 599 18.48 61.84 14.88
N ASN A 600 18.04 62.07 13.63
CA ASN A 600 16.91 62.94 13.36
C ASN A 600 16.02 62.36 12.26
N ILE A 601 15.95 61.03 12.16
CA ILE A 601 15.09 60.40 11.17
C ILE A 601 13.63 60.40 11.56
N LYS A 602 13.30 60.77 12.79
CA LYS A 602 11.91 60.83 13.21
C LYS A 602 11.19 61.93 12.45
N GLY A 603 10.00 61.63 11.94
CA GLY A 603 9.24 62.55 11.14
C GLY A 603 9.65 62.64 9.68
N LYS A 604 10.84 62.15 9.32
CA LYS A 604 11.28 62.19 7.94
C LYS A 604 10.47 61.21 7.09
N LYS A 605 10.46 61.46 5.79
CA LYS A 605 9.78 60.60 4.83
C LYS A 605 10.74 59.51 4.37
N SER A 606 10.40 58.26 4.65
CA SER A 606 11.27 57.12 4.37
C SER A 606 10.64 56.19 3.35
N CYS A 607 11.49 55.35 2.77
CA CYS A 607 11.08 54.39 1.76
C CYS A 607 11.55 52.99 2.16
N HIS A 608 10.68 52.00 1.94
CA HIS A 608 10.95 50.61 2.29
C HIS A 608 10.64 49.73 1.10
N THR A 609 11.36 48.61 1.01
CA THR A 609 11.12 47.66 -0.08
C THR A 609 9.80 46.92 0.11
N GLY A 610 9.34 46.77 1.33
CA GLY A 610 8.09 46.11 1.61
C GLY A 610 8.09 45.53 3.02
N VAL A 611 6.89 45.34 3.56
CA VAL A 611 6.73 44.80 4.91
C VAL A 611 7.11 43.34 4.90
N GLY A 612 8.20 42.99 5.61
CA GLY A 612 8.68 41.63 5.71
C GLY A 612 10.12 41.45 5.30
N ASP A 613 10.61 42.32 4.40
CA ASP A 613 11.98 42.20 3.93
C ASP A 613 12.96 42.53 5.05
N ILE A 614 14.11 41.85 5.02
CA ILE A 614 15.10 41.98 6.09
C ILE A 614 15.70 43.38 6.09
N ALA A 615 16.33 43.76 4.97
CA ALA A 615 16.98 45.06 4.89
C ALA A 615 15.97 46.21 4.76
N GLY A 616 14.72 45.90 4.42
CA GLY A 616 13.75 46.95 4.18
C GLY A 616 12.83 47.24 5.35
N TRP A 617 12.45 46.21 6.11
CA TRP A 617 11.46 46.39 7.17
C TRP A 617 11.71 45.39 8.30
N VAL A 618 12.97 45.10 8.60
CA VAL A 618 13.32 44.28 9.75
C VAL A 618 14.45 44.95 10.52
N ILE A 619 15.60 45.13 9.85
CA ILE A 619 16.71 45.85 10.47
C ILE A 619 16.32 47.26 10.89
N PRO A 620 15.75 48.11 10.02
CA PRO A 620 15.44 49.47 10.48
C PRO A 620 14.37 49.53 11.54
N VAL A 621 13.32 48.73 11.43
CA VAL A 621 12.26 48.78 12.43
C VAL A 621 12.76 48.26 13.77
N SER A 622 13.62 47.25 13.76
CA SER A 622 14.19 46.75 15.01
C SER A 622 15.10 47.79 15.64
N LEU A 623 15.97 48.42 14.84
CA LEU A 623 16.83 49.47 15.37
C LEU A 623 16.02 50.60 15.97
N ILE A 624 14.98 51.05 15.25
CA ILE A 624 14.15 52.15 15.74
C ILE A 624 13.44 51.76 17.03
N ARG A 625 12.91 50.54 17.10
CA ARG A 625 12.26 50.07 18.31
C ARG A 625 13.24 49.91 19.46
N ARG A 626 14.54 49.80 19.17
CA ARG A 626 15.52 49.76 20.24
C ARG A 626 15.77 51.15 20.83
N GLN A 627 16.16 52.10 19.98
CA GLN A 627 16.55 53.42 20.47
C GLN A 627 15.35 54.20 21.01
N ASN A 628 14.24 54.19 20.29
CA ASN A 628 13.03 54.92 20.69
C ASN A 628 12.17 53.98 21.52
N ASP A 629 12.16 54.20 22.84
CA ASP A 629 11.41 53.34 23.75
C ASP A 629 9.90 53.47 23.59
N ASN A 630 9.42 54.50 22.89
CA ASN A 630 7.99 54.60 22.65
C ASN A 630 7.48 53.44 21.81
N SER A 631 8.30 52.97 20.86
CA SER A 631 8.01 51.79 20.05
C SER A 631 6.68 51.95 19.31
N ASP A 632 6.70 52.84 18.33
CA ASP A 632 5.51 53.10 17.50
C ASP A 632 6.01 53.61 16.15
N ILE A 633 6.29 52.69 15.24
CA ILE A 633 6.74 53.06 13.91
C ILE A 633 5.62 53.64 13.07
N ASP A 634 4.36 53.40 13.45
CA ASP A 634 3.23 53.99 12.74
C ASP A 634 3.19 55.51 12.88
N SER A 635 3.78 56.05 13.94
CA SER A 635 3.84 57.49 14.15
C SER A 635 5.27 58.03 14.17
N PHE A 636 6.27 57.16 13.98
CA PHE A 636 7.66 57.61 14.03
C PHE A 636 8.01 58.45 12.80
N PHE A 637 7.73 57.91 11.61
CA PHE A 637 8.00 58.63 10.37
C PHE A 637 6.84 59.55 10.01
N GLY A 638 7.04 60.36 8.98
CA GLY A 638 6.02 61.24 8.47
C GLY A 638 5.06 60.57 7.52
N GLU A 639 5.39 60.59 6.24
CA GLU A 639 4.60 59.96 5.19
C GLU A 639 5.48 58.92 4.48
N SER A 640 5.86 57.89 5.21
CA SER A 640 6.68 56.85 4.65
C SER A 640 5.87 55.99 3.68
N CYS A 641 6.58 55.34 2.77
CA CYS A 641 5.98 54.43 1.80
C CYS A 641 6.55 53.03 2.03
N ALA A 642 5.78 52.19 2.72
CA ALA A 642 6.15 50.80 2.96
C ALA A 642 5.06 49.89 2.41
N PRO A 643 5.27 49.29 1.24
CA PRO A 643 4.22 48.44 0.64
C PRO A 643 3.88 47.26 1.53
N GLY A 644 2.61 47.14 1.89
CA GLY A 644 2.14 46.08 2.77
C GLY A 644 1.57 46.57 4.09
N SER A 645 1.54 47.87 4.35
CA SER A 645 1.03 48.40 5.60
C SER A 645 -0.46 48.73 5.47
N ASP A 646 -0.99 49.46 6.44
CA ASP A 646 -2.40 49.85 6.41
C ASP A 646 -2.60 51.00 5.43
N THR A 647 -3.54 50.80 4.49
CA THR A 647 -3.75 51.77 3.42
C THR A 647 -4.13 53.16 3.94
N LYS A 648 -4.65 53.25 5.15
CA LYS A 648 -5.06 54.52 5.74
C LYS A 648 -4.03 55.10 6.70
N SER A 649 -2.96 54.37 6.98
CA SER A 649 -1.96 54.83 7.94
C SER A 649 -0.92 55.71 7.23
N ASN A 650 -0.01 56.27 8.03
CA ASN A 650 1.05 57.10 7.47
C ASN A 650 2.07 56.29 6.68
N LEU A 651 2.16 54.98 6.92
CA LEU A 651 3.11 54.12 6.23
C LEU A 651 2.67 53.75 4.82
N CYS A 652 1.61 54.38 4.30
CA CYS A 652 1.14 54.10 2.95
C CYS A 652 0.92 55.36 2.13
N LYS A 653 1.44 56.50 2.57
CA LYS A 653 1.31 57.72 1.79
C LYS A 653 2.39 57.78 0.70
N LEU A 654 2.19 58.71 -0.24
CA LEU A 654 3.06 58.96 -1.38
C LEU A 654 3.58 57.69 -2.05
N CYS A 655 2.75 56.64 -2.10
CA CYS A 655 3.06 55.45 -2.88
C CYS A 655 2.22 55.50 -4.15
N ILE A 656 2.83 55.96 -5.24
CA ILE A 656 2.16 55.97 -6.54
C ILE A 656 2.01 54.55 -7.03
N GLY A 657 0.81 53.99 -6.91
CA GLY A 657 0.59 52.60 -7.27
C GLY A 657 0.09 52.40 -8.68
N ASP A 658 0.98 51.93 -9.57
CA ASP A 658 0.72 51.67 -10.97
C ASP A 658 0.31 52.96 -11.69
N PRO A 659 1.21 53.54 -12.50
CA PRO A 659 0.91 54.86 -13.07
C PRO A 659 -0.24 54.85 -14.06
N LYS A 660 -0.30 53.87 -14.96
CA LYS A 660 -1.33 53.87 -16.00
C LYS A 660 -2.31 52.72 -15.81
N ASN A 661 -3.00 52.71 -14.66
CA ASN A 661 -4.06 51.73 -14.38
C ASN A 661 -5.05 52.40 -13.43
N SER A 662 -5.94 53.21 -14.00
CA SER A 662 -6.90 53.98 -13.22
C SER A 662 -8.14 53.18 -12.85
N ALA A 663 -8.31 51.97 -13.39
CA ALA A 663 -9.46 51.13 -13.07
C ALA A 663 -9.20 50.21 -11.88
N ALA A 664 -8.14 50.46 -11.10
CA ALA A 664 -7.82 49.65 -9.94
C ALA A 664 -7.09 50.50 -8.93
N ASN A 665 -7.15 50.06 -7.67
CA ASN A 665 -6.53 50.76 -6.55
C ASN A 665 -5.46 49.83 -5.97
N THR A 666 -4.26 49.90 -6.54
CA THR A 666 -3.14 49.05 -6.14
C THR A 666 -2.14 49.78 -5.24
N LYS A 667 -2.64 50.64 -4.35
CA LYS A 667 -1.76 51.35 -3.43
C LYS A 667 -1.34 50.46 -2.27
N CYS A 668 -0.07 50.56 -1.90
CA CYS A 668 0.50 49.80 -0.78
C CYS A 668 0.34 48.30 -0.98
N SER A 669 0.51 47.83 -2.22
CA SER A 669 0.40 46.42 -2.53
C SER A 669 1.76 45.74 -2.34
N LEU A 670 1.73 44.54 -1.77
CA LEU A 670 2.94 43.76 -1.59
C LEU A 670 3.28 42.97 -2.84
N SER A 671 3.31 43.65 -3.99
CA SER A 671 3.59 43.02 -5.26
C SER A 671 4.09 44.09 -6.22
N ASP A 672 4.38 43.68 -7.46
CA ASP A 672 4.88 44.60 -8.47
C ASP A 672 3.82 45.58 -8.97
N LYS A 673 2.57 45.44 -8.53
CA LYS A 673 1.55 46.41 -8.88
C LYS A 673 1.78 47.76 -8.22
N GLU A 674 2.70 47.85 -7.27
CA GLU A 674 3.10 49.12 -6.66
C GLU A 674 4.43 49.55 -7.26
N ALA A 675 4.48 50.79 -7.75
CA ALA A 675 5.70 51.30 -8.37
C ALA A 675 6.82 51.54 -7.37
N TYR A 676 6.53 51.50 -6.07
CA TYR A 676 7.53 51.68 -5.04
C TYR A 676 7.79 50.41 -4.25
N TYR A 677 7.55 49.25 -4.87
CA TYR A 677 7.77 47.96 -4.23
C TYR A 677 9.10 47.37 -4.68
N GLY A 678 9.76 46.67 -3.76
CA GLY A 678 11.03 46.05 -4.06
C GLY A 678 12.20 47.02 -3.89
N ASN A 679 13.38 46.53 -4.26
CA ASN A 679 14.59 47.35 -4.16
C ASN A 679 14.53 48.53 -5.11
N GLN A 680 14.28 48.26 -6.39
CA GLN A 680 14.15 49.36 -7.36
C GLN A 680 12.98 50.26 -7.03
N GLY A 681 11.90 49.70 -6.48
CA GLY A 681 10.77 50.52 -6.09
C GLY A 681 11.09 51.48 -4.96
N ALA A 682 11.80 50.98 -3.94
CA ALA A 682 12.21 51.86 -2.85
C ALA A 682 13.22 52.90 -3.31
N PHE A 683 14.10 52.51 -4.24
CA PHE A 683 15.04 53.50 -4.79
C PHE A 683 14.31 54.58 -5.57
N ARG A 684 13.28 54.21 -6.33
CA ARG A 684 12.48 55.20 -7.04
C ARG A 684 11.71 56.09 -6.07
N CYS A 685 11.21 55.50 -4.97
CA CYS A 685 10.59 56.29 -3.92
C CYS A 685 11.55 57.32 -3.36
N LEU A 686 12.80 56.92 -3.11
CA LEU A 686 13.80 57.85 -2.63
C LEU A 686 14.09 58.94 -3.65
N VAL A 687 14.16 58.56 -4.93
CA VAL A 687 14.51 59.53 -5.98
C VAL A 687 13.40 60.55 -6.16
N GLU A 688 12.14 60.12 -6.08
CA GLU A 688 11.02 60.98 -6.47
C GLU A 688 10.51 61.83 -5.31
N LYS A 689 10.15 61.20 -4.19
CA LYS A 689 9.49 61.92 -3.11
C LYS A 689 10.07 61.65 -1.72
N GLY A 690 11.02 60.73 -1.58
CA GLY A 690 11.53 60.35 -0.29
C GLY A 690 12.78 61.09 0.12
N ASP A 691 13.15 60.90 1.39
CA ASP A 691 14.39 61.44 1.96
C ASP A 691 15.43 60.38 2.25
N VAL A 692 15.01 59.21 2.71
CA VAL A 692 15.90 58.10 3.01
C VAL A 692 15.23 56.81 2.55
N ALA A 693 16.03 55.84 2.14
CA ALA A 693 15.53 54.54 1.72
C ALA A 693 16.29 53.44 2.44
N PHE A 694 15.57 52.49 3.03
CA PHE A 694 16.18 51.38 3.76
C PHE A 694 16.27 50.18 2.83
N VAL A 695 17.48 49.96 2.30
CA VAL A 695 17.69 49.06 1.15
C VAL A 695 19.05 48.39 1.30
N PRO A 696 19.20 47.18 0.73
CA PRO A 696 20.54 46.61 0.61
C PRO A 696 21.47 47.51 -0.19
N HIS A 697 22.77 47.29 0.01
CA HIS A 697 23.78 48.17 -0.54
C HIS A 697 23.89 48.10 -2.06
N THR A 698 23.19 47.17 -2.70
CA THR A 698 23.44 46.91 -4.12
C THR A 698 22.62 47.80 -5.06
N VAL A 699 21.40 48.17 -4.68
CA VAL A 699 20.51 48.85 -5.62
C VAL A 699 21.10 50.18 -6.08
N VAL A 700 21.93 50.81 -5.24
CA VAL A 700 22.54 52.08 -5.63
C VAL A 700 23.38 51.90 -6.88
N PHE A 701 24.10 50.78 -6.98
CA PHE A 701 24.85 50.48 -8.18
C PHE A 701 24.00 49.83 -9.27
N GLU A 702 22.80 49.37 -8.92
CA GLU A 702 21.92 48.72 -9.90
C GLU A 702 21.02 49.69 -10.64
N ASN A 703 20.92 50.94 -10.18
CA ASN A 703 20.04 51.92 -10.83
C ASN A 703 20.72 53.26 -11.02
N THR A 704 22.03 53.33 -10.91
CA THR A 704 22.78 54.56 -11.17
C THR A 704 23.94 54.22 -12.10
N ASP A 705 24.90 55.14 -12.21
CA ASP A 705 26.10 54.99 -13.04
C ASP A 705 25.62 54.79 -14.48
N GLY A 706 26.17 53.83 -15.23
CA GLY A 706 25.69 53.55 -16.57
C GLY A 706 24.73 52.38 -16.60
N LYS A 707 24.83 51.50 -15.61
CA LYS A 707 23.94 50.35 -15.49
C LYS A 707 22.69 50.78 -14.74
N ASN A 708 21.70 51.25 -15.49
CA ASN A 708 20.48 51.79 -14.91
C ASN A 708 19.36 51.68 -15.94
N PRO A 709 18.09 51.76 -15.52
CA PRO A 709 16.98 51.71 -16.48
C PRO A 709 16.91 52.94 -17.38
N ALA A 710 15.76 53.16 -18.00
CA ALA A 710 15.58 54.24 -18.96
C ALA A 710 14.25 54.95 -18.74
N VAL A 711 13.90 55.22 -17.49
CA VAL A 711 12.67 55.93 -17.18
C VAL A 711 12.98 57.07 -16.21
N TRP A 712 13.14 56.73 -14.93
CA TRP A 712 13.40 57.71 -13.88
C TRP A 712 14.85 57.72 -13.42
N ALA A 713 15.66 56.75 -13.83
CA ALA A 713 17.07 56.67 -13.47
C ALA A 713 17.91 56.57 -14.75
N LYS A 714 17.83 57.61 -15.57
CA LYS A 714 18.57 57.66 -16.83
C LYS A 714 19.85 58.47 -16.72
N ASN A 715 19.87 59.53 -15.92
CA ASN A 715 21.05 60.35 -15.71
C ASN A 715 21.44 60.40 -14.24
N LEU A 716 21.13 59.34 -13.50
CA LEU A 716 21.48 59.26 -12.08
C LEU A 716 22.84 58.60 -11.91
N LYS A 717 23.59 59.07 -10.92
CA LYS A 717 24.93 58.57 -10.63
C LYS A 717 25.03 58.19 -9.17
N SER A 718 25.84 57.17 -8.89
CA SER A 718 26.04 56.72 -7.51
C SER A 718 26.81 57.74 -6.69
N GLU A 719 27.51 58.68 -7.33
CA GLU A 719 28.22 59.72 -6.62
C GLU A 719 27.31 60.85 -6.14
N ASP A 720 26.01 60.76 -6.39
CA ASP A 720 25.04 61.73 -5.92
C ASP A 720 24.30 61.24 -4.68
N PHE A 721 24.71 60.12 -4.11
CA PHE A 721 24.05 59.52 -2.96
C PHE A 721 25.08 59.23 -1.88
N GLU A 722 24.59 59.09 -0.64
CA GLU A 722 25.43 58.76 0.51
C GLU A 722 24.69 57.76 1.40
N LEU A 723 25.43 57.21 2.35
CA LEU A 723 24.90 56.24 3.30
C LEU A 723 24.94 56.82 4.71
N LEU A 724 23.87 56.59 5.47
CA LEU A 724 23.79 57.03 6.85
C LEU A 724 24.37 55.96 7.76
N CYS A 725 25.26 56.36 8.66
CA CYS A 725 25.90 55.45 9.60
C CYS A 725 25.24 55.56 10.97
N LEU A 726 25.55 54.59 11.82
CA LEU A 726 24.88 54.50 13.12
C LEU A 726 25.32 55.62 14.07
N ASP A 727 26.54 56.13 13.91
CA ASP A 727 27.03 57.19 14.77
C ASP A 727 26.49 58.56 14.42
N GLY A 728 25.59 58.66 13.44
CA GLY A 728 25.02 59.92 13.04
C GLY A 728 25.79 60.67 11.97
N SER A 729 26.73 60.02 11.30
CA SER A 729 27.52 60.64 10.25
C SER A 729 27.07 60.12 8.88
N ARG A 730 27.85 60.46 7.85
CA ARG A 730 27.58 60.02 6.50
C ARG A 730 28.83 59.42 5.89
N ALA A 731 28.63 58.61 4.85
CA ALA A 731 29.75 57.97 4.16
C ALA A 731 29.39 57.83 2.69
N PRO A 732 30.38 57.63 1.83
CA PRO A 732 30.08 57.31 0.43
C PRO A 732 29.35 55.98 0.32
N VAL A 733 28.78 55.75 -0.85
CA VAL A 733 28.00 54.53 -1.07
C VAL A 733 28.89 53.30 -1.02
N SER A 734 30.13 53.41 -1.52
CA SER A 734 31.03 52.28 -1.53
C SER A 734 31.52 51.87 -0.14
N ASN A 735 31.20 52.65 0.89
CA ASN A 735 31.58 52.33 2.26
C ASN A 735 30.52 51.52 2.99
N TYR A 736 29.93 50.52 2.33
CA TYR A 736 28.84 49.77 2.95
C TYR A 736 29.33 48.74 3.96
N LYS A 737 30.60 48.35 3.91
CA LYS A 737 31.10 47.37 4.86
C LYS A 737 31.31 47.96 6.25
N SER A 738 31.39 49.29 6.36
CA SER A 738 31.55 49.97 7.64
C SER A 738 30.34 50.81 8.01
N CYS A 739 29.83 51.61 7.07
CA CYS A 739 28.67 52.47 7.31
C CYS A 739 27.42 51.72 6.88
N LYS A 740 27.01 50.77 7.73
CA LYS A 740 25.85 49.94 7.46
C LYS A 740 24.98 49.85 8.71
N LEU A 741 23.68 49.63 8.49
CA LEU A 741 22.78 49.42 9.61
C LEU A 741 23.06 48.08 10.29
N SER A 742 23.15 47.01 9.50
CA SER A 742 23.49 45.68 10.01
C SER A 742 23.83 44.80 8.83
N GLY A 743 24.31 43.60 9.14
CA GLY A 743 24.63 42.60 8.12
C GLY A 743 23.62 41.47 8.15
N ILE A 744 23.38 40.88 6.99
CA ILE A 744 22.39 39.83 6.81
C ILE A 744 23.12 38.49 6.69
N PRO A 745 22.76 37.48 7.48
CA PRO A 745 23.42 36.17 7.35
C PRO A 745 23.07 35.52 6.02
N PRO A 746 23.92 34.61 5.54
CA PRO A 746 23.65 33.95 4.26
C PRO A 746 22.56 32.90 4.40
N PRO A 747 21.85 32.58 3.32
CA PRO A 747 20.87 31.49 3.38
C PRO A 747 21.54 30.17 3.72
N ALA A 748 20.98 29.47 4.70
CA ALA A 748 21.62 28.30 5.28
C ALA A 748 20.86 27.04 4.88
N ILE A 749 21.59 26.04 4.39
CA ILE A 749 21.04 24.71 4.16
C ILE A 749 21.24 23.94 5.46
N VAL A 750 20.12 23.59 6.11
CA VAL A 750 20.13 23.01 7.43
C VAL A 750 19.62 21.58 7.38
N THR A 751 19.96 20.83 8.44
CA THR A 751 19.55 19.45 8.62
C THR A 751 19.57 19.16 10.12
N ARG A 752 19.31 17.91 10.48
CA ARG A 752 19.40 17.52 11.88
C ARG A 752 20.86 17.33 12.28
N GLU A 753 21.08 17.23 13.59
CA GLU A 753 22.45 17.09 14.10
C GLU A 753 23.08 15.76 13.66
N GLU A 754 22.37 14.66 13.89
CA GLU A 754 22.90 13.34 13.55
C GLU A 754 23.20 13.18 12.07
N SER A 755 22.68 14.07 11.22
CA SER A 755 22.91 14.00 9.79
C SER A 755 23.96 14.99 9.30
N ILE A 756 24.48 15.83 10.19
CA ILE A 756 25.44 16.87 9.78
C ILE A 756 26.59 16.25 9.00
N SER A 757 27.36 15.37 9.66
CA SER A 757 28.50 14.73 9.02
C SER A 757 28.10 13.94 7.78
N ASP A 758 26.82 13.58 7.64
CA ASP A 758 26.37 12.84 6.47
C ASP A 758 25.86 13.73 5.36
N VAL A 759 25.58 15.00 5.63
CA VAL A 759 25.05 15.89 4.60
C VAL A 759 26.21 16.56 3.87
N VAL A 760 27.07 17.27 4.61
CA VAL A 760 28.11 18.09 4.00
C VAL A 760 28.91 17.29 2.98
N ARG A 761 29.36 16.09 3.37
CA ARG A 761 30.10 15.21 2.47
C ARG A 761 29.38 15.08 1.13
N ILE A 762 28.12 14.61 1.17
CA ILE A 762 27.37 14.42 -0.08
C ILE A 762 27.30 15.72 -0.85
N VAL A 763 27.08 16.84 -0.14
CA VAL A 763 27.07 18.14 -0.80
C VAL A 763 28.35 18.32 -1.60
N ALA A 764 29.49 18.17 -0.94
CA ALA A 764 30.77 18.24 -1.65
C ALA A 764 30.80 17.22 -2.79
N ASN A 765 30.37 16.00 -2.52
CA ASN A 765 30.37 14.96 -3.55
C ASN A 765 29.49 15.35 -4.72
N GLN A 766 28.42 16.11 -4.47
CA GLN A 766 27.56 16.55 -5.56
C GLN A 766 27.93 17.93 -6.08
N GLN A 767 28.90 18.60 -5.46
CA GLN A 767 29.32 19.91 -5.93
C GLN A 767 30.44 19.78 -6.96
N SER A 768 31.51 19.07 -6.61
CA SER A 768 32.59 18.80 -7.55
C SER A 768 32.12 18.11 -8.82
N LEU A 769 30.89 17.58 -8.83
CA LEU A 769 30.30 17.00 -10.02
C LEU A 769 29.29 17.92 -10.69
N TYR A 770 28.62 18.79 -9.93
CA TYR A 770 27.53 19.58 -10.48
C TYR A 770 27.62 21.07 -10.09
N GLY A 771 28.78 21.51 -9.62
CA GLY A 771 28.98 22.91 -9.29
C GLY A 771 29.22 23.75 -10.52
N ARG A 772 29.75 24.96 -10.29
CA ARG A 772 30.03 25.86 -11.41
C ARG A 772 31.27 25.43 -12.18
N LYS A 773 32.24 24.82 -11.50
CA LYS A 773 33.45 24.27 -12.12
C LYS A 773 33.60 22.80 -11.77
N GLY A 774 32.54 22.03 -11.96
CA GLY A 774 32.55 20.62 -11.66
C GLY A 774 32.86 19.76 -12.88
N PHE A 775 32.98 18.46 -12.63
CA PHE A 775 33.42 17.53 -13.68
C PHE A 775 32.29 17.21 -14.66
N GLU A 776 31.04 17.26 -14.22
CA GLU A 776 29.89 16.91 -15.04
C GLU A 776 28.92 18.09 -15.15
N LYS A 777 29.45 19.30 -15.30
CA LYS A 777 28.61 20.49 -15.38
C LYS A 777 27.83 20.58 -16.68
N ASP A 778 28.14 19.75 -17.66
CA ASP A 778 27.35 19.66 -18.88
C ASP A 778 26.16 18.72 -18.73
N MET A 779 26.03 18.03 -17.60
CA MET A 779 24.90 17.18 -17.32
C MET A 779 23.89 17.83 -16.39
N PHE A 780 24.34 18.51 -15.34
CA PHE A 780 23.46 19.26 -14.46
C PHE A 780 24.28 20.31 -13.72
N GLN A 781 23.83 21.56 -13.81
CA GLN A 781 24.40 22.65 -13.02
C GLN A 781 23.53 22.85 -11.79
N LEU A 782 24.16 22.81 -10.60
CA LEU A 782 23.39 22.88 -9.36
C LEU A 782 22.68 24.21 -9.20
N PHE A 783 23.25 25.29 -9.74
CA PHE A 783 22.75 26.64 -9.50
C PHE A 783 22.07 27.24 -10.71
N SER A 784 21.49 26.39 -11.56
CA SER A 784 20.71 26.83 -12.71
C SER A 784 19.87 25.66 -13.18
N SER A 785 18.74 25.98 -13.82
CA SER A 785 17.83 24.94 -14.27
C SER A 785 16.94 25.49 -15.37
N ASN A 786 16.70 24.66 -16.40
CA ASN A 786 15.72 24.99 -17.42
C ASN A 786 14.29 24.94 -16.88
N LYS A 787 14.09 24.36 -15.70
CA LYS A 787 12.75 24.26 -15.12
C LYS A 787 12.31 25.57 -14.46
N GLY A 788 13.24 26.43 -14.10
CA GLY A 788 12.88 27.69 -13.48
C GLY A 788 14.10 28.41 -12.94
N ASN A 789 13.83 29.55 -12.31
CA ASN A 789 14.85 30.41 -11.73
C ASN A 789 14.81 30.31 -10.22
N ASN A 790 16.00 30.29 -9.61
CA ASN A 790 16.15 30.28 -8.15
C ASN A 790 15.45 29.08 -7.51
N LEU A 791 15.60 27.91 -8.13
CA LEU A 791 15.06 26.68 -7.59
C LEU A 791 16.10 26.00 -6.72
N LEU A 792 15.63 25.37 -5.63
CA LEU A 792 16.50 24.72 -4.65
C LEU A 792 17.47 25.70 -4.00
N PHE A 793 18.32 26.32 -4.81
CA PHE A 793 19.22 27.36 -4.33
C PHE A 793 19.04 28.60 -5.19
N ASN A 794 19.52 29.73 -4.66
CA ASN A 794 19.53 30.96 -5.45
C ASN A 794 20.47 30.80 -6.64
N ASP A 795 19.99 31.16 -7.83
CA ASP A 795 20.77 30.90 -9.04
C ASP A 795 22.03 31.75 -9.13
N ASN A 796 22.20 32.75 -8.26
CA ASN A 796 23.43 33.53 -8.22
C ASN A 796 24.43 32.99 -7.21
N THR A 797 24.15 31.81 -6.63
CA THR A 797 25.06 31.23 -5.66
C THR A 797 26.34 30.76 -6.34
N GLN A 798 27.49 31.06 -5.73
CA GLN A 798 28.75 30.61 -6.28
C GLN A 798 29.04 29.16 -5.91
N CYS A 799 28.91 28.83 -4.63
CA CYS A 799 29.05 27.45 -4.17
C CYS A 799 28.42 27.34 -2.77
N LEU A 800 28.59 26.18 -2.16
CA LEU A 800 28.07 25.92 -0.81
C LEU A 800 29.25 25.62 0.11
N ILE A 801 29.50 26.52 1.06
CA ILE A 801 30.60 26.39 2.00
C ILE A 801 30.09 25.68 3.25
N THR A 802 30.89 24.74 3.76
CA THR A 802 30.52 24.04 4.97
C THR A 802 30.58 24.97 6.18
N PHE A 803 29.70 24.74 7.14
CA PHE A 803 29.58 25.61 8.30
C PHE A 803 30.69 25.27 9.30
N ASP A 804 31.53 26.27 9.60
CA ASP A 804 32.58 26.12 10.60
C ASP A 804 31.97 26.40 11.97
N ARG A 805 31.68 25.36 12.73
CA ARG A 805 31.01 25.51 14.01
C ARG A 805 31.98 26.10 15.03
N GLN A 806 31.69 27.34 15.48
CA GLN A 806 32.51 28.02 16.47
C GLN A 806 31.96 27.76 17.87
N PRO A 807 32.83 27.74 18.89
CA PRO A 807 32.36 27.48 20.25
C PRO A 807 31.58 28.63 20.86
N LYS A 808 30.34 28.83 20.41
CA LYS A 808 29.47 29.84 20.96
C LYS A 808 28.02 29.40 20.73
N ASP A 809 27.08 30.31 21.00
CA ASP A 809 25.67 30.00 20.85
C ASP A 809 25.33 29.75 19.38
N ILE A 810 24.44 28.78 19.15
CA ILE A 810 23.99 28.49 17.79
C ILE A 810 23.35 29.74 17.16
N MET A 811 22.47 30.39 17.91
CA MET A 811 21.86 31.63 17.43
C MET A 811 22.93 32.66 17.09
N GLU A 812 23.88 32.86 18.01
CA GLU A 812 24.97 33.80 17.74
C GLU A 812 25.79 33.34 16.54
N ASP A 813 26.23 32.08 16.55
CA ASP A 813 27.09 31.56 15.49
C ASP A 813 26.49 31.76 14.11
N TYR A 814 25.17 31.60 13.99
CA TYR A 814 24.53 31.79 12.68
C TYR A 814 24.29 33.27 12.40
N PHE A 815 23.55 33.95 13.27
CA PHE A 815 23.04 35.28 12.94
C PHE A 815 24.15 36.34 12.96
N GLY A 816 25.07 36.26 13.91
CA GLY A 816 25.96 37.36 14.17
C GLY A 816 25.42 38.17 15.32
N LYS A 817 26.25 38.45 16.33
CA LYS A 817 25.77 39.16 17.51
C LYS A 817 25.11 40.50 17.18
N PRO A 818 25.58 41.30 16.21
CA PRO A 818 24.79 42.45 15.77
C PRO A 818 23.37 42.07 15.38
N TYR A 819 23.23 41.14 14.42
CA TYR A 819 21.90 40.75 13.96
C TYR A 819 21.08 40.14 15.09
N TYR A 820 21.70 39.26 15.88
CA TYR A 820 20.99 38.61 16.98
C TYR A 820 20.44 39.65 17.96
N THR A 821 21.32 40.46 18.54
CA THR A 821 20.92 41.45 19.53
C THR A 821 20.01 42.53 18.95
N THR A 822 20.08 42.78 17.64
CA THR A 822 19.25 43.82 17.05
C THR A 822 17.83 43.33 16.77
N VAL A 823 17.72 42.18 16.11
CA VAL A 823 16.40 41.67 15.72
C VAL A 823 15.72 40.95 16.88
N TYR A 824 16.40 39.97 17.47
CA TYR A 824 15.79 39.16 18.51
C TYR A 824 16.27 39.52 19.91
N GLY A 825 17.10 40.55 20.05
CA GLY A 825 17.57 40.97 21.36
C GLY A 825 18.38 39.92 22.09
N ALA A 826 19.06 39.04 21.35
CA ALA A 826 19.85 37.95 21.94
C ALA A 826 19.01 37.11 22.90
N SER A 827 17.73 36.92 22.54
CA SER A 827 16.78 36.22 23.38
C SER A 827 16.10 35.12 22.58
N ARG A 828 15.83 34.00 23.24
CA ARG A 828 15.07 32.91 22.64
C ARG A 828 13.57 33.06 22.86
N SER A 829 13.12 34.17 23.45
CA SER A 829 11.72 34.42 23.70
C SER A 829 11.18 35.58 22.87
N ALA A 830 11.90 36.01 21.85
CA ALA A 830 11.46 37.14 21.03
C ALA A 830 10.32 36.76 20.09
N MET A 831 10.23 35.49 19.69
CA MET A 831 9.20 35.03 18.78
C MET A 831 8.45 33.85 19.40
N SER A 832 7.20 33.68 18.99
CA SER A 832 6.36 32.59 19.47
C SER A 832 5.51 32.08 18.32
N SER A 833 5.52 30.76 18.12
CA SER A 833 4.70 30.13 17.09
C SER A 833 4.36 28.72 17.52
N GLU A 834 3.49 28.08 16.74
CA GLU A 834 3.09 26.71 17.05
C GLU A 834 4.27 25.75 16.92
N LEU A 835 5.12 25.96 15.92
CA LEU A 835 6.29 25.10 15.76
C LEU A 835 7.26 25.25 16.94
N ILE A 836 7.43 26.48 17.43
CA ILE A 836 8.31 26.69 18.57
C ILE A 836 7.73 26.04 19.82
N SER A 837 6.41 26.08 19.98
CA SER A 837 5.78 25.40 21.11
C SER A 837 5.93 23.90 21.00
N ALA A 838 5.86 23.36 19.77
CA ALA A 838 6.06 21.92 19.58
C ALA A 838 7.49 21.50 19.86
N CYS A 839 8.43 22.44 19.87
CA CYS A 839 9.84 22.15 20.17
C CYS A 839 10.22 22.58 21.59
N THR A 840 9.25 22.78 22.47
CA THR A 840 9.49 23.24 23.82
C THR A 840 9.13 22.13 24.81
N ILE A 841 10.01 21.92 25.78
CA ILE A 841 9.75 20.94 26.85
C ILE A 841 8.77 21.55 27.83
N LYS A 842 7.77 20.77 28.24
CA LYS A 842 6.75 21.21 29.20
C LYS A 842 7.14 20.68 30.57
N HIS A 843 7.71 21.55 31.40
CA HIS A 843 8.12 21.20 32.75
C HIS A 843 6.91 21.30 33.67
N CYS A 844 6.43 20.14 34.14
CA CYS A 844 5.27 20.12 35.01
C CYS A 844 5.62 20.61 36.41
N SER A 845 4.64 21.24 37.06
CA SER A 845 4.80 21.71 38.42
C SER A 845 3.42 21.84 39.05
N ASN A 846 3.38 21.78 40.38
CA ASN A 846 2.12 21.90 41.10
C ASN A 846 1.54 23.31 41.03
N SER A 847 2.38 24.31 40.79
CA SER A 847 1.92 25.69 40.67
C SER A 847 3.05 26.51 40.08
N LEU A 848 2.74 27.74 39.67
CA LEU A 848 3.73 28.70 39.23
C LEU A 848 4.22 29.59 40.37
N GLU A 849 3.82 29.28 41.61
CA GLU A 849 4.20 30.08 42.78
C GLU A 849 5.70 30.18 42.98
N VAL A 850 6.50 29.35 42.28
CA VAL A 850 7.95 29.39 42.42
C VAL A 850 8.55 30.71 41.95
N LEU A 851 7.78 31.53 41.24
CA LEU A 851 8.23 32.85 40.78
C LEU A 851 9.51 32.76 39.95
N LYS B 24 28.18 -25.95 -9.78
CA LYS B 24 26.76 -25.70 -9.55
C LYS B 24 26.33 -26.15 -8.16
N GLN B 25 25.49 -25.35 -7.52
CA GLN B 25 24.95 -25.66 -6.20
C GLN B 25 23.44 -25.50 -6.21
N VAL B 26 22.77 -26.28 -5.37
CA VAL B 26 21.33 -26.19 -5.15
C VAL B 26 21.12 -26.14 -3.64
N ARG B 27 20.72 -24.97 -3.14
CA ARG B 27 20.58 -24.74 -1.70
C ARG B 27 19.13 -25.00 -1.31
N TRP B 28 18.88 -26.17 -0.73
CA TRP B 28 17.56 -26.48 -0.22
C TRP B 28 17.38 -25.90 1.17
N CYS B 29 16.15 -25.49 1.48
CA CYS B 29 15.84 -24.84 2.75
C CYS B 29 15.04 -25.81 3.61
N ALA B 30 15.64 -26.22 4.72
CA ALA B 30 14.97 -27.07 5.71
C ALA B 30 14.38 -26.21 6.81
N ILE B 31 13.21 -26.62 7.31
CA ILE B 31 12.51 -25.85 8.33
C ILE B 31 12.75 -26.35 9.74
N SER B 32 13.40 -27.50 9.91
CA SER B 32 13.55 -28.11 11.22
C SER B 32 14.86 -28.87 11.28
N ASP B 33 15.17 -29.37 12.48
CA ASP B 33 16.37 -30.18 12.66
C ASP B 33 16.25 -31.53 11.96
N LEU B 34 15.06 -32.13 11.98
CA LEU B 34 14.86 -33.41 11.32
C LEU B 34 14.99 -33.28 9.81
N GLU B 35 14.44 -32.20 9.24
CA GLU B 35 14.62 -31.96 7.81
C GLU B 35 16.08 -31.67 7.48
N GLN B 36 16.79 -31.00 8.39
CA GLN B 36 18.23 -30.78 8.18
C GLN B 36 18.98 -32.11 8.18
N LYS B 37 18.62 -33.03 9.07
CA LYS B 37 19.25 -34.34 9.09
C LYS B 37 18.97 -35.11 7.81
N LYS B 38 17.72 -35.07 7.33
CA LYS B 38 17.39 -35.76 6.09
C LYS B 38 18.15 -35.14 4.90
N CYS B 39 18.25 -33.80 4.89
CA CYS B 39 18.97 -33.13 3.81
C CYS B 39 20.45 -33.48 3.82
N ASN B 40 21.06 -33.57 5.01
CA ASN B 40 22.46 -33.97 5.08
C ASN B 40 22.65 -35.44 4.72
N ASP B 41 21.69 -36.30 5.07
CA ASP B 41 21.75 -37.68 4.63
C ASP B 41 21.69 -37.77 3.11
N LEU B 42 20.87 -36.94 2.48
CA LEU B 42 20.80 -36.94 1.01
C LEU B 42 22.06 -36.35 0.40
N VAL B 43 22.66 -35.35 1.04
CA VAL B 43 23.95 -34.84 0.58
C VAL B 43 25.00 -35.93 0.60
N GLY B 44 25.04 -36.71 1.69
CA GLY B 44 26.06 -37.75 1.80
C GLY B 44 25.81 -38.91 0.86
N SER B 45 24.56 -39.33 0.72
CA SER B 45 24.23 -40.53 -0.04
C SER B 45 24.08 -40.25 -1.53
N CYS B 46 23.15 -39.36 -1.89
CA CYS B 46 22.85 -39.12 -3.30
C CYS B 46 24.01 -38.40 -3.96
N ASN B 47 24.50 -38.99 -5.07
CA ASN B 47 25.65 -38.48 -5.80
C ASN B 47 25.20 -38.04 -7.20
N VAL B 48 24.85 -36.77 -7.32
CA VAL B 48 24.51 -36.15 -8.60
C VAL B 48 25.76 -35.47 -9.14
N PRO B 49 26.18 -35.74 -10.39
CA PRO B 49 27.41 -35.14 -10.89
C PRO B 49 27.20 -33.70 -11.33
N ASP B 50 28.21 -32.88 -11.08
CA ASP B 50 28.28 -31.46 -11.43
C ASP B 50 27.28 -30.61 -10.66
N ILE B 51 26.57 -31.17 -9.70
CA ILE B 51 25.61 -30.42 -8.88
C ILE B 51 25.82 -30.81 -7.42
N THR B 52 26.01 -29.81 -6.56
CA THR B 52 26.22 -30.03 -5.14
C THR B 52 25.00 -29.57 -4.37
N LEU B 53 24.51 -30.42 -3.46
CA LEU B 53 23.36 -30.11 -2.63
C LEU B 53 23.83 -29.46 -1.34
N VAL B 54 23.22 -28.33 -1.00
CA VAL B 54 23.54 -27.57 0.22
C VAL B 54 22.27 -27.41 1.04
N CYS B 55 22.39 -27.53 2.36
CA CYS B 55 21.26 -27.50 3.26
C CYS B 55 21.32 -26.21 4.08
N VAL B 56 20.27 -25.39 3.97
CA VAL B 56 20.14 -24.15 4.72
C VAL B 56 19.00 -24.31 5.72
N LEU B 57 19.27 -24.01 6.98
CA LEU B 57 18.31 -24.24 8.05
C LEU B 57 17.61 -22.94 8.43
N ARG B 58 16.29 -23.01 8.61
CA ARG B 58 15.49 -21.90 9.09
C ARG B 58 14.54 -22.41 10.17
N SER B 59 13.85 -21.48 10.83
CA SER B 59 13.03 -21.81 11.98
C SER B 59 11.62 -22.23 11.61
N SER B 60 11.13 -21.89 10.43
CA SER B 60 9.74 -22.19 10.06
C SER B 60 9.62 -22.16 8.54
N THR B 61 8.40 -22.39 8.07
CA THR B 61 8.14 -22.39 6.63
C THR B 61 8.28 -20.98 6.04
N GLU B 62 7.71 -19.99 6.72
CA GLU B 62 7.81 -18.61 6.22
C GLU B 62 9.24 -18.11 6.27
N ASP B 63 10.03 -18.53 7.26
CA ASP B 63 11.44 -18.15 7.28
C ASP B 63 12.18 -18.74 6.08
N CYS B 64 11.83 -19.96 5.68
CA CYS B 64 12.44 -20.56 4.50
C CYS B 64 12.02 -19.83 3.24
N MET B 65 10.73 -19.48 3.14
CA MET B 65 10.27 -18.72 1.98
C MET B 65 10.97 -17.37 1.90
N THR B 66 11.21 -16.73 3.04
CA THR B 66 11.94 -15.47 3.06
C THR B 66 13.40 -15.67 2.64
N ALA B 67 14.04 -16.72 3.15
CA ALA B 67 15.42 -16.99 2.75
C ALA B 67 15.53 -17.25 1.25
N ILE B 68 14.54 -17.93 0.67
CA ILE B 68 14.52 -18.12 -0.77
C ILE B 68 14.31 -16.79 -1.48
N LYS B 69 13.42 -15.94 -0.95
CA LYS B 69 13.20 -14.63 -1.54
C LYS B 69 14.45 -13.77 -1.51
N ASP B 70 15.28 -13.94 -0.47
CA ASP B 70 16.48 -13.13 -0.29
C ASP B 70 17.71 -13.74 -0.98
N GLY B 71 17.54 -14.81 -1.73
CA GLY B 71 18.66 -15.45 -2.40
C GLY B 71 19.57 -16.26 -1.50
N GLN B 72 19.17 -16.50 -0.25
CA GLN B 72 19.95 -17.34 0.65
C GLN B 72 19.61 -18.82 0.52
N ALA B 73 18.49 -19.15 -0.10
CA ALA B 73 18.13 -20.52 -0.42
C ALA B 73 17.51 -20.55 -1.80
N ASP B 74 17.45 -21.74 -2.40
CA ASP B 74 17.06 -21.89 -3.79
C ASP B 74 15.66 -22.48 -3.96
N ALA B 75 15.35 -23.59 -3.28
CA ALA B 75 14.09 -24.28 -3.49
C ALA B 75 13.56 -24.83 -2.18
N MET B 76 12.24 -25.01 -2.12
CA MET B 76 11.63 -25.72 -1.00
C MET B 76 10.35 -26.38 -1.48
N PHE B 77 9.65 -27.05 -0.57
CA PHE B 77 8.41 -27.74 -0.89
C PHE B 77 7.27 -27.12 -0.08
N LEU B 78 6.23 -26.68 -0.76
CA LEU B 78 5.13 -25.98 -0.12
C LEU B 78 3.82 -26.74 -0.32
N ASP B 79 2.95 -26.62 0.68
CA ASP B 79 1.57 -27.08 0.57
C ASP B 79 0.84 -26.30 -0.52
N SER B 80 -0.17 -26.93 -1.11
CA SER B 80 -0.96 -26.24 -2.12
C SER B 80 -1.68 -25.03 -1.54
N GLY B 81 -2.03 -25.07 -0.26
CA GLY B 81 -2.67 -23.95 0.39
C GLY B 81 -1.78 -22.77 0.68
N GLU B 82 -0.49 -22.86 0.37
CA GLU B 82 0.44 -21.77 0.58
C GLU B 82 0.95 -21.16 -0.72
N VAL B 83 0.59 -21.74 -1.87
CA VAL B 83 1.16 -21.30 -3.14
C VAL B 83 0.69 -19.89 -3.48
N TYR B 84 -0.59 -19.60 -3.28
CA TYR B 84 -1.11 -18.27 -3.60
C TYR B 84 -0.41 -17.20 -2.78
N GLU B 85 -0.34 -17.39 -1.45
CA GLU B 85 0.34 -16.43 -0.60
C GLU B 85 1.82 -16.36 -0.90
N ALA B 86 2.43 -17.46 -1.36
CA ALA B 86 3.82 -17.44 -1.75
C ALA B 86 4.04 -16.63 -3.02
N SER B 87 3.04 -16.59 -3.91
CA SER B 87 3.18 -15.80 -5.13
C SER B 87 3.10 -14.30 -4.88
N LYS B 88 2.49 -13.89 -3.77
CA LYS B 88 2.39 -12.47 -3.46
C LYS B 88 3.58 -12.03 -2.60
N ASP B 89 3.57 -10.75 -2.24
CA ASP B 89 4.53 -10.24 -1.27
C ASP B 89 4.22 -10.82 0.11
N PRO B 90 5.24 -10.97 0.97
CA PRO B 90 6.65 -10.64 0.72
C PRO B 90 7.49 -11.86 0.32
N TYR B 91 7.05 -12.60 -0.69
CA TYR B 91 7.76 -13.83 -1.05
C TYR B 91 7.97 -13.93 -2.56
N ASN B 92 6.88 -13.89 -3.34
CA ASN B 92 6.92 -13.93 -4.80
C ASN B 92 7.66 -15.18 -5.30
N LEU B 93 7.03 -16.33 -5.02
CA LEU B 93 7.58 -17.63 -5.38
C LEU B 93 6.61 -18.34 -6.32
N LYS B 94 7.17 -19.01 -7.33
CA LYS B 94 6.37 -19.73 -8.30
C LYS B 94 6.67 -21.23 -8.24
N PRO B 95 5.67 -22.07 -8.52
CA PRO B 95 5.95 -23.51 -8.62
C PRO B 95 6.76 -23.82 -9.86
N ILE B 96 7.59 -24.86 -9.76
CA ILE B 96 8.44 -25.26 -10.88
C ILE B 96 8.42 -26.77 -11.06
N ILE B 97 8.33 -27.51 -9.97
CA ILE B 97 8.46 -28.97 -9.99
C ILE B 97 7.40 -29.57 -9.08
N ALA B 98 6.49 -30.34 -9.65
CA ALA B 98 5.41 -30.93 -8.87
C ALA B 98 5.12 -32.34 -9.36
N GLU B 99 4.41 -33.10 -8.52
CA GLU B 99 4.00 -34.44 -8.88
C GLU B 99 2.76 -34.38 -9.75
N PRO B 100 2.80 -34.88 -10.98
CA PRO B 100 1.62 -34.80 -11.84
C PRO B 100 0.49 -35.67 -11.33
N TYR B 101 -0.74 -35.18 -11.50
CA TYR B 101 -1.91 -35.91 -11.04
C TYR B 101 -2.11 -37.17 -11.89
N SER B 102 -2.58 -38.23 -11.25
CA SER B 102 -2.83 -39.49 -11.95
C SER B 102 -4.05 -39.35 -12.85
N SER B 103 -3.83 -38.98 -14.10
CA SER B 103 -4.92 -38.73 -15.04
C SER B 103 -5.47 -40.05 -15.59
N ASN B 104 -6.63 -39.95 -16.23
CA ASN B 104 -7.26 -41.08 -16.91
C ASN B 104 -6.77 -41.15 -18.37
N ARG B 105 -5.46 -41.33 -18.51
CA ARG B 105 -4.84 -41.37 -19.84
C ARG B 105 -4.51 -42.79 -20.30
N ASP B 106 -4.41 -43.74 -19.37
CA ASP B 106 -4.16 -45.15 -19.70
C ASP B 106 -2.88 -45.31 -20.52
N LEU B 107 -1.88 -44.46 -20.26
CA LEU B 107 -0.61 -44.53 -20.99
C LEU B 107 0.21 -45.73 -20.54
N GLN B 108 1.25 -45.48 -19.74
CA GLN B 108 2.06 -46.55 -19.19
C GLN B 108 1.78 -46.70 -17.70
N LYS B 109 0.50 -46.79 -17.33
CA LYS B 109 0.13 -46.83 -15.93
C LYS B 109 0.59 -48.12 -15.25
N CYS B 110 0.39 -49.26 -15.91
CA CYS B 110 0.86 -50.53 -15.34
C CYS B 110 2.38 -50.55 -15.23
N LEU B 111 3.08 -49.94 -16.20
CA LEU B 111 4.54 -49.96 -16.18
C LEU B 111 5.09 -49.17 -14.99
N LYS B 112 4.53 -47.99 -14.72
CA LYS B 112 5.00 -47.20 -13.60
C LYS B 112 4.78 -47.92 -12.28
N GLU B 113 3.59 -48.50 -12.09
CA GLU B 113 3.30 -49.22 -10.86
C GLU B 113 4.16 -50.48 -10.73
N ARG B 114 4.42 -51.15 -11.86
CA ARG B 114 5.29 -52.34 -11.83
C ARG B 114 6.71 -51.96 -11.46
N GLN B 115 7.21 -50.84 -11.99
CA GLN B 115 8.55 -50.38 -11.62
C GLN B 115 8.60 -49.97 -10.16
N GLN B 116 7.53 -49.36 -9.64
CA GLN B 116 7.48 -49.04 -8.22
C GLN B 116 7.51 -50.31 -7.37
N ALA B 117 6.71 -51.30 -7.73
CA ALA B 117 6.66 -52.55 -6.98
C ALA B 117 7.99 -53.29 -7.05
N LEU B 118 8.71 -53.19 -8.17
CA LEU B 118 10.01 -53.81 -8.26
C LEU B 118 11.04 -53.05 -7.44
N ALA B 119 10.91 -51.72 -7.38
CA ALA B 119 11.79 -50.91 -6.54
C ALA B 119 11.46 -51.03 -5.06
N LYS B 120 10.33 -51.64 -4.71
CA LYS B 120 10.00 -51.85 -3.31
C LYS B 120 10.97 -52.78 -2.61
N LYS B 121 11.69 -53.62 -3.36
CA LYS B 121 12.74 -54.49 -2.82
C LYS B 121 12.20 -55.44 -1.76
N MET B 122 11.08 -56.09 -2.08
CA MET B 122 10.42 -56.99 -1.16
C MET B 122 10.22 -58.36 -1.81
N ILE B 123 10.29 -59.40 -0.98
CA ILE B 123 9.91 -60.73 -1.43
C ILE B 123 8.40 -60.80 -1.55
N GLY B 124 7.93 -61.69 -2.42
CA GLY B 124 6.51 -61.71 -2.72
C GLY B 124 6.15 -60.43 -3.44
N HIS B 125 5.21 -59.67 -2.86
CA HIS B 125 4.84 -58.34 -3.32
C HIS B 125 4.24 -58.36 -4.72
N TYR B 126 2.94 -58.08 -4.81
CA TYR B 126 2.22 -58.09 -6.09
C TYR B 126 2.87 -57.15 -7.09
N ILE B 127 3.48 -57.71 -8.14
CA ILE B 127 4.04 -56.95 -9.24
C ILE B 127 2.98 -56.87 -10.33
N PRO B 128 2.52 -55.67 -10.71
CA PRO B 128 1.45 -55.57 -11.71
C PRO B 128 1.89 -56.11 -13.06
N GLN B 129 1.19 -57.14 -13.53
CA GLN B 129 1.47 -57.70 -14.85
C GLN B 129 0.97 -56.75 -15.93
N CYS B 130 1.78 -56.59 -16.98
CA CYS B 130 1.52 -55.61 -18.03
C CYS B 130 1.23 -56.28 -19.35
N ASP B 131 0.71 -55.48 -20.29
CA ASP B 131 0.50 -55.90 -21.66
C ASP B 131 1.76 -55.57 -22.47
N GLU B 132 1.69 -55.75 -23.79
CA GLU B 132 2.81 -55.38 -24.65
C GLU B 132 2.94 -53.87 -24.75
N LYS B 133 1.80 -53.17 -24.87
CA LYS B 133 1.79 -51.72 -24.93
C LYS B 133 1.82 -51.06 -23.56
N GLY B 134 1.78 -51.84 -22.48
CA GLY B 134 1.80 -51.27 -21.15
C GLY B 134 0.44 -50.84 -20.64
N ASN B 135 -0.63 -51.50 -21.07
CA ASN B 135 -1.96 -51.17 -20.59
C ASN B 135 -2.20 -51.80 -19.23
N TYR B 136 -2.74 -53.03 -19.21
CA TYR B 136 -3.00 -53.78 -17.99
C TYR B 136 -3.45 -55.19 -18.34
N GLN B 137 -2.80 -56.20 -17.77
CA GLN B 137 -3.27 -57.56 -17.94
C GLN B 137 -4.61 -57.72 -17.20
N PRO B 138 -5.66 -58.19 -17.88
CA PRO B 138 -6.95 -58.34 -17.19
C PRO B 138 -6.89 -59.24 -15.97
N GLN B 139 -6.13 -60.32 -16.04
CA GLN B 139 -5.96 -61.24 -14.91
C GLN B 139 -4.66 -60.91 -14.20
N GLN B 140 -4.76 -60.28 -13.03
CA GLN B 140 -3.60 -59.94 -12.22
C GLN B 140 -3.50 -60.93 -11.07
N CYS B 141 -2.33 -61.55 -10.92
CA CYS B 141 -2.12 -62.57 -9.89
C CYS B 141 -1.00 -62.13 -8.95
N HIS B 142 -0.99 -62.77 -7.78
CA HIS B 142 0.08 -62.62 -6.80
C HIS B 142 0.79 -63.97 -6.69
N GLY B 143 2.09 -63.97 -6.97
CA GLY B 143 2.81 -65.24 -7.07
C GLY B 143 2.93 -65.96 -5.75
N SER B 144 3.18 -65.23 -4.66
CA SER B 144 3.40 -65.87 -3.37
C SER B 144 2.12 -66.47 -2.81
N THR B 145 0.99 -65.79 -2.97
CA THR B 145 -0.27 -66.24 -2.40
C THR B 145 -1.06 -67.13 -3.33
N GLY B 146 -0.79 -67.10 -4.63
CA GLY B 146 -1.54 -67.90 -5.58
C GLY B 146 -2.92 -67.38 -5.92
N HIS B 147 -3.23 -66.14 -5.54
CA HIS B 147 -4.52 -65.54 -5.84
C HIS B 147 -4.48 -64.77 -7.15
N CYS B 148 -5.65 -64.62 -7.76
CA CYS B 148 -5.80 -63.90 -9.02
C CYS B 148 -7.12 -63.15 -9.02
N TRP B 149 -7.13 -62.00 -9.68
CA TRP B 149 -8.31 -61.13 -9.73
C TRP B 149 -8.32 -60.41 -11.08
N CYS B 150 -9.37 -59.63 -11.30
CA CYS B 150 -9.53 -58.83 -12.51
C CYS B 150 -9.32 -57.36 -12.20
N VAL B 151 -9.22 -56.55 -13.26
CA VAL B 151 -8.98 -55.12 -13.15
C VAL B 151 -9.86 -54.38 -14.16
N ASN B 152 -9.87 -53.05 -14.03
CA ASN B 152 -10.66 -52.17 -14.89
C ASN B 152 -9.80 -51.44 -15.92
N ALA B 153 -8.69 -52.05 -16.35
CA ALA B 153 -7.68 -51.43 -17.19
C ALA B 153 -7.06 -50.19 -16.54
N MET B 154 -7.40 -49.91 -15.28
CA MET B 154 -6.81 -48.84 -14.49
C MET B 154 -6.21 -49.33 -13.19
N GLY B 155 -6.25 -50.64 -12.92
CA GLY B 155 -5.87 -51.19 -11.64
C GLY B 155 -7.03 -51.42 -10.70
N GLU B 156 -8.19 -50.82 -10.97
CA GLU B 156 -9.38 -50.99 -10.14
C GLU B 156 -9.80 -52.45 -10.10
N LYS B 157 -9.60 -53.10 -8.96
CA LYS B 157 -9.88 -54.52 -8.82
C LYS B 157 -11.38 -54.76 -8.71
N ILE B 158 -11.94 -55.51 -9.67
CA ILE B 158 -13.36 -55.81 -9.64
C ILE B 158 -13.69 -56.59 -8.38
N SER B 159 -14.81 -56.25 -7.75
CA SER B 159 -15.14 -56.78 -6.44
C SER B 159 -15.26 -58.30 -6.48
N GLY B 160 -14.52 -58.96 -5.59
CA GLY B 160 -14.63 -60.39 -5.42
C GLY B 160 -14.08 -61.25 -6.52
N THR B 161 -13.41 -60.66 -7.52
CA THR B 161 -12.74 -61.46 -8.53
C THR B 161 -11.54 -62.22 -7.97
N ASN B 162 -11.21 -62.00 -6.70
CA ASN B 162 -10.12 -62.72 -6.06
C ASN B 162 -10.49 -64.19 -5.92
N THR B 163 -9.71 -65.06 -6.55
CA THR B 163 -9.92 -66.49 -6.50
C THR B 163 -8.71 -67.17 -5.87
N PRO B 164 -8.91 -68.05 -4.89
CA PRO B 164 -7.78 -68.75 -4.28
C PRO B 164 -7.24 -69.83 -5.19
N PRO B 165 -6.00 -70.26 -5.00
CA PRO B 165 -5.46 -71.34 -5.84
C PRO B 165 -6.19 -72.65 -5.58
N GLY B 166 -6.51 -73.36 -6.67
CA GLY B 166 -7.26 -74.59 -6.61
C GLY B 166 -8.71 -74.46 -7.01
N GLN B 167 -9.22 -73.24 -7.15
CA GLN B 167 -10.58 -73.01 -7.61
C GLN B 167 -10.56 -72.39 -9.00
N THR B 168 -11.70 -72.52 -9.70
CA THR B 168 -11.83 -71.93 -11.01
C THR B 168 -11.65 -70.43 -10.95
N ARG B 169 -10.80 -69.91 -11.83
CA ARG B 169 -10.50 -68.48 -11.83
C ARG B 169 -11.63 -67.69 -12.48
N ALA B 170 -11.72 -66.43 -12.10
CA ALA B 170 -12.73 -65.52 -12.67
C ALA B 170 -12.32 -65.14 -14.09
N THR B 171 -13.14 -65.52 -15.06
CA THR B 171 -12.89 -65.20 -16.46
C THR B 171 -12.90 -63.68 -16.67
N CYS B 172 -11.73 -63.07 -16.59
CA CYS B 172 -11.64 -61.62 -16.73
C CYS B 172 -11.79 -61.22 -18.18
N GLU B 173 -12.72 -60.30 -18.45
CA GLU B 173 -12.93 -59.78 -19.78
C GLU B 173 -12.05 -58.55 -20.03
N ARG B 174 -11.85 -58.23 -21.29
CA ARG B 174 -11.02 -57.10 -21.69
C ARG B 174 -11.85 -55.83 -21.64
N HIS B 175 -11.85 -55.16 -20.50
CA HIS B 175 -12.53 -53.88 -20.35
C HIS B 175 -11.61 -52.74 -20.80
N GLU B 176 -11.20 -52.82 -22.06
CA GLU B 176 -10.19 -51.91 -22.61
C GLU B 176 -10.79 -50.68 -23.26
N LEU B 177 -12.01 -50.77 -23.79
CA LEU B 177 -12.62 -49.63 -24.44
C LEU B 177 -13.01 -48.56 -23.42
N PRO B 178 -12.92 -47.29 -23.78
CA PRO B 178 -13.29 -46.22 -22.83
C PRO B 178 -14.76 -46.27 -22.47
N LYS B 179 -15.10 -45.54 -21.40
CA LYS B 179 -16.46 -45.59 -20.86
C LYS B 179 -17.46 -45.04 -21.86
N CYS B 180 -17.15 -43.89 -22.48
CA CYS B 180 -18.05 -43.30 -23.46
C CYS B 180 -18.22 -44.22 -24.67
N LEU B 181 -17.14 -44.85 -25.11
CA LEU B 181 -17.25 -45.79 -26.22
C LEU B 181 -17.96 -47.08 -25.79
N LYS B 182 -17.74 -47.52 -24.56
CA LYS B 182 -18.46 -48.68 -24.05
C LYS B 182 -19.97 -48.43 -24.01
N GLU B 183 -20.37 -47.20 -23.71
CA GLU B 183 -21.78 -46.85 -23.77
C GLU B 183 -22.26 -46.66 -25.21
N ARG B 184 -21.39 -46.16 -26.09
CA ARG B 184 -21.73 -46.09 -27.51
C ARG B 184 -21.96 -47.47 -28.10
N GLN B 185 -21.36 -48.51 -27.51
CA GLN B 185 -21.70 -49.87 -27.92
C GLN B 185 -23.19 -50.15 -27.76
N VAL B 186 -23.79 -49.66 -26.68
CA VAL B 186 -25.23 -49.79 -26.48
C VAL B 186 -25.94 -48.93 -27.51
N ALA B 187 -26.76 -49.56 -28.34
CA ALA B 187 -27.50 -48.89 -29.41
C ALA B 187 -26.57 -48.12 -30.34
N PHE B 198 -29.71 -43.09 -24.73
CA PHE B 198 -29.42 -41.90 -25.52
C PHE B 198 -28.16 -42.10 -26.34
N VAL B 199 -27.71 -41.06 -27.03
CA VAL B 199 -26.50 -41.12 -27.82
C VAL B 199 -25.46 -40.19 -27.21
N PRO B 200 -24.47 -40.73 -26.50
CA PRO B 200 -23.43 -39.87 -25.91
C PRO B 200 -22.28 -39.61 -26.87
N GLN B 201 -22.14 -38.37 -27.33
CA GLN B 201 -21.05 -38.02 -28.23
C GLN B 201 -19.73 -38.06 -27.48
N CYS B 202 -18.74 -38.73 -28.05
CA CYS B 202 -17.42 -38.83 -27.48
C CYS B 202 -16.41 -38.12 -28.37
N ASP B 203 -15.26 -37.79 -27.79
CA ASP B 203 -14.18 -37.15 -28.54
C ASP B 203 -13.41 -38.23 -29.30
N GLU B 204 -12.24 -37.86 -29.82
CA GLU B 204 -11.42 -38.83 -30.54
C GLU B 204 -10.90 -39.92 -29.60
N LYS B 205 -10.49 -39.54 -28.40
CA LYS B 205 -9.94 -40.49 -27.43
C LYS B 205 -11.00 -41.31 -26.72
N GLY B 206 -12.27 -41.18 -27.13
CA GLY B 206 -13.35 -41.94 -26.52
C GLY B 206 -13.79 -41.48 -25.15
N ASN B 207 -13.44 -40.27 -24.76
CA ASN B 207 -13.87 -39.72 -23.46
C ASN B 207 -15.15 -38.93 -23.63
N TYR B 208 -15.84 -38.72 -22.50
CA TYR B 208 -17.12 -38.03 -22.53
C TYR B 208 -16.94 -36.56 -22.88
N GLU B 209 -17.82 -36.06 -23.76
CA GLU B 209 -17.82 -34.65 -24.11
C GLU B 209 -18.48 -33.84 -22.99
N PRO B 210 -17.95 -32.65 -22.68
CA PRO B 210 -18.59 -31.83 -21.64
C PRO B 210 -20.03 -31.47 -21.95
N GLN B 211 -20.30 -31.01 -23.18
CA GLN B 211 -21.64 -30.67 -23.60
C GLN B 211 -22.34 -31.92 -24.12
N GLN B 212 -23.53 -32.21 -23.57
CA GLN B 212 -24.31 -33.37 -23.96
C GLN B 212 -25.66 -32.89 -24.47
N PHE B 213 -26.03 -33.33 -25.66
CA PHE B 213 -27.28 -32.91 -26.29
C PHE B 213 -28.11 -34.13 -26.67
N HIS B 214 -29.41 -34.05 -26.44
CA HIS B 214 -30.32 -35.14 -26.75
C HIS B 214 -30.91 -34.94 -28.14
N GLY B 215 -30.83 -35.98 -28.97
CA GLY B 215 -31.26 -35.86 -30.35
C GLY B 215 -32.78 -35.81 -30.49
N SER B 216 -33.48 -36.74 -29.83
CA SER B 216 -34.93 -36.80 -29.95
C SER B 216 -35.57 -35.54 -29.35
N THR B 217 -35.26 -35.24 -28.10
CA THR B 217 -35.76 -34.02 -27.47
C THR B 217 -34.85 -32.85 -27.82
N GLY B 218 -34.85 -31.82 -26.99
CA GLY B 218 -34.00 -30.67 -27.24
C GLY B 218 -33.20 -30.27 -26.01
N TYR B 219 -33.32 -31.06 -24.95
CA TYR B 219 -32.62 -30.76 -23.72
C TYR B 219 -31.12 -30.99 -23.86
N SER B 220 -30.34 -30.14 -23.18
CA SER B 220 -28.90 -30.26 -23.16
C SER B 220 -28.40 -30.10 -21.73
N TRP B 221 -27.27 -30.73 -21.43
CA TRP B 221 -26.74 -30.73 -20.07
C TRP B 221 -25.22 -30.90 -20.13
N CYS B 222 -24.60 -31.03 -18.96
CA CYS B 222 -23.18 -31.22 -18.83
C CYS B 222 -22.92 -32.47 -17.99
N VAL B 223 -21.76 -33.09 -18.23
CA VAL B 223 -21.36 -34.27 -17.48
C VAL B 223 -20.05 -34.00 -16.77
N ASN B 224 -19.53 -35.00 -16.04
CA ASN B 224 -18.32 -34.85 -15.25
C ASN B 224 -17.33 -35.97 -15.59
N ALA B 225 -16.95 -36.04 -16.87
CA ALA B 225 -15.91 -36.94 -17.36
C ALA B 225 -16.27 -38.42 -17.20
N ILE B 226 -17.18 -38.74 -16.28
CA ILE B 226 -17.59 -40.13 -16.05
C ILE B 226 -18.96 -40.44 -16.61
N GLY B 227 -19.74 -39.43 -16.99
CA GLY B 227 -21.05 -39.62 -17.59
C GLY B 227 -22.22 -39.21 -16.72
N GLU B 228 -21.98 -38.62 -15.56
CA GLU B 228 -23.03 -38.19 -14.65
C GLU B 228 -23.29 -36.71 -14.81
N GLU B 229 -24.57 -36.34 -14.86
CA GLU B 229 -24.93 -34.95 -15.11
C GLU B 229 -24.65 -34.09 -13.87
N ILE B 230 -24.48 -32.80 -14.12
CA ILE B 230 -24.25 -31.82 -13.05
C ILE B 230 -25.59 -31.21 -12.67
N ALA B 231 -25.65 -30.66 -11.45
CA ALA B 231 -26.87 -30.04 -10.95
C ALA B 231 -26.95 -28.61 -11.45
N GLY B 232 -27.99 -28.31 -12.23
CA GLY B 232 -28.22 -26.97 -12.73
C GLY B 232 -27.86 -26.72 -14.18
N THR B 233 -27.56 -27.78 -14.95
CA THR B 233 -27.18 -27.63 -16.35
C THR B 233 -28.27 -28.08 -17.32
N LYS B 234 -29.41 -28.56 -16.80
CA LYS B 234 -30.50 -29.00 -17.67
C LYS B 234 -31.21 -27.78 -18.26
N THR B 235 -31.09 -27.59 -19.56
CA THR B 235 -31.69 -26.45 -20.25
C THR B 235 -32.66 -26.93 -21.32
N PRO B 236 -33.95 -26.68 -21.17
CA PRO B 236 -34.92 -27.05 -22.22
C PRO B 236 -34.56 -26.43 -23.55
N PRO B 237 -35.05 -26.99 -24.66
CA PRO B 237 -34.79 -26.39 -25.97
C PRO B 237 -35.41 -24.99 -26.07
N GLY B 238 -34.69 -24.10 -26.75
CA GLY B 238 -35.08 -22.72 -26.84
C GLY B 238 -34.42 -21.80 -25.82
N LYS B 239 -33.88 -22.37 -24.74
CA LYS B 239 -33.17 -21.61 -23.72
C LYS B 239 -31.67 -21.67 -23.98
N ILE B 240 -30.98 -20.63 -23.53
CA ILE B 240 -29.52 -20.58 -23.62
C ILE B 240 -28.94 -21.68 -22.74
N PRO B 241 -28.14 -22.60 -23.27
CA PRO B 241 -27.64 -23.70 -22.46
C PRO B 241 -26.43 -23.28 -21.63
N ALA B 242 -26.28 -23.95 -20.48
CA ALA B 242 -25.16 -23.66 -19.60
C ALA B 242 -23.85 -24.11 -20.25
N THR B 243 -22.88 -23.21 -20.27
CA THR B 243 -21.57 -23.52 -20.85
C THR B 243 -20.86 -24.56 -19.99
N CYS B 244 -20.62 -25.73 -20.57
CA CYS B 244 -20.04 -26.83 -19.82
C CYS B 244 -18.53 -26.65 -19.66
N GLN B 245 -18.01 -27.14 -18.54
CA GLN B 245 -16.59 -27.10 -18.24
C GLN B 245 -15.98 -28.47 -18.51
N LYS B 246 -14.77 -28.47 -19.06
CA LYS B 246 -14.06 -29.71 -19.33
C LYS B 246 -13.57 -30.33 -18.03
N HIS B 247 -13.77 -31.64 -17.90
CA HIS B 247 -13.43 -32.36 -16.68
C HIS B 247 -12.39 -33.45 -16.96
N ASP B 248 -11.71 -33.87 -15.90
CA ASP B 248 -10.74 -34.95 -15.96
C ASP B 248 -10.83 -35.73 -14.66
N LEU B 249 -10.68 -37.06 -14.76
CA LEU B 249 -10.82 -37.95 -13.61
C LEU B 249 -9.46 -38.26 -13.02
N VAL B 250 -9.34 -38.08 -11.70
CA VAL B 250 -8.13 -38.41 -10.96
C VAL B 250 -8.40 -39.66 -10.14
N THR B 251 -7.45 -40.60 -10.18
CA THR B 251 -7.64 -41.88 -9.50
C THR B 251 -7.32 -41.77 -8.00
N THR B 252 -6.10 -41.38 -7.67
CA THR B 252 -5.66 -41.26 -6.29
C THR B 252 -5.85 -39.83 -5.82
N CYS B 253 -6.72 -39.64 -4.82
CA CYS B 253 -7.02 -38.34 -4.26
C CYS B 253 -6.74 -38.35 -2.76
N HIS B 254 -6.25 -37.22 -2.25
CA HIS B 254 -5.96 -37.05 -0.83
C HIS B 254 -6.91 -36.02 -0.24
N TYR B 255 -7.57 -36.39 0.85
CA TYR B 255 -8.65 -35.61 1.43
C TYR B 255 -8.21 -34.96 2.74
N ALA B 256 -8.90 -33.88 3.10
CA ALA B 256 -8.71 -33.20 4.38
C ALA B 256 -9.85 -33.62 5.29
N VAL B 257 -9.51 -34.18 6.46
CA VAL B 257 -10.50 -34.76 7.36
C VAL B 257 -10.33 -34.21 8.76
N ALA B 258 -11.38 -34.35 9.55
CA ALA B 258 -11.39 -34.06 10.97
C ALA B 258 -11.55 -35.37 11.73
N MET B 259 -10.56 -35.70 12.55
CA MET B 259 -10.51 -36.96 13.27
C MET B 259 -10.74 -36.71 14.75
N VAL B 260 -11.62 -37.51 15.36
CA VAL B 260 -11.93 -37.44 16.78
C VAL B 260 -11.76 -38.82 17.38
N LYS B 261 -11.84 -38.88 18.70
CA LYS B 261 -11.84 -40.15 19.41
C LYS B 261 -13.28 -40.60 19.65
N LYS B 262 -13.49 -41.93 19.56
CA LYS B 262 -14.82 -42.47 19.80
C LYS B 262 -15.28 -42.26 21.24
N SER B 263 -14.37 -41.92 22.15
CA SER B 263 -14.76 -41.58 23.51
C SER B 263 -15.58 -40.29 23.54
N SER B 264 -15.39 -39.41 22.56
CA SER B 264 -16.12 -38.16 22.49
C SER B 264 -17.54 -38.39 21.98
N ALA B 265 -18.34 -37.32 21.96
CA ALA B 265 -19.72 -37.42 21.52
C ALA B 265 -20.20 -36.21 20.74
N PHE B 266 -19.38 -35.17 20.60
CA PHE B 266 -19.81 -33.97 19.89
C PHE B 266 -19.88 -34.24 18.38
N GLN B 267 -20.59 -33.36 17.68
CA GLN B 267 -20.73 -33.41 16.23
C GLN B 267 -20.10 -32.16 15.62
N PHE B 268 -20.20 -32.06 14.29
CA PHE B 268 -19.59 -30.93 13.60
C PHE B 268 -20.28 -29.61 13.91
N ASN B 269 -21.54 -29.65 14.33
CA ASN B 269 -22.26 -28.45 14.72
C ASN B 269 -21.99 -28.05 16.18
N GLN B 270 -20.97 -28.61 16.80
CA GLN B 270 -20.62 -28.32 18.19
C GLN B 270 -19.11 -28.20 18.34
N LEU B 271 -18.48 -27.46 17.42
CA LEU B 271 -17.04 -27.25 17.45
C LEU B 271 -16.64 -25.95 18.11
N LYS B 272 -17.58 -25.05 18.39
CA LYS B 272 -17.27 -23.79 19.05
C LYS B 272 -16.84 -24.05 20.49
N GLY B 273 -15.70 -23.47 20.87
CA GLY B 273 -15.19 -23.61 22.22
C GLY B 273 -14.48 -24.91 22.52
N LYS B 274 -14.11 -25.68 21.50
CA LYS B 274 -13.43 -26.95 21.69
C LYS B 274 -11.95 -26.81 21.36
N ARG B 275 -11.16 -27.73 21.91
CA ARG B 275 -9.72 -27.76 21.68
C ARG B 275 -9.41 -28.53 20.39
N SER B 276 -8.48 -28.01 19.61
CA SER B 276 -8.20 -28.58 18.30
C SER B 276 -6.70 -28.64 18.05
N CYS B 277 -6.33 -29.53 17.13
CA CYS B 277 -4.95 -29.74 16.72
C CYS B 277 -4.90 -29.64 15.21
N HIS B 278 -4.27 -28.58 14.69
CA HIS B 278 -4.17 -28.35 13.26
C HIS B 278 -2.75 -28.63 12.80
N SER B 279 -2.63 -29.17 11.58
CA SER B 279 -1.30 -29.45 11.04
C SER B 279 -0.53 -28.15 10.76
N GLY B 280 -1.22 -27.15 10.24
CA GLY B 280 -0.61 -25.86 9.95
C GLY B 280 -1.62 -24.77 9.70
N VAL B 281 -1.30 -23.54 10.09
CA VAL B 281 -2.22 -22.42 9.92
C VAL B 281 -2.35 -22.03 8.46
N SER B 282 -1.37 -22.37 7.62
CA SER B 282 -1.38 -21.99 6.21
C SER B 282 -1.60 -23.19 5.30
N LYS B 283 -1.84 -24.37 5.85
CA LYS B 283 -2.05 -25.56 5.04
C LYS B 283 -3.55 -25.77 4.78
N THR B 284 -3.84 -26.50 3.70
CA THR B 284 -5.23 -26.77 3.35
C THR B 284 -5.80 -27.89 4.22
N ASP B 285 -5.05 -28.97 4.42
CA ASP B 285 -5.52 -30.10 5.22
C ASP B 285 -5.67 -29.77 6.69
N GLY B 286 -5.33 -28.57 7.12
CA GLY B 286 -5.42 -28.22 8.53
C GLY B 286 -6.12 -26.91 8.81
N TRP B 287 -6.34 -26.08 7.79
CA TRP B 287 -6.90 -24.76 8.03
C TRP B 287 -7.85 -24.32 6.92
N LYS B 288 -7.35 -24.24 5.68
CA LYS B 288 -8.12 -23.65 4.58
C LYS B 288 -9.44 -24.38 4.36
N ALA B 289 -9.39 -25.70 4.22
CA ALA B 289 -10.60 -26.48 3.98
C ALA B 289 -11.56 -26.37 5.15
N LEU B 290 -11.04 -26.46 6.38
CA LEU B 290 -11.90 -26.35 7.56
C LEU B 290 -12.55 -24.98 7.65
N VAL B 291 -11.78 -23.92 7.38
CA VAL B 291 -12.33 -22.57 7.39
C VAL B 291 -13.44 -22.44 6.35
N THR B 292 -13.20 -22.98 5.15
CA THR B 292 -14.22 -22.92 4.10
C THR B 292 -15.49 -23.65 4.52
N VAL B 293 -15.36 -24.83 5.13
CA VAL B 293 -16.53 -25.60 5.54
C VAL B 293 -17.28 -24.88 6.65
N LEU B 294 -16.55 -24.31 7.61
CA LEU B 294 -17.19 -23.60 8.71
C LEU B 294 -17.89 -22.33 8.24
N VAL B 295 -17.35 -21.67 7.22
CA VAL B 295 -18.03 -20.50 6.67
C VAL B 295 -19.26 -20.91 5.88
N GLU B 296 -19.16 -21.98 5.10
CA GLU B 296 -20.29 -22.44 4.31
C GLU B 296 -21.43 -22.92 5.20
N LYS B 297 -21.10 -23.65 6.27
CA LYS B 297 -22.10 -24.07 7.24
C LYS B 297 -22.58 -22.92 8.12
N LYS B 298 -21.99 -21.73 7.98
CA LYS B 298 -22.35 -20.56 8.79
C LYS B 298 -22.17 -20.84 10.27
N LEU B 299 -21.13 -21.60 10.60
CA LEU B 299 -20.78 -21.89 11.99
C LEU B 299 -19.81 -20.89 12.58
N LEU B 300 -19.11 -20.12 11.74
CA LEU B 300 -18.08 -19.19 12.18
C LEU B 300 -18.60 -17.77 12.09
N SER B 301 -18.50 -17.03 13.19
CA SER B 301 -18.87 -15.62 13.21
C SER B 301 -17.74 -14.81 12.59
N TRP B 302 -17.90 -14.47 11.32
CA TRP B 302 -16.86 -13.78 10.57
C TRP B 302 -17.50 -12.74 9.67
N ASP B 303 -16.98 -11.52 9.69
CA ASP B 303 -17.50 -10.42 8.89
C ASP B 303 -16.74 -10.23 7.58
N GLY B 304 -15.83 -11.13 7.25
CA GLY B 304 -15.06 -11.03 6.03
C GLY B 304 -13.65 -10.55 6.27
N PRO B 305 -12.74 -10.86 5.33
CA PRO B 305 -11.34 -10.46 5.50
C PRO B 305 -11.12 -8.95 5.55
N ALA B 306 -12.12 -8.15 5.18
CA ALA B 306 -11.96 -6.70 5.22
C ALA B 306 -12.20 -6.13 6.61
N LYS B 307 -13.06 -6.77 7.41
CA LYS B 307 -13.36 -6.29 8.75
C LYS B 307 -12.62 -7.05 9.85
N GLU B 308 -12.21 -8.29 9.60
CA GLU B 308 -11.61 -9.11 10.64
C GLU B 308 -10.80 -10.22 9.98
N SER B 309 -9.56 -10.39 10.43
CA SER B 309 -8.72 -11.46 9.91
C SER B 309 -9.30 -12.82 10.31
N ILE B 310 -9.01 -13.84 9.51
CA ILE B 310 -9.57 -15.16 9.75
C ILE B 310 -9.02 -15.75 11.05
N GLN B 311 -7.77 -15.46 11.39
CA GLN B 311 -7.20 -15.99 12.62
C GLN B 311 -7.92 -15.43 13.84
N ARG B 312 -8.32 -14.16 13.80
CA ARG B 312 -9.04 -13.59 14.94
C ARG B 312 -10.44 -14.19 15.08
N ALA B 313 -11.11 -14.46 13.96
CA ALA B 313 -12.41 -15.10 14.01
C ALA B 313 -12.29 -16.54 14.53
N MET B 314 -11.21 -17.23 14.15
CA MET B 314 -11.00 -18.60 14.62
C MET B 314 -10.56 -18.65 16.08
N SER B 315 -9.88 -17.61 16.57
CA SER B 315 -9.45 -17.59 17.96
C SER B 315 -10.63 -17.46 18.90
N LYS B 316 -11.69 -16.77 18.48
CA LYS B 316 -12.91 -16.68 19.27
C LYS B 316 -13.81 -17.91 19.08
N PHE B 317 -13.52 -18.75 18.09
CA PHE B 317 -14.30 -19.96 17.85
C PHE B 317 -13.81 -21.13 18.69
N PHE B 318 -12.51 -21.41 18.64
CA PHE B 318 -11.91 -22.45 19.47
C PHE B 318 -11.43 -21.87 20.79
N SER B 319 -11.44 -22.71 21.82
CA SER B 319 -10.99 -22.30 23.15
C SER B 319 -9.47 -22.19 23.18
N VAL B 320 -8.79 -23.33 23.32
CA VAL B 320 -7.34 -23.41 23.27
C VAL B 320 -6.97 -24.52 22.30
N SER B 321 -6.09 -24.21 21.35
CA SER B 321 -5.74 -25.14 20.28
C SER B 321 -4.24 -25.11 20.05
N CYS B 322 -3.77 -25.98 19.17
CA CYS B 322 -2.39 -25.93 18.66
C CYS B 322 -2.44 -25.85 17.15
N ILE B 323 -2.13 -24.67 16.62
CA ILE B 323 -2.11 -24.41 15.18
C ILE B 323 -0.77 -23.78 14.84
N PRO B 324 0.23 -24.56 14.42
CA PRO B 324 1.56 -23.99 14.16
C PRO B 324 1.50 -22.85 13.15
N GLY B 325 2.25 -21.78 13.46
CA GLY B 325 2.26 -20.58 12.66
C GLY B 325 1.29 -19.51 13.09
N ALA B 326 0.32 -19.84 13.95
CA ALA B 326 -0.71 -18.89 14.32
C ALA B 326 -0.15 -17.77 15.19
N THR B 327 -0.60 -16.55 14.91
CA THR B 327 -0.25 -15.39 15.73
C THR B 327 -1.24 -15.13 16.86
N GLN B 328 -2.36 -15.85 16.88
CA GLN B 328 -3.28 -15.78 18.02
C GLN B 328 -2.77 -16.69 19.11
N THR B 329 -2.50 -16.12 20.29
CA THR B 329 -1.82 -16.87 21.34
C THR B 329 -2.64 -18.03 21.88
N ASN B 330 -3.97 -17.86 21.96
CA ASN B 330 -4.79 -18.96 22.47
C ASN B 330 -4.79 -20.15 21.53
N LEU B 331 -4.58 -19.91 20.22
CA LEU B 331 -4.43 -20.99 19.27
C LEU B 331 -3.06 -21.65 19.32
N CYS B 332 -2.18 -21.22 20.23
CA CYS B 332 -0.86 -21.78 20.37
C CYS B 332 -0.60 -22.39 21.74
N LYS B 333 -1.59 -22.41 22.64
CA LYS B 333 -1.35 -22.88 24.00
C LYS B 333 -1.12 -24.38 24.04
N GLN B 334 -1.88 -25.15 23.26
CA GLN B 334 -1.82 -26.61 23.31
C GLN B 334 -0.57 -27.18 22.65
N CYS B 335 0.28 -26.36 22.06
CA CYS B 335 1.48 -26.87 21.39
C CYS B 335 2.54 -27.26 22.42
N LYS B 336 3.33 -28.27 22.06
CA LYS B 336 4.23 -28.95 22.98
C LYS B 336 5.69 -28.55 22.82
N GLY B 337 6.01 -27.63 21.92
CA GLY B 337 7.39 -27.23 21.72
C GLY B 337 7.90 -26.35 22.85
N GLU B 338 9.22 -26.39 23.05
CA GLU B 338 9.86 -25.58 24.08
C GLU B 338 10.03 -24.15 23.56
N GLU B 339 10.75 -23.33 24.32
CA GLU B 339 10.94 -21.92 23.95
C GLU B 339 11.67 -21.81 22.62
N GLY B 340 11.21 -20.90 21.77
CA GLY B 340 11.74 -20.74 20.44
C GLY B 340 11.20 -21.72 19.41
N LYS B 341 10.75 -22.90 19.87
CA LYS B 341 10.19 -23.91 18.98
C LYS B 341 8.68 -24.03 19.10
N ASN B 342 8.06 -23.28 20.01
CA ASN B 342 6.64 -23.44 20.29
C ASN B 342 5.79 -22.80 19.20
N CYS B 343 4.85 -23.58 18.67
CA CYS B 343 3.88 -23.11 17.67
C CYS B 343 4.54 -22.61 16.40
N LYS B 344 5.65 -23.23 16.01
CA LYS B 344 6.35 -22.86 14.79
C LYS B 344 5.98 -23.80 13.66
N ASN B 345 5.93 -23.26 12.44
CA ASN B 345 5.74 -24.07 11.24
C ASN B 345 6.99 -24.91 10.99
N SER B 346 7.25 -25.87 11.88
CA SER B 346 8.51 -26.61 11.84
C SER B 346 8.36 -27.89 12.64
N HIS B 347 9.07 -28.93 12.19
CA HIS B 347 9.05 -30.19 12.92
C HIS B 347 9.70 -30.08 14.29
N ASP B 348 10.37 -28.96 14.59
CA ASP B 348 10.78 -28.68 15.96
C ASP B 348 9.58 -28.64 16.90
N GLU B 349 8.42 -28.28 16.38
CA GLU B 349 7.18 -28.39 17.15
C GLU B 349 6.67 -29.83 17.06
N PRO B 350 6.55 -30.54 18.18
CA PRO B 350 6.12 -31.95 18.11
C PRO B 350 4.72 -32.14 17.56
N TYR B 351 3.89 -31.09 17.55
CA TYR B 351 2.52 -31.19 17.05
C TYR B 351 2.36 -30.62 15.65
N TYR B 352 3.46 -30.29 14.98
CA TYR B 352 3.38 -29.77 13.62
C TYR B 352 3.23 -30.91 12.62
N GLY B 353 2.49 -30.63 11.54
CA GLY B 353 2.24 -31.62 10.51
C GLY B 353 1.01 -32.46 10.81
N ASN B 354 0.73 -33.37 9.87
CA ASN B 354 -0.42 -34.25 10.03
C ASN B 354 -0.21 -35.24 11.17
N TYR B 355 0.95 -35.90 11.20
CA TYR B 355 1.24 -36.81 12.30
C TYR B 355 1.43 -36.05 13.60
N GLY B 356 1.92 -34.82 13.54
CA GLY B 356 1.98 -34.00 14.74
C GLY B 356 0.60 -33.68 15.31
N ALA B 357 -0.35 -33.37 14.43
CA ALA B 357 -1.72 -33.15 14.89
C ALA B 357 -2.34 -34.45 15.42
N PHE B 358 -2.02 -35.58 14.80
CA PHE B 358 -2.50 -36.85 15.34
C PHE B 358 -1.92 -37.11 16.72
N ARG B 359 -0.67 -36.75 16.94
CA ARG B 359 -0.08 -36.89 18.28
C ARG B 359 -0.74 -35.96 19.28
N CYS B 360 -1.00 -34.72 18.86
CA CYS B 360 -1.75 -33.78 19.69
C CYS B 360 -3.16 -34.26 19.98
N LEU B 361 -3.71 -35.15 19.14
CA LEU B 361 -5.02 -35.72 19.42
C LEU B 361 -4.92 -36.92 20.36
N LYS B 362 -3.96 -37.83 20.10
CA LYS B 362 -3.79 -39.00 20.96
C LYS B 362 -3.52 -38.60 22.40
N GLU B 363 -2.43 -37.89 22.62
CA GLU B 363 -2.25 -37.18 23.88
C GLU B 363 -3.35 -36.14 24.00
N ASP B 364 -4.18 -36.25 25.03
CA ASP B 364 -5.38 -35.43 25.13
C ASP B 364 -5.08 -33.94 25.20
N MET B 365 -4.50 -33.38 24.14
CA MET B 365 -4.26 -31.95 24.02
C MET B 365 -5.26 -31.27 23.10
N GLY B 366 -6.12 -32.02 22.44
CA GLY B 366 -7.13 -31.45 21.57
C GLY B 366 -8.29 -32.41 21.38
N ASP B 367 -9.50 -31.84 21.28
CA ASP B 367 -10.69 -32.66 21.11
C ASP B 367 -10.83 -33.20 19.69
N VAL B 368 -10.19 -32.57 18.72
CA VAL B 368 -10.30 -32.97 17.32
C VAL B 368 -9.03 -32.53 16.60
N ALA B 369 -8.57 -33.35 15.66
CA ALA B 369 -7.39 -33.05 14.86
C ALA B 369 -7.78 -32.91 13.39
N PHE B 370 -7.35 -31.84 12.75
CA PHE B 370 -7.63 -31.60 11.35
C PHE B 370 -6.37 -31.91 10.54
N LEU B 371 -6.46 -32.89 9.65
CA LEU B 371 -5.25 -33.38 8.99
C LEU B 371 -5.61 -34.06 7.67
N ARG B 372 -4.58 -34.37 6.89
CA ARG B 372 -4.74 -35.01 5.60
C ARG B 372 -5.01 -36.51 5.78
N SER B 373 -5.67 -37.10 4.78
CA SER B 373 -6.03 -38.51 4.84
C SER B 373 -4.82 -39.43 4.72
N THR B 374 -3.65 -38.91 4.34
CA THR B 374 -2.46 -39.75 4.23
C THR B 374 -2.00 -40.32 5.55
N ALA B 375 -2.42 -39.71 6.67
CA ALA B 375 -2.05 -40.20 8.00
C ALA B 375 -3.04 -41.21 8.56
N LEU B 376 -4.03 -41.63 7.78
CA LEU B 376 -5.02 -42.60 8.23
C LEU B 376 -4.50 -44.01 7.99
N SER B 377 -4.65 -44.86 9.00
CA SER B 377 -4.26 -46.26 8.89
C SER B 377 -5.24 -47.10 9.70
N ASP B 378 -5.10 -48.42 9.57
CA ASP B 378 -6.08 -49.33 10.17
C ASP B 378 -5.89 -49.48 11.68
N GLU B 379 -4.68 -49.26 12.19
CA GLU B 379 -4.44 -49.35 13.62
C GLU B 379 -5.18 -48.28 14.41
N HIS B 380 -5.73 -47.27 13.74
CA HIS B 380 -6.38 -46.14 14.40
C HIS B 380 -7.90 -46.28 14.47
N SER B 381 -8.49 -47.16 13.65
CA SER B 381 -9.94 -47.32 13.63
C SER B 381 -10.47 -47.92 14.92
N GLU B 382 -9.62 -48.49 15.77
CA GLU B 382 -10.09 -49.07 17.03
C GLU B 382 -10.50 -47.98 18.02
N VAL B 383 -9.78 -46.86 18.03
CA VAL B 383 -10.01 -45.82 19.01
C VAL B 383 -10.56 -44.54 18.39
N TYR B 384 -10.33 -44.29 17.10
CA TYR B 384 -10.67 -43.03 16.48
C TYR B 384 -11.77 -43.20 15.44
N GLU B 385 -12.36 -42.08 15.06
CA GLU B 385 -13.34 -42.01 13.98
C GLU B 385 -13.25 -40.62 13.35
N LEU B 386 -14.08 -40.38 12.34
CA LEU B 386 -14.05 -39.14 11.58
C LEU B 386 -15.34 -38.37 11.80
N LEU B 387 -15.20 -37.09 12.16
CA LEU B 387 -16.33 -36.19 12.27
C LEU B 387 -16.65 -35.63 10.88
N CYS B 388 -17.94 -35.62 10.52
CA CYS B 388 -18.28 -35.22 9.18
C CYS B 388 -19.11 -33.95 9.18
N PRO B 389 -19.01 -33.12 8.14
CA PRO B 389 -19.75 -31.84 8.13
C PRO B 389 -21.26 -32.01 8.12
N ASP B 390 -21.78 -33.22 7.94
CA ASP B 390 -23.21 -33.47 8.07
C ASP B 390 -23.62 -33.77 9.51
N ASN B 391 -22.78 -33.42 10.48
CA ASN B 391 -23.05 -33.64 11.90
C ASN B 391 -23.23 -35.12 12.23
N THR B 392 -22.33 -35.95 11.68
CA THR B 392 -22.32 -37.38 11.95
C THR B 392 -20.89 -37.83 12.21
N ARG B 393 -20.74 -39.10 12.55
CA ARG B 393 -19.43 -39.71 12.80
C ARG B 393 -19.34 -41.01 12.01
N LYS B 394 -18.25 -41.17 11.28
CA LYS B 394 -18.05 -42.31 10.40
C LYS B 394 -16.73 -43.00 10.73
N PRO B 395 -16.55 -44.24 10.28
CA PRO B 395 -15.24 -44.89 10.44
C PRO B 395 -14.18 -44.26 9.55
N LEU B 396 -12.95 -44.72 9.74
CA LEU B 396 -11.82 -44.14 9.01
C LEU B 396 -11.86 -44.51 7.53
N ASN B 397 -12.27 -45.74 7.21
CA ASN B 397 -12.27 -46.20 5.83
C ASN B 397 -13.26 -45.44 4.94
N LYS B 398 -14.19 -44.70 5.53
CA LYS B 398 -15.15 -43.89 4.77
C LYS B 398 -14.70 -42.45 4.65
N TYR B 399 -13.40 -42.22 4.45
CA TYR B 399 -12.87 -40.86 4.37
C TYR B 399 -13.29 -40.17 3.07
N LYS B 400 -13.55 -40.94 2.01
CA LYS B 400 -14.06 -40.34 0.79
C LYS B 400 -15.49 -39.81 0.94
N GLU B 401 -16.25 -40.37 1.89
CA GLU B 401 -17.60 -39.93 2.16
C GLU B 401 -17.70 -38.97 3.33
N CYS B 402 -16.63 -38.83 4.11
CA CYS B 402 -16.62 -38.01 5.32
C CYS B 402 -15.29 -37.24 5.36
N ASN B 403 -15.30 -36.02 4.85
CA ASN B 403 -14.10 -35.20 4.74
C ASN B 403 -14.50 -33.74 4.64
N LEU B 404 -13.50 -32.88 4.38
CA LEU B 404 -13.70 -31.44 4.28
C LEU B 404 -13.26 -30.89 2.93
N GLY B 405 -12.85 -31.75 2.01
CA GLY B 405 -12.42 -31.31 0.69
C GLY B 405 -11.13 -31.98 0.26
N THR B 406 -10.93 -32.06 -1.05
CA THR B 406 -9.72 -32.66 -1.59
C THR B 406 -8.53 -31.71 -1.43
N VAL B 407 -7.34 -32.29 -1.36
CA VAL B 407 -6.11 -31.53 -1.17
C VAL B 407 -5.19 -31.75 -2.37
N PRO B 408 -4.93 -30.72 -3.17
CA PRO B 408 -3.97 -30.87 -4.26
C PRO B 408 -2.57 -31.10 -3.74
N ALA B 409 -1.73 -31.68 -4.59
CA ALA B 409 -0.36 -31.99 -4.21
C ALA B 409 0.46 -30.72 -4.03
N GLY B 410 1.38 -30.76 -3.08
CA GLY B 410 2.31 -29.68 -2.90
C GLY B 410 3.26 -29.55 -4.08
N THR B 411 4.11 -28.54 -4.01
CA THR B 411 5.01 -28.29 -5.13
C THR B 411 6.31 -27.68 -4.63
N VAL B 412 7.40 -28.01 -5.33
CA VAL B 412 8.68 -27.36 -5.11
C VAL B 412 8.61 -25.97 -5.71
N VAL B 413 8.84 -24.95 -4.87
CA VAL B 413 8.85 -23.56 -5.31
C VAL B 413 10.27 -23.04 -5.25
N THR B 414 10.59 -22.18 -6.22
CA THR B 414 11.74 -21.30 -6.18
C THR B 414 11.25 -19.87 -6.37
N ARG B 415 12.10 -19.00 -6.90
CA ARG B 415 11.76 -17.59 -7.05
C ARG B 415 11.21 -17.31 -8.45
N LYS B 416 10.39 -16.26 -8.55
CA LYS B 416 9.73 -15.96 -9.80
C LYS B 416 10.73 -15.69 -10.92
N ILE B 417 11.87 -15.06 -10.58
CA ILE B 417 12.91 -14.81 -11.57
C ILE B 417 13.44 -16.12 -12.14
N SER B 418 13.26 -17.23 -11.42
CA SER B 418 13.63 -18.56 -11.89
C SER B 418 15.09 -18.62 -12.34
N ASP B 419 15.98 -18.15 -11.48
CA ASP B 419 17.40 -18.14 -11.79
C ASP B 419 18.03 -19.53 -11.63
N LYS B 420 17.51 -20.34 -10.71
CA LYS B 420 18.09 -21.65 -10.41
C LYS B 420 17.17 -22.80 -10.77
N THR B 421 16.09 -22.54 -11.51
CA THR B 421 15.14 -23.60 -11.86
C THR B 421 15.82 -24.73 -12.62
N GLU B 422 16.75 -24.38 -13.52
CA GLU B 422 17.45 -25.41 -14.29
C GLU B 422 18.26 -26.33 -13.37
N ASP B 423 19.00 -25.73 -12.42
CA ASP B 423 19.83 -26.54 -11.52
C ASP B 423 18.99 -27.41 -10.61
N ILE B 424 17.92 -26.86 -10.04
CA ILE B 424 17.04 -27.64 -9.17
C ILE B 424 16.41 -28.79 -9.94
N ASN B 425 15.94 -28.52 -11.16
CA ASN B 425 15.33 -29.56 -11.97
C ASN B 425 16.34 -30.64 -12.31
N ASN B 426 17.54 -30.25 -12.73
CA ASN B 426 18.57 -31.23 -13.07
C ASN B 426 18.92 -32.10 -11.87
N PHE B 427 19.09 -31.48 -10.70
CA PHE B 427 19.44 -32.25 -9.50
C PHE B 427 18.33 -33.22 -9.14
N LEU B 428 17.08 -32.76 -9.15
CA LEU B 428 15.97 -33.63 -8.77
C LEU B 428 15.79 -34.77 -9.76
N MET B 429 15.96 -34.50 -11.06
CA MET B 429 15.82 -35.56 -12.05
C MET B 429 16.95 -36.58 -11.95
N GLU B 430 18.19 -36.12 -11.78
CA GLU B 430 19.30 -37.05 -11.59
C GLU B 430 19.13 -37.86 -10.31
N ALA B 431 18.54 -37.26 -9.27
CA ALA B 431 18.34 -37.99 -8.03
C ALA B 431 17.23 -39.02 -8.17
N GLN B 432 16.18 -38.70 -8.93
CA GLN B 432 15.11 -39.67 -9.14
C GLN B 432 15.56 -40.82 -10.03
N LYS B 433 16.39 -40.53 -11.04
CA LYS B 433 16.90 -41.61 -11.88
C LYS B 433 17.86 -42.51 -11.11
N ARG B 434 18.66 -41.93 -10.22
CA ARG B 434 19.64 -42.68 -9.43
C ARG B 434 19.02 -43.33 -8.20
N GLN B 435 17.68 -43.33 -8.09
CA GLN B 435 16.98 -44.02 -7.02
C GLN B 435 17.40 -43.52 -5.64
N CYS B 436 17.51 -42.20 -5.50
CA CYS B 436 17.83 -41.61 -4.20
C CYS B 436 16.58 -41.50 -3.35
N LYS B 437 16.74 -41.72 -2.04
CA LYS B 437 15.62 -41.81 -1.11
C LYS B 437 15.20 -40.40 -0.70
N LEU B 438 14.53 -39.71 -1.61
CA LEU B 438 13.99 -38.38 -1.34
C LEU B 438 12.63 -38.43 -0.67
N PHE B 439 11.80 -39.40 -1.04
CA PHE B 439 10.42 -39.49 -0.58
C PHE B 439 10.25 -40.37 0.66
N SER B 440 11.32 -40.61 1.41
CA SER B 440 11.25 -41.40 2.62
C SER B 440 12.48 -41.11 3.46
N SER B 441 12.34 -41.29 4.77
CA SER B 441 13.45 -41.09 5.69
C SER B 441 13.16 -41.81 7.00
N ALA B 442 14.22 -42.33 7.61
CA ALA B 442 14.09 -42.97 8.91
C ALA B 442 13.96 -41.95 10.04
N HIS B 443 14.23 -40.67 9.78
CA HIS B 443 14.10 -39.64 10.80
C HIS B 443 12.65 -39.26 11.08
N GLY B 444 11.74 -39.55 10.15
CA GLY B 444 10.34 -39.21 10.35
C GLY B 444 9.56 -39.35 9.06
N LYS B 445 8.41 -38.69 9.02
CA LYS B 445 7.52 -38.75 7.87
C LYS B 445 7.28 -37.34 7.33
N ASP B 446 7.10 -37.26 6.02
CA ASP B 446 6.80 -36.00 5.32
C ASP B 446 7.88 -34.95 5.56
N LEU B 447 9.13 -35.39 5.57
CA LEU B 447 10.27 -34.49 5.69
C LEU B 447 10.74 -34.06 4.29
N MET B 448 11.00 -32.77 4.13
CA MET B 448 11.39 -32.17 2.86
C MET B 448 10.28 -32.31 1.82
N PHE B 449 9.82 -33.53 1.56
CA PHE B 449 8.71 -33.78 0.66
C PHE B 449 7.66 -34.62 1.39
N ASP B 450 6.49 -34.74 0.77
CA ASP B 450 5.49 -35.69 1.24
C ASP B 450 5.94 -37.11 0.93
N ASP B 451 5.77 -38.00 1.91
CA ASP B 451 6.18 -39.39 1.69
C ASP B 451 5.28 -40.12 0.71
N SER B 452 4.09 -39.57 0.43
CA SER B 452 3.19 -40.16 -0.57
C SER B 452 3.65 -39.89 -1.99
N THR B 453 4.66 -39.04 -2.19
CA THR B 453 5.09 -38.68 -3.53
C THR B 453 5.75 -39.87 -4.23
N LEU B 454 5.44 -40.03 -5.52
CA LEU B 454 6.04 -41.07 -6.35
C LEU B 454 7.10 -40.53 -7.30
N GLN B 455 6.82 -39.40 -7.96
CA GLN B 455 7.78 -38.81 -8.88
C GLN B 455 7.58 -37.31 -8.92
N LEU B 456 8.63 -36.61 -9.35
CA LEU B 456 8.60 -35.16 -9.54
C LEU B 456 8.82 -34.86 -11.01
N ALA B 457 8.12 -33.86 -11.52
CA ALA B 457 8.20 -33.48 -12.93
C ALA B 457 8.33 -31.96 -13.03
N LEU B 458 9.15 -31.53 -13.99
CA LEU B 458 9.32 -30.09 -14.20
C LEU B 458 8.07 -29.49 -14.82
N LEU B 459 7.55 -28.44 -14.20
CA LEU B 459 6.42 -27.73 -14.74
C LEU B 459 6.87 -26.73 -15.80
N SER B 460 5.93 -26.29 -16.63
CA SER B 460 6.24 -25.31 -17.66
C SER B 460 6.56 -23.96 -17.03
N SER B 461 7.49 -23.24 -17.65
CA SER B 461 7.83 -21.91 -17.18
C SER B 461 6.65 -20.95 -17.25
N GLU B 462 5.64 -21.27 -18.06
CA GLU B 462 4.42 -20.47 -18.09
C GLU B 462 3.62 -20.62 -16.80
N VAL B 463 3.77 -21.75 -16.11
CA VAL B 463 2.94 -22.03 -14.94
C VAL B 463 3.30 -21.07 -13.81
N ASP B 464 2.30 -20.38 -13.28
CA ASP B 464 2.44 -19.60 -12.06
C ASP B 464 1.48 -20.16 -11.01
N ALA B 465 1.17 -19.36 -9.97
CA ALA B 465 0.23 -19.84 -8.96
C ALA B 465 -1.16 -20.05 -9.53
N PHE B 466 -1.60 -19.15 -10.43
CA PHE B 466 -2.92 -19.28 -11.02
C PHE B 466 -3.05 -20.56 -11.84
N LEU B 467 -2.11 -20.79 -12.76
CA LEU B 467 -2.16 -21.99 -13.59
C LEU B 467 -1.98 -23.26 -12.78
N TYR B 468 -1.18 -23.19 -11.71
CA TYR B 468 -0.95 -24.39 -10.90
C TYR B 468 -2.17 -24.73 -10.06
N LEU B 469 -2.88 -23.73 -9.58
CA LEU B 469 -4.03 -23.98 -8.70
C LEU B 469 -5.33 -24.20 -9.46
N GLY B 470 -5.46 -23.67 -10.67
CA GLY B 470 -6.74 -23.70 -11.36
C GLY B 470 -7.58 -22.49 -11.02
N VAL B 471 -8.55 -22.22 -11.89
CA VAL B 471 -9.33 -20.98 -11.77
C VAL B 471 -10.11 -20.95 -10.45
N LYS B 472 -10.83 -22.04 -10.16
CA LYS B 472 -11.65 -22.08 -8.95
C LYS B 472 -10.81 -21.96 -7.68
N LEU B 473 -9.75 -22.77 -7.59
CA LEU B 473 -8.94 -22.76 -6.38
C LEU B 473 -8.16 -21.45 -6.22
N PHE B 474 -7.72 -20.85 -7.34
CA PHE B 474 -7.08 -19.54 -7.26
C PHE B 474 -8.05 -18.50 -6.75
N HIS B 475 -9.29 -18.51 -7.25
CA HIS B 475 -10.28 -17.55 -6.75
C HIS B 475 -10.59 -17.79 -5.28
N ALA B 476 -10.60 -19.05 -4.85
CA ALA B 476 -10.86 -19.35 -3.45
C ALA B 476 -9.74 -18.84 -2.56
N MET B 477 -8.49 -19.09 -2.93
CA MET B 477 -7.35 -18.58 -2.16
C MET B 477 -7.30 -17.06 -2.20
N LYS B 478 -7.76 -16.44 -3.29
CA LYS B 478 -7.78 -14.99 -3.39
C LYS B 478 -8.85 -14.39 -2.48
N ALA B 479 -10.03 -15.03 -2.42
CA ALA B 479 -11.09 -14.55 -1.55
C ALA B 479 -10.77 -14.79 -0.08
N LEU B 480 -10.00 -15.84 0.22
CA LEU B 480 -9.65 -16.13 1.61
C LEU B 480 -8.60 -15.17 2.15
N THR B 481 -7.69 -14.70 1.29
CA THR B 481 -6.66 -13.75 1.70
C THR B 481 -7.19 -12.33 1.77
N GLY B 482 -8.32 -12.04 1.12
CA GLY B 482 -8.88 -10.70 1.14
C GLY B 482 -8.46 -9.83 -0.03
N ASP B 483 -8.19 -10.42 -1.19
CA ASP B 483 -7.81 -9.68 -2.38
C ASP B 483 -8.89 -9.69 -3.45
N ALA B 484 -10.07 -10.21 -3.13
CA ALA B 484 -11.15 -10.32 -4.10
C ALA B 484 -11.59 -8.94 -4.58
N HIS B 485 -11.38 -8.67 -5.87
CA HIS B 485 -11.81 -7.41 -6.45
C HIS B 485 -13.33 -7.35 -6.52
N LEU B 486 -13.92 -6.37 -5.85
CA LEU B 486 -15.35 -6.17 -5.93
C LEU B 486 -15.71 -5.64 -7.31
N PRO B 487 -16.49 -6.37 -8.13
CA PRO B 487 -16.69 -5.95 -9.52
C PRO B 487 -17.39 -4.60 -9.62
N SER B 488 -17.06 -3.87 -10.67
CA SER B 488 -17.62 -2.55 -10.93
C SER B 488 -18.67 -2.64 -12.04
N LYS B 489 -19.92 -2.35 -11.69
CA LYS B 489 -21.00 -2.35 -12.67
C LYS B 489 -20.90 -1.18 -13.65
N ASN B 490 -20.02 -0.21 -13.41
CA ASN B 490 -19.95 1.00 -14.22
C ASN B 490 -18.54 1.28 -14.72
N LYS B 491 -17.70 0.26 -14.84
CA LYS B 491 -16.36 0.44 -15.37
C LYS B 491 -15.91 -0.83 -16.08
N VAL B 492 -15.15 -0.66 -17.15
CA VAL B 492 -14.60 -1.76 -17.92
C VAL B 492 -13.09 -1.64 -17.91
N ARG B 493 -12.42 -2.69 -17.41
CA ARG B 493 -10.96 -2.76 -17.42
C ARG B 493 -10.53 -3.44 -18.71
N TRP B 494 -10.12 -2.64 -19.69
CA TRP B 494 -9.64 -3.18 -20.95
C TRP B 494 -8.17 -3.57 -20.83
N CYS B 495 -7.85 -4.76 -21.31
CA CYS B 495 -6.50 -5.29 -21.24
C CYS B 495 -5.77 -5.06 -22.56
N THR B 496 -4.54 -4.58 -22.47
CA THR B 496 -3.70 -4.33 -23.64
C THR B 496 -2.61 -5.38 -23.73
N ILE B 497 -2.00 -5.48 -24.91
CA ILE B 497 -0.98 -6.47 -25.18
C ILE B 497 0.35 -5.87 -25.60
N ASN B 498 0.47 -4.55 -25.61
CA ASN B 498 1.74 -3.89 -25.87
C ASN B 498 1.66 -2.45 -25.35
N LYS B 499 2.76 -1.72 -25.50
CA LYS B 499 2.81 -0.36 -24.98
C LYS B 499 2.02 0.62 -25.84
N LEU B 500 1.98 0.39 -27.16
CA LEU B 500 1.17 1.25 -28.02
C LEU B 500 -0.32 1.09 -27.72
N GLU B 501 -0.77 -0.15 -27.52
CA GLU B 501 -2.14 -0.37 -27.09
C GLU B 501 -2.39 0.26 -25.72
N LYS B 502 -1.39 0.23 -24.84
CA LYS B 502 -1.54 0.87 -23.54
C LYS B 502 -1.70 2.39 -23.68
N MET B 503 -0.95 2.99 -24.60
CA MET B 503 -1.09 4.43 -24.84
C MET B 503 -2.45 4.77 -25.42
N LYS B 504 -2.92 3.99 -26.40
CA LYS B 504 -4.23 4.23 -26.97
C LYS B 504 -5.33 4.06 -25.93
N CYS B 505 -5.19 3.06 -25.06
CA CYS B 505 -6.16 2.86 -24.00
C CYS B 505 -6.12 3.99 -22.99
N ASP B 506 -4.94 4.55 -22.71
CA ASP B 506 -4.86 5.71 -21.83
C ASP B 506 -5.57 6.91 -22.45
N ASP B 507 -5.37 7.13 -23.75
CA ASP B 507 -6.10 8.18 -24.45
C ASP B 507 -7.60 7.97 -24.32
N TRP B 508 -8.06 6.73 -24.52
CA TRP B 508 -9.48 6.43 -24.40
C TRP B 508 -9.99 6.68 -22.98
N SER B 509 -9.23 6.23 -21.98
CA SER B 509 -9.65 6.33 -20.59
C SER B 509 -9.70 7.79 -20.12
N ALA B 510 -8.80 8.64 -20.62
CA ALA B 510 -8.80 10.03 -20.21
C ALA B 510 -10.08 10.75 -20.64
N VAL B 511 -10.70 10.32 -21.74
CA VAL B 511 -11.92 10.92 -22.24
C VAL B 511 -13.13 10.02 -22.00
N SER B 512 -12.97 8.93 -21.23
CA SER B 512 -14.06 8.00 -21.04
C SER B 512 -15.05 8.46 -19.96
N GLY B 513 -14.58 9.25 -19.00
CA GLY B 513 -15.42 9.69 -17.92
C GLY B 513 -15.67 8.62 -16.89
N GLY B 514 -14.60 7.96 -16.45
CA GLY B 514 -14.70 6.91 -15.46
C GLY B 514 -15.28 5.60 -15.95
N ALA B 515 -15.39 5.42 -17.27
CA ALA B 515 -16.00 4.22 -17.83
C ALA B 515 -14.99 3.21 -18.35
N ILE B 516 -13.78 3.64 -18.72
CA ILE B 516 -12.77 2.76 -19.28
C ILE B 516 -11.49 2.90 -18.47
N ALA B 517 -10.93 1.77 -18.04
CA ALA B 517 -9.63 1.72 -17.39
C ALA B 517 -8.76 0.73 -18.16
N CYS B 518 -7.46 0.71 -17.85
CA CYS B 518 -6.51 -0.04 -18.66
C CYS B 518 -5.62 -0.92 -17.78
N THR B 519 -5.56 -2.20 -18.11
CA THR B 519 -4.58 -3.14 -17.57
C THR B 519 -3.62 -3.55 -18.67
N GLU B 520 -2.43 -3.98 -18.26
CA GLU B 520 -1.36 -4.29 -19.20
C GLU B 520 -1.01 -5.77 -19.14
N ALA B 521 -0.75 -6.35 -20.31
CA ALA B 521 -0.30 -7.73 -20.44
C ALA B 521 0.71 -7.80 -21.57
N SER B 522 1.17 -9.02 -21.86
CA SER B 522 2.17 -9.24 -22.91
C SER B 522 1.62 -9.90 -24.16
N CYS B 523 0.44 -10.51 -24.09
CA CYS B 523 -0.12 -11.25 -25.20
C CYS B 523 -1.62 -11.42 -24.97
N PRO B 524 -2.40 -11.74 -26.01
CA PRO B 524 -3.82 -12.00 -25.79
C PRO B 524 -4.10 -13.09 -24.77
N LYS B 525 -3.25 -14.12 -24.70
CA LYS B 525 -3.40 -15.15 -23.68
C LYS B 525 -3.22 -14.56 -22.29
N GLY B 526 -2.28 -13.62 -22.13
CA GLY B 526 -2.15 -12.93 -20.87
C GLY B 526 -3.40 -12.16 -20.48
N CYS B 527 -4.06 -11.55 -21.47
CA CYS B 527 -5.30 -10.84 -21.20
C CYS B 527 -6.41 -11.80 -20.80
N VAL B 528 -6.49 -12.97 -21.46
CA VAL B 528 -7.46 -13.97 -21.07
C VAL B 528 -7.22 -14.41 -19.63
N LYS B 529 -5.95 -14.62 -19.27
CA LYS B 529 -5.62 -14.99 -17.90
C LYS B 529 -6.02 -13.90 -16.92
N GLN B 530 -5.78 -12.63 -17.27
CA GLN B 530 -6.14 -11.53 -16.39
C GLN B 530 -7.66 -11.44 -16.19
N ILE B 531 -8.41 -11.66 -17.26
CA ILE B 531 -9.87 -11.67 -17.13
C ILE B 531 -10.33 -12.82 -16.25
N LEU B 532 -9.71 -14.00 -16.41
CA LEU B 532 -10.07 -15.14 -15.58
C LEU B 532 -9.72 -14.91 -14.11
N LYS B 533 -8.63 -14.19 -13.84
CA LYS B 533 -8.19 -13.93 -12.49
C LYS B 533 -8.94 -12.77 -11.83
N GLY B 534 -9.84 -12.11 -12.55
CA GLY B 534 -10.53 -10.96 -12.01
C GLY B 534 -9.74 -9.67 -12.04
N GLU B 535 -8.63 -9.63 -12.77
CA GLU B 535 -7.80 -8.44 -12.86
C GLU B 535 -8.13 -7.58 -14.06
N ALA B 536 -8.77 -8.13 -15.09
CA ALA B 536 -9.23 -7.39 -16.24
C ALA B 536 -10.69 -7.73 -16.50
N ASP B 537 -11.30 -7.03 -17.45
CA ASP B 537 -12.72 -7.18 -17.71
C ASP B 537 -13.02 -7.70 -19.11
N ALA B 538 -12.45 -7.10 -20.15
CA ALA B 538 -12.77 -7.49 -21.51
C ALA B 538 -11.55 -7.29 -22.40
N VAL B 539 -11.50 -8.05 -23.49
CA VAL B 539 -10.39 -7.95 -24.43
C VAL B 539 -10.84 -8.42 -25.81
N LYS B 540 -10.18 -7.90 -26.84
CA LYS B 540 -10.39 -8.37 -28.21
C LYS B 540 -9.51 -9.57 -28.49
N LEU B 541 -10.11 -10.60 -29.08
CA LEU B 541 -9.39 -11.81 -29.46
C LEU B 541 -9.69 -12.15 -30.90
N GLU B 542 -8.66 -12.54 -31.64
CA GLU B 542 -8.85 -13.14 -32.95
C GLU B 542 -9.39 -14.55 -32.78
N VAL B 543 -9.83 -15.15 -33.90
CA VAL B 543 -10.37 -16.50 -33.87
C VAL B 543 -9.34 -17.47 -33.28
N GLN B 544 -8.07 -17.26 -33.59
CA GLN B 544 -7.00 -18.14 -33.13
C GLN B 544 -7.06 -18.37 -31.62
N TYR B 545 -7.26 -17.30 -30.85
CA TYR B 545 -7.27 -17.39 -29.39
C TYR B 545 -8.65 -17.68 -28.81
N MET B 546 -9.68 -17.83 -29.64
CA MET B 546 -11.03 -17.93 -29.11
C MET B 546 -11.29 -19.28 -28.45
N TYR B 547 -10.84 -20.36 -29.08
CA TYR B 547 -11.11 -21.72 -28.59
C TYR B 547 -10.82 -21.83 -27.10
N GLU B 548 -9.55 -21.63 -26.71
CA GLU B 548 -9.18 -21.66 -25.30
C GLU B 548 -10.07 -20.77 -24.46
N ALA B 549 -10.29 -19.53 -24.92
CA ALA B 549 -11.10 -18.60 -24.13
C ALA B 549 -12.53 -19.10 -23.97
N LEU B 550 -13.05 -19.81 -24.98
CA LEU B 550 -14.39 -20.36 -24.85
C LEU B 550 -14.39 -21.61 -23.96
N MET B 551 -13.25 -22.29 -23.88
CA MET B 551 -13.15 -23.45 -23.00
C MET B 551 -13.15 -23.04 -21.54
N CYS B 552 -12.64 -21.85 -21.23
CA CYS B 552 -12.50 -21.37 -19.87
C CYS B 552 -13.74 -20.62 -19.36
N GLY B 553 -14.85 -20.69 -20.08
CA GLY B 553 -16.08 -20.08 -19.61
C GLY B 553 -16.27 -18.62 -19.96
N LEU B 554 -15.43 -18.08 -20.83
CA LEU B 554 -15.62 -16.70 -21.30
C LEU B 554 -16.54 -16.69 -22.51
N LEU B 555 -17.34 -15.63 -22.61
CA LEU B 555 -18.26 -15.47 -23.71
C LEU B 555 -17.97 -14.18 -24.46
N PRO B 556 -18.25 -14.12 -25.76
CA PRO B 556 -18.04 -12.88 -26.51
C PRO B 556 -19.08 -11.83 -26.11
N ALA B 557 -18.59 -10.68 -25.62
CA ALA B 557 -19.49 -9.58 -25.33
C ALA B 557 -20.00 -8.94 -26.62
N VAL B 558 -19.08 -8.51 -27.48
CA VAL B 558 -19.44 -7.92 -28.77
C VAL B 558 -18.47 -8.44 -29.82
N GLU B 559 -18.67 -8.01 -31.07
CA GLU B 559 -17.87 -8.51 -32.18
C GLU B 559 -17.58 -7.41 -33.17
N GLU B 560 -16.41 -7.51 -33.82
CA GLU B 560 -16.01 -6.53 -34.82
C GLU B 560 -16.80 -6.74 -36.11
N TYR B 561 -17.42 -5.67 -36.58
CA TYR B 561 -18.16 -5.64 -37.84
C TYR B 561 -17.34 -4.83 -38.84
N HIS B 562 -17.02 -5.46 -39.98
CA HIS B 562 -16.10 -4.91 -40.96
C HIS B 562 -16.73 -4.61 -42.31
N ASN B 563 -18.02 -4.88 -42.49
CA ASN B 563 -18.66 -4.66 -43.79
C ASN B 563 -18.66 -3.19 -44.16
N LYS B 564 -17.75 -2.80 -45.06
CA LYS B 564 -17.59 -1.40 -45.44
C LYS B 564 -18.68 -0.89 -46.37
N ASP B 565 -19.58 -1.76 -46.84
CA ASP B 565 -20.63 -1.36 -47.76
C ASP B 565 -21.98 -1.12 -47.08
N ASP B 566 -22.08 -1.35 -45.77
CA ASP B 566 -23.35 -1.20 -45.07
C ASP B 566 -23.05 -0.77 -43.64
N PHE B 567 -23.28 0.52 -43.36
CA PHE B 567 -23.18 1.06 -42.01
C PHE B 567 -24.49 0.94 -41.23
N GLY B 568 -25.51 0.35 -41.85
CA GLY B 568 -26.81 0.18 -41.23
C GLY B 568 -26.78 -0.39 -39.82
N PRO B 569 -26.20 -1.58 -39.65
CA PRO B 569 -26.11 -2.17 -38.30
C PRO B 569 -25.34 -1.31 -37.31
N CYS B 570 -24.51 -0.38 -37.78
CA CYS B 570 -23.76 0.46 -36.86
C CYS B 570 -24.56 1.68 -36.43
N LYS B 571 -25.27 2.32 -37.36
CA LYS B 571 -26.06 3.51 -37.02
C LYS B 571 -27.30 3.15 -36.21
N THR B 572 -28.01 2.09 -36.61
CA THR B 572 -29.21 1.65 -35.90
C THR B 572 -28.91 0.30 -35.24
N PRO B 573 -28.59 0.27 -33.95
CA PRO B 573 -28.28 -1.01 -33.30
C PRO B 573 -29.49 -1.92 -33.27
N GLY B 574 -29.31 -3.13 -33.80
CA GLY B 574 -30.38 -4.09 -33.92
C GLY B 574 -30.93 -4.25 -35.32
N SER B 575 -30.62 -3.32 -36.21
CA SER B 575 -31.06 -3.44 -37.60
C SER B 575 -30.39 -4.66 -38.25
N PRO B 576 -31.07 -5.33 -39.17
CA PRO B 576 -30.54 -6.58 -39.70
C PRO B 576 -29.41 -6.34 -40.69
N TYR B 577 -28.52 -7.34 -40.79
CA TYR B 577 -27.36 -7.29 -41.65
C TYR B 577 -27.33 -8.51 -42.56
N THR B 578 -26.85 -8.30 -43.79
CA THR B 578 -26.71 -9.38 -44.75
C THR B 578 -25.32 -9.98 -44.77
N ASP B 579 -24.29 -9.19 -44.44
CA ASP B 579 -22.91 -9.67 -44.43
C ASP B 579 -22.18 -8.96 -43.30
N PHE B 580 -21.50 -9.74 -42.46
CA PHE B 580 -20.73 -9.20 -41.34
C PHE B 580 -19.33 -8.76 -41.73
N GLY B 581 -19.00 -8.80 -43.02
CA GLY B 581 -17.66 -8.42 -43.44
C GLY B 581 -16.58 -9.43 -43.12
N THR B 582 -16.96 -10.69 -42.89
CA THR B 582 -15.99 -11.72 -42.55
C THR B 582 -15.21 -12.14 -43.80
N LEU B 583 -14.09 -12.83 -43.55
CA LEU B 583 -13.28 -13.36 -44.63
C LEU B 583 -13.67 -14.80 -44.94
N ARG B 584 -13.56 -15.16 -46.21
CA ARG B 584 -13.83 -16.52 -46.67
C ARG B 584 -12.53 -17.16 -47.13
N ALA B 585 -12.21 -18.32 -46.58
CA ALA B 585 -11.04 -19.08 -47.00
C ALA B 585 -11.36 -19.80 -48.30
N VAL B 586 -10.56 -19.56 -49.35
CA VAL B 586 -10.80 -20.12 -50.67
C VAL B 586 -9.51 -20.67 -51.23
N ALA B 587 -9.66 -21.56 -52.22
CA ALA B 587 -8.56 -22.17 -52.95
C ALA B 587 -8.57 -21.59 -54.36
N LEU B 588 -7.68 -20.64 -54.58
CA LEU B 588 -7.61 -19.90 -55.84
C LEU B 588 -6.73 -20.64 -56.85
N VAL B 589 -7.21 -20.72 -58.09
CA VAL B 589 -6.47 -21.37 -59.17
C VAL B 589 -6.29 -20.37 -60.32
N LYS B 590 -5.72 -20.83 -61.43
CA LYS B 590 -5.25 -19.94 -62.49
C LYS B 590 -6.15 -19.91 -63.71
N LYS B 591 -7.21 -20.72 -63.74
CA LYS B 591 -8.16 -20.79 -64.86
C LYS B 591 -7.51 -21.29 -66.15
N SER B 592 -6.21 -21.05 -66.34
CA SER B 592 -5.49 -21.68 -67.44
C SER B 592 -5.25 -23.15 -67.14
N ASN B 593 -4.77 -23.45 -65.93
CA ASN B 593 -4.69 -24.83 -65.46
C ASN B 593 -6.10 -25.33 -65.19
N LYS B 594 -6.60 -26.20 -66.07
CA LYS B 594 -7.98 -26.69 -65.99
C LYS B 594 -8.03 -28.16 -65.57
N ASP B 595 -7.05 -28.62 -64.80
CA ASP B 595 -7.01 -29.98 -64.31
C ASP B 595 -7.04 -30.08 -62.79
N ILE B 596 -7.20 -28.96 -62.08
CA ILE B 596 -7.17 -28.95 -60.63
C ILE B 596 -8.62 -28.97 -60.12
N ASN B 597 -9.04 -30.11 -59.60
CA ASN B 597 -10.27 -30.23 -58.85
C ASN B 597 -9.94 -30.48 -57.38
N TRP B 598 -10.91 -30.23 -56.51
CA TRP B 598 -10.70 -30.45 -55.08
C TRP B 598 -10.46 -31.92 -54.77
N ASN B 599 -10.76 -32.82 -55.70
CA ASN B 599 -10.54 -34.24 -55.50
C ASN B 599 -9.13 -34.69 -55.85
N ASN B 600 -8.43 -33.96 -56.73
CA ASN B 600 -7.07 -34.29 -57.11
C ASN B 600 -6.07 -33.23 -56.66
N ILE B 601 -6.28 -32.70 -55.45
CA ILE B 601 -5.33 -31.75 -54.89
C ILE B 601 -4.03 -32.45 -54.50
N LYS B 602 -4.11 -33.73 -54.15
CA LYS B 602 -2.93 -34.47 -53.71
C LYS B 602 -1.91 -34.59 -54.83
N GLY B 603 -0.70 -34.12 -54.56
CA GLY B 603 0.39 -34.14 -55.53
C GLY B 603 0.64 -32.82 -56.22
N LYS B 604 -0.31 -31.90 -56.17
CA LYS B 604 -0.16 -30.63 -56.86
C LYS B 604 0.71 -29.67 -56.04
N LYS B 605 1.12 -28.57 -56.68
CA LYS B 605 1.94 -27.55 -56.06
C LYS B 605 1.04 -26.49 -55.42
N SER B 606 1.39 -26.09 -54.20
CA SER B 606 0.52 -25.25 -53.40
C SER B 606 1.25 -24.02 -52.88
N CYS B 607 0.47 -22.99 -52.60
CA CYS B 607 0.96 -21.75 -52.01
C CYS B 607 0.11 -21.43 -50.78
N HIS B 608 0.78 -21.06 -49.69
CA HIS B 608 0.12 -20.71 -48.44
C HIS B 608 0.69 -19.41 -47.92
N THR B 609 -0.15 -18.65 -47.22
CA THR B 609 0.28 -17.37 -46.66
C THR B 609 1.31 -17.57 -45.57
N GLY B 610 1.17 -18.62 -44.78
CA GLY B 610 2.09 -18.91 -43.71
C GLY B 610 1.52 -19.91 -42.74
N VAL B 611 2.41 -20.46 -41.90
CA VAL B 611 1.99 -21.42 -40.90
C VAL B 611 1.22 -20.71 -39.79
N GLY B 612 0.05 -21.26 -39.43
CA GLY B 612 -0.78 -20.71 -38.39
C GLY B 612 -1.91 -19.83 -38.90
N ASP B 613 -1.82 -19.32 -40.12
CA ASP B 613 -2.88 -18.47 -40.66
C ASP B 613 -4.15 -19.29 -40.85
N ILE B 614 -5.29 -18.64 -40.59
CA ILE B 614 -6.57 -19.33 -40.63
C ILE B 614 -6.92 -19.73 -42.05
N ALA B 615 -7.00 -18.75 -42.95
CA ALA B 615 -7.36 -19.05 -44.33
C ALA B 615 -6.22 -19.73 -45.08
N GLY B 616 -4.97 -19.39 -44.76
CA GLY B 616 -3.84 -19.91 -45.49
C GLY B 616 -3.33 -21.26 -45.02
N TRP B 617 -3.70 -21.67 -43.81
CA TRP B 617 -3.15 -22.90 -43.26
C TRP B 617 -4.18 -23.73 -42.52
N VAL B 618 -4.84 -23.14 -41.52
CA VAL B 618 -5.64 -23.92 -40.57
C VAL B 618 -6.76 -24.67 -41.30
N ILE B 619 -7.61 -23.93 -42.01
CA ILE B 619 -8.75 -24.55 -42.69
C ILE B 619 -8.31 -25.54 -43.77
N PRO B 620 -7.35 -25.22 -44.65
CA PRO B 620 -6.95 -26.23 -45.65
C PRO B 620 -6.42 -27.51 -45.06
N VAL B 621 -5.47 -27.42 -44.10
CA VAL B 621 -4.91 -28.63 -43.54
C VAL B 621 -5.95 -29.38 -42.70
N SER B 622 -6.88 -28.66 -42.08
CA SER B 622 -7.94 -29.33 -41.33
C SER B 622 -8.82 -30.15 -42.27
N LEU B 623 -9.26 -29.54 -43.38
CA LEU B 623 -10.06 -30.28 -44.36
C LEU B 623 -9.29 -31.46 -44.93
N ILE B 624 -8.00 -31.27 -45.21
CA ILE B 624 -7.20 -32.34 -45.79
C ILE B 624 -7.06 -33.50 -44.81
N ARG B 625 -6.79 -33.21 -43.54
CA ARG B 625 -6.64 -34.27 -42.55
C ARG B 625 -7.97 -34.98 -42.29
N ARG B 626 -9.08 -34.24 -42.29
CA ARG B 626 -10.36 -34.89 -42.05
C ARG B 626 -10.87 -35.66 -43.25
N GLN B 627 -10.36 -35.37 -44.46
CA GLN B 627 -10.79 -36.10 -45.64
C GLN B 627 -9.89 -37.29 -45.95
N ASN B 628 -8.57 -37.14 -45.82
CA ASN B 628 -7.61 -38.18 -46.08
C ASN B 628 -6.99 -38.63 -44.74
N ASP B 629 -5.72 -39.03 -44.77
CA ASP B 629 -5.01 -39.35 -43.55
C ASP B 629 -4.30 -38.10 -43.01
N ASN B 630 -3.81 -38.21 -41.78
CA ASN B 630 -3.16 -37.08 -41.10
C ASN B 630 -1.70 -37.03 -41.52
N SER B 631 -1.46 -36.40 -42.67
CA SER B 631 -0.09 -36.27 -43.19
C SER B 631 -0.10 -35.14 -44.22
N ASP B 632 0.46 -33.99 -43.83
CA ASP B 632 0.63 -32.86 -44.73
C ASP B 632 2.07 -32.38 -44.82
N ILE B 633 2.84 -32.48 -43.75
CA ILE B 633 4.26 -32.14 -43.79
C ILE B 633 5.01 -33.27 -44.49
N ASP B 634 5.78 -32.91 -45.52
CA ASP B 634 6.54 -33.88 -46.33
C ASP B 634 5.62 -34.92 -46.96
N SER B 635 4.41 -34.52 -47.33
CA SER B 635 3.44 -35.44 -47.92
C SER B 635 2.29 -34.63 -48.51
N PHE B 636 1.46 -35.32 -49.30
CA PHE B 636 0.22 -34.79 -49.87
C PHE B 636 0.43 -33.72 -50.92
N PHE B 637 1.59 -33.04 -50.90
CA PHE B 637 1.89 -32.00 -51.87
C PHE B 637 3.23 -32.29 -52.53
N GLY B 638 3.34 -31.91 -53.80
CA GLY B 638 4.57 -32.08 -54.55
C GLY B 638 5.64 -31.10 -54.12
N GLU B 639 5.57 -29.87 -54.62
CA GLU B 639 6.45 -28.79 -54.21
C GLU B 639 5.59 -27.58 -53.88
N SER B 640 5.54 -27.20 -52.61
CA SER B 640 4.72 -26.09 -52.16
C SER B 640 5.58 -25.04 -51.48
N CYS B 641 4.99 -23.87 -51.26
CA CYS B 641 5.62 -22.80 -50.50
C CYS B 641 4.67 -22.38 -49.40
N ALA B 642 5.07 -22.66 -48.15
CA ALA B 642 4.31 -22.25 -46.97
C ALA B 642 5.30 -21.73 -45.94
N PRO B 643 5.49 -20.41 -45.87
CA PRO B 643 6.51 -19.86 -44.96
C PRO B 643 6.24 -20.23 -43.51
N GLY B 644 7.32 -20.53 -42.79
CA GLY B 644 7.25 -21.00 -41.42
C GLY B 644 7.48 -22.48 -41.25
N SER B 645 7.44 -23.25 -42.33
CA SER B 645 7.64 -24.70 -42.27
C SER B 645 9.13 -25.01 -42.20
N ASP B 646 9.47 -26.29 -42.25
CA ASP B 646 10.87 -26.70 -42.21
C ASP B 646 11.59 -26.22 -43.47
N THR B 647 12.77 -25.61 -43.27
CA THR B 647 13.51 -25.04 -44.39
C THR B 647 14.02 -26.10 -45.36
N LYS B 648 14.12 -27.35 -44.93
CA LYS B 648 14.56 -28.42 -45.82
C LYS B 648 13.46 -29.46 -46.00
N SER B 649 12.28 -29.01 -46.41
CA SER B 649 11.13 -29.88 -46.65
C SER B 649 10.52 -29.55 -48.01
N ASN B 650 9.54 -30.35 -48.41
CA ASN B 650 8.83 -30.09 -49.66
C ASN B 650 7.91 -28.88 -49.54
N LEU B 651 7.58 -28.47 -48.32
CA LEU B 651 6.79 -27.27 -48.09
C LEU B 651 7.62 -25.99 -48.13
N CYS B 652 8.88 -26.08 -48.59
CA CYS B 652 9.71 -24.89 -48.72
C CYS B 652 10.53 -24.90 -50.01
N LYS B 653 10.10 -25.65 -51.03
CA LYS B 653 10.85 -25.72 -52.27
C LYS B 653 10.64 -24.46 -53.11
N LEU B 654 9.40 -24.02 -53.24
CA LEU B 654 9.09 -22.91 -54.14
C LEU B 654 9.49 -21.56 -53.58
N CYS B 655 9.57 -21.43 -52.25
CA CYS B 655 9.79 -20.12 -51.64
C CYS B 655 11.14 -19.55 -52.07
N ILE B 656 11.15 -18.24 -52.32
CA ILE B 656 12.34 -17.53 -52.77
C ILE B 656 12.44 -16.23 -51.98
N GLY B 657 13.63 -15.98 -51.42
CA GLY B 657 13.87 -14.73 -50.74
C GLY B 657 14.17 -13.59 -51.70
N ASP B 658 14.11 -12.37 -51.18
CA ASP B 658 14.37 -11.20 -52.00
C ASP B 658 15.86 -11.11 -52.33
N PRO B 659 16.20 -10.63 -53.53
CA PRO B 659 17.61 -10.47 -53.90
C PRO B 659 18.30 -9.30 -53.22
N LYS B 660 17.59 -8.53 -52.37
CA LYS B 660 18.22 -7.43 -51.67
C LYS B 660 19.30 -7.92 -50.72
N ASN B 661 19.09 -9.09 -50.10
CA ASN B 661 20.08 -9.72 -49.24
C ASN B 661 19.99 -11.23 -49.45
N SER B 662 20.24 -11.66 -50.69
CA SER B 662 20.14 -13.08 -51.04
C SER B 662 21.24 -13.92 -50.39
N ALA B 663 22.22 -13.30 -49.74
CA ALA B 663 23.23 -14.07 -49.01
C ALA B 663 22.58 -14.87 -47.89
N ALA B 664 21.73 -14.23 -47.09
CA ALA B 664 20.95 -14.95 -46.10
C ALA B 664 19.86 -15.77 -46.78
N ASN B 665 19.43 -16.84 -46.11
CA ASN B 665 18.41 -17.70 -46.69
C ASN B 665 17.09 -16.95 -46.88
N THR B 666 16.51 -16.48 -45.78
CA THR B 666 15.23 -15.75 -45.77
C THR B 666 14.12 -16.54 -46.44
N LYS B 667 14.26 -17.87 -46.54
CA LYS B 667 13.25 -18.74 -47.13
C LYS B 667 12.41 -19.35 -46.02
N CYS B 668 11.09 -19.31 -46.20
CA CYS B 668 10.13 -19.76 -45.20
C CYS B 668 10.31 -19.03 -43.87
N SER B 669 10.64 -17.74 -43.96
CA SER B 669 10.67 -16.88 -42.79
C SER B 669 9.32 -16.18 -42.65
N LEU B 670 8.72 -16.28 -41.47
CA LEU B 670 7.44 -15.62 -41.22
C LEU B 670 7.63 -14.12 -41.10
N SER B 671 8.11 -13.49 -42.17
CA SER B 671 8.39 -12.06 -42.20
C SER B 671 8.44 -11.63 -43.67
N ASP B 672 8.65 -10.33 -43.87
CA ASP B 672 8.67 -9.78 -45.23
C ASP B 672 9.88 -10.24 -46.04
N LYS B 673 10.90 -10.81 -45.39
CA LYS B 673 12.06 -11.28 -46.12
C LYS B 673 11.71 -12.39 -47.09
N GLU B 674 10.86 -13.33 -46.66
CA GLU B 674 10.31 -14.32 -47.57
C GLU B 674 9.29 -13.65 -48.49
N ALA B 675 9.53 -13.73 -49.80
CA ALA B 675 8.66 -13.03 -50.74
C ALA B 675 7.26 -13.60 -50.78
N TYR B 676 7.11 -14.91 -50.55
CA TYR B 676 5.82 -15.58 -50.68
C TYR B 676 5.07 -15.67 -49.36
N TYR B 677 5.38 -14.80 -48.41
CA TYR B 677 4.70 -14.81 -47.11
C TYR B 677 3.54 -13.82 -47.14
N GLY B 678 2.39 -14.26 -46.65
CA GLY B 678 1.22 -13.41 -46.58
C GLY B 678 0.32 -13.54 -47.79
N ASN B 679 -0.67 -12.65 -47.84
CA ASN B 679 -1.61 -12.63 -48.96
C ASN B 679 -0.91 -12.23 -50.25
N GLN B 680 -0.27 -11.06 -50.25
CA GLN B 680 0.48 -10.59 -51.41
C GLN B 680 1.61 -11.55 -51.79
N GLY B 681 2.08 -12.35 -50.83
CA GLY B 681 3.13 -13.31 -51.11
C GLY B 681 2.61 -14.60 -51.71
N ALA B 682 1.55 -15.16 -51.13
CA ALA B 682 0.95 -16.36 -51.70
C ALA B 682 0.39 -16.10 -53.09
N PHE B 683 -0.12 -14.88 -53.33
CA PHE B 683 -0.64 -14.56 -54.65
C PHE B 683 0.46 -14.63 -55.71
N ARG B 684 1.59 -13.99 -55.46
CA ARG B 684 2.69 -14.04 -56.42
C ARG B 684 3.32 -15.43 -56.49
N CYS B 685 3.25 -16.19 -55.38
CA CYS B 685 3.66 -17.58 -55.42
C CYS B 685 2.85 -18.35 -56.46
N LEU B 686 1.52 -18.20 -56.41
CA LEU B 686 0.69 -18.84 -57.43
C LEU B 686 0.91 -18.25 -58.81
N VAL B 687 1.20 -16.95 -58.89
CA VAL B 687 1.44 -16.30 -60.19
C VAL B 687 2.63 -16.94 -60.89
N GLU B 688 3.74 -17.08 -60.17
CA GLU B 688 4.97 -17.59 -60.76
C GLU B 688 4.95 -19.11 -60.87
N LYS B 689 5.24 -19.80 -59.76
CA LYS B 689 5.33 -21.25 -59.74
C LYS B 689 4.34 -21.79 -58.71
N GLY B 690 3.25 -22.38 -59.18
CA GLY B 690 2.25 -22.92 -58.30
C GLY B 690 1.01 -23.31 -59.06
N ASP B 691 0.15 -24.09 -58.39
CA ASP B 691 -1.09 -24.57 -58.97
C ASP B 691 -2.31 -24.04 -58.23
N VAL B 692 -2.32 -24.08 -56.90
CA VAL B 692 -3.41 -23.57 -56.10
C VAL B 692 -2.83 -22.75 -54.95
N ALA B 693 -3.58 -21.74 -54.52
CA ALA B 693 -3.17 -20.90 -53.40
C ALA B 693 -4.32 -20.82 -52.40
N PHE B 694 -4.02 -21.04 -51.12
CA PHE B 694 -5.05 -21.03 -50.08
C PHE B 694 -5.03 -19.67 -49.39
N VAL B 695 -6.06 -18.87 -49.65
CA VAL B 695 -6.03 -17.45 -49.28
C VAL B 695 -7.44 -16.99 -48.92
N PRO B 696 -7.55 -15.87 -48.22
CA PRO B 696 -8.88 -15.24 -48.07
C PRO B 696 -9.40 -14.77 -49.42
N HIS B 697 -10.72 -14.56 -49.47
CA HIS B 697 -11.40 -14.29 -50.73
C HIS B 697 -11.06 -12.93 -51.33
N THR B 698 -10.37 -12.06 -50.58
CA THR B 698 -10.17 -10.69 -51.03
C THR B 698 -8.90 -10.49 -51.84
N VAL B 699 -7.93 -11.40 -51.73
CA VAL B 699 -6.60 -11.15 -52.30
C VAL B 699 -6.65 -11.05 -53.82
N VAL B 700 -7.56 -11.80 -54.47
CA VAL B 700 -7.63 -11.78 -55.93
C VAL B 700 -8.06 -10.40 -56.42
N PHE B 701 -9.09 -9.82 -55.79
CA PHE B 701 -9.54 -8.50 -56.19
C PHE B 701 -8.57 -7.42 -55.72
N GLU B 702 -7.81 -7.68 -54.65
CA GLU B 702 -6.81 -6.71 -54.21
C GLU B 702 -5.64 -6.65 -55.18
N ASN B 703 -5.29 -7.76 -55.82
CA ASN B 703 -4.09 -7.82 -56.64
C ASN B 703 -4.35 -7.76 -58.14
N THR B 704 -5.52 -8.19 -58.61
CA THR B 704 -5.81 -8.17 -60.03
C THR B 704 -6.47 -6.85 -60.42
N ASP B 705 -6.83 -6.74 -61.71
CA ASP B 705 -7.49 -5.56 -62.26
C ASP B 705 -6.65 -4.30 -62.06
N GLY B 706 -5.33 -4.47 -62.14
CA GLY B 706 -4.43 -3.33 -62.02
C GLY B 706 -4.49 -2.59 -60.72
N LYS B 707 -4.99 -3.24 -59.65
CA LYS B 707 -5.12 -2.61 -58.35
C LYS B 707 -3.87 -2.75 -57.49
N ASN B 708 -2.77 -3.24 -58.06
CA ASN B 708 -1.48 -3.27 -57.39
C ASN B 708 -0.42 -2.65 -58.30
N PRO B 709 0.50 -1.87 -57.76
CA PRO B 709 1.52 -1.21 -58.59
C PRO B 709 2.79 -2.01 -58.81
N ALA B 710 2.85 -3.27 -58.39
CA ALA B 710 4.07 -4.05 -58.52
C ALA B 710 4.28 -4.46 -59.98
N VAL B 711 5.47 -4.97 -60.26
CA VAL B 711 5.80 -5.44 -61.61
C VAL B 711 4.88 -6.59 -62.00
N TRP B 712 4.90 -7.66 -61.21
CA TRP B 712 3.97 -8.77 -61.41
C TRP B 712 2.55 -8.32 -61.05
N ALA B 713 1.58 -9.06 -61.59
CA ALA B 713 0.15 -8.82 -61.41
C ALA B 713 -0.29 -7.46 -61.94
N LYS B 714 0.56 -6.78 -62.71
CA LYS B 714 0.16 -5.49 -63.29
C LYS B 714 -0.87 -5.68 -64.40
N ASN B 715 -0.80 -6.79 -65.12
CA ASN B 715 -1.72 -7.08 -66.22
C ASN B 715 -2.67 -8.22 -65.91
N LEU B 716 -2.74 -8.67 -64.66
CA LEU B 716 -3.62 -9.77 -64.30
C LEU B 716 -5.06 -9.28 -64.10
N LYS B 717 -6.00 -10.15 -64.42
CA LYS B 717 -7.42 -9.83 -64.38
C LYS B 717 -8.12 -10.73 -63.37
N SER B 718 -9.19 -10.22 -62.77
CA SER B 718 -9.97 -11.01 -61.82
C SER B 718 -10.63 -12.19 -62.53
N GLU B 719 -11.10 -12.00 -63.76
CA GLU B 719 -11.69 -13.08 -64.53
C GLU B 719 -10.67 -14.11 -65.00
N ASP B 720 -9.38 -13.82 -64.88
CA ASP B 720 -8.32 -14.77 -65.25
C ASP B 720 -8.10 -15.84 -64.21
N PHE B 721 -8.86 -15.85 -63.11
CA PHE B 721 -8.70 -16.82 -62.05
C PHE B 721 -10.05 -17.41 -61.66
N GLU B 722 -10.00 -18.57 -61.04
CA GLU B 722 -11.19 -19.26 -60.53
C GLU B 722 -10.88 -19.79 -59.14
N LEU B 723 -11.88 -20.40 -58.50
CA LEU B 723 -11.68 -21.01 -57.20
C LEU B 723 -12.43 -22.33 -57.14
N LEU B 724 -11.90 -23.24 -56.33
CA LEU B 724 -12.39 -24.61 -56.25
C LEU B 724 -13.41 -24.74 -55.12
N CYS B 725 -14.43 -25.57 -55.36
CA CYS B 725 -15.48 -25.83 -54.38
C CYS B 725 -15.30 -27.21 -53.77
N LEU B 726 -16.02 -27.44 -52.67
CA LEU B 726 -15.87 -28.68 -51.93
C LEU B 726 -16.41 -29.89 -52.70
N ASP B 727 -17.35 -29.66 -53.61
CA ASP B 727 -17.93 -30.74 -54.41
C ASP B 727 -17.15 -31.01 -55.69
N GLY B 728 -15.88 -30.59 -55.76
CA GLY B 728 -15.10 -30.77 -56.97
C GLY B 728 -15.43 -29.80 -58.08
N SER B 729 -16.29 -28.82 -57.84
CA SER B 729 -16.68 -27.86 -58.85
C SER B 729 -15.74 -26.66 -58.85
N ARG B 730 -15.85 -25.85 -59.91
CA ARG B 730 -15.13 -24.60 -60.04
C ARG B 730 -16.12 -23.46 -60.11
N ALA B 731 -15.66 -22.26 -59.73
CA ALA B 731 -16.52 -21.09 -59.78
C ALA B 731 -15.65 -19.87 -60.02
N PRO B 732 -16.22 -18.79 -60.58
CA PRO B 732 -15.46 -17.54 -60.67
C PRO B 732 -15.15 -16.98 -59.29
N VAL B 733 -14.21 -16.04 -59.27
CA VAL B 733 -13.77 -15.44 -58.00
C VAL B 733 -14.85 -14.64 -57.30
N SER B 734 -15.98 -14.39 -57.97
CA SER B 734 -17.08 -13.68 -57.35
C SER B 734 -17.95 -14.57 -56.47
N ASN B 735 -17.91 -15.88 -56.69
CA ASN B 735 -18.76 -16.82 -55.94
C ASN B 735 -18.10 -17.31 -54.66
N TYR B 736 -17.46 -16.43 -53.90
CA TYR B 736 -16.81 -16.85 -52.67
C TYR B 736 -17.79 -17.12 -51.54
N LYS B 737 -19.01 -16.59 -51.66
CA LYS B 737 -20.01 -16.78 -50.60
C LYS B 737 -20.58 -18.19 -50.61
N SER B 738 -20.65 -18.83 -51.77
CA SER B 738 -21.17 -20.19 -51.91
C SER B 738 -20.06 -21.22 -52.11
N CYS B 739 -19.11 -20.94 -53.00
CA CYS B 739 -18.00 -21.85 -53.30
C CYS B 739 -16.80 -21.44 -52.46
N LYS B 740 -16.75 -21.94 -51.23
CA LYS B 740 -15.70 -21.58 -50.29
C LYS B 740 -15.33 -22.79 -49.44
N LEU B 741 -14.09 -22.79 -48.94
CA LEU B 741 -13.66 -23.85 -48.05
C LEU B 741 -14.38 -23.75 -46.71
N SER B 742 -14.42 -22.55 -46.13
CA SER B 742 -15.13 -22.30 -44.88
C SER B 742 -15.19 -20.81 -44.64
N GLY B 743 -16.11 -20.40 -43.78
CA GLY B 743 -16.15 -19.03 -43.30
C GLY B 743 -15.35 -18.87 -42.02
N ILE B 744 -14.84 -17.66 -41.82
CA ILE B 744 -14.02 -17.33 -40.66
C ILE B 744 -14.82 -16.40 -39.76
N PRO B 745 -14.92 -16.69 -38.47
CA PRO B 745 -15.70 -15.82 -37.56
C PRO B 745 -15.01 -14.49 -37.37
N PRO B 746 -15.74 -13.47 -36.93
CA PRO B 746 -15.14 -12.16 -36.71
C PRO B 746 -14.37 -12.13 -35.41
N PRO B 747 -13.47 -11.15 -35.23
CA PRO B 747 -12.84 -10.98 -33.91
C PRO B 747 -13.88 -10.67 -32.85
N ALA B 748 -13.63 -11.17 -31.64
CA ALA B 748 -14.62 -11.10 -30.57
C ALA B 748 -14.06 -10.36 -29.36
N ILE B 749 -14.79 -9.35 -28.90
CA ILE B 749 -14.54 -8.73 -27.60
C ILE B 749 -15.23 -9.61 -26.56
N VAL B 750 -14.42 -10.31 -25.76
CA VAL B 750 -14.90 -11.30 -24.80
C VAL B 750 -14.62 -10.82 -23.39
N THR B 751 -15.47 -11.29 -22.46
CA THR B 751 -15.43 -10.92 -21.06
C THR B 751 -16.03 -12.06 -20.25
N ARG B 752 -16.15 -11.86 -18.95
CA ARG B 752 -16.83 -12.83 -18.10
C ARG B 752 -18.34 -12.74 -18.30
N GLU B 753 -19.02 -13.85 -18.00
CA GLU B 753 -20.47 -13.90 -18.18
C GLU B 753 -21.17 -12.87 -17.29
N GLU B 754 -20.76 -12.80 -16.01
CA GLU B 754 -21.36 -11.87 -15.07
C GLU B 754 -21.19 -10.42 -15.51
N SER B 755 -20.28 -10.13 -16.43
CA SER B 755 -20.07 -8.79 -16.94
C SER B 755 -20.67 -8.55 -18.31
N ILE B 756 -21.19 -9.61 -18.95
CA ILE B 756 -21.62 -9.52 -20.35
C ILE B 756 -22.50 -8.30 -20.58
N SER B 757 -23.54 -8.15 -19.75
CA SER B 757 -24.44 -7.01 -19.90
C SER B 757 -23.67 -5.69 -19.78
N ASP B 758 -22.95 -5.52 -18.67
CA ASP B 758 -22.32 -4.23 -18.39
C ASP B 758 -21.42 -3.79 -19.54
N VAL B 759 -20.52 -4.67 -19.97
CA VAL B 759 -19.68 -4.38 -21.13
C VAL B 759 -20.53 -3.94 -22.31
N VAL B 760 -21.52 -4.77 -22.69
CA VAL B 760 -22.39 -4.46 -23.82
C VAL B 760 -23.00 -3.08 -23.67
N ARG B 761 -23.30 -2.68 -22.44
CA ARG B 761 -23.77 -1.32 -22.20
C ARG B 761 -22.65 -0.31 -22.44
N ILE B 762 -21.57 -0.41 -21.67
CA ILE B 762 -20.56 0.64 -21.66
C ILE B 762 -20.00 0.85 -23.05
N VAL B 763 -19.49 -0.22 -23.66
CA VAL B 763 -18.96 -0.14 -25.03
C VAL B 763 -19.94 0.59 -25.94
N ALA B 764 -21.22 0.20 -25.89
CA ALA B 764 -22.22 0.85 -26.73
C ALA B 764 -22.16 2.36 -26.57
N ASN B 765 -22.28 2.83 -25.32
CA ASN B 765 -22.20 4.26 -25.06
C ASN B 765 -20.93 4.85 -25.64
N GLN B 766 -19.78 4.19 -25.36
CA GLN B 766 -18.51 4.70 -25.86
C GLN B 766 -18.52 4.79 -27.38
N GLN B 767 -19.11 3.79 -28.05
CA GLN B 767 -19.24 3.88 -29.50
C GLN B 767 -19.99 5.14 -29.90
N SER B 768 -21.15 5.37 -29.29
CA SER B 768 -21.94 6.54 -29.64
C SER B 768 -21.18 7.84 -29.39
N LEU B 769 -20.10 7.77 -28.61
CA LEU B 769 -19.25 8.94 -28.42
C LEU B 769 -18.10 8.98 -29.40
N TYR B 770 -17.48 7.82 -29.67
CA TYR B 770 -16.18 7.81 -30.32
C TYR B 770 -16.11 6.81 -31.47
N GLY B 771 -17.25 6.37 -32.00
CA GLY B 771 -17.27 5.53 -33.16
C GLY B 771 -17.00 6.34 -34.43
N ARG B 772 -17.23 5.69 -35.57
CA ARG B 772 -17.00 6.33 -36.85
C ARG B 772 -17.97 7.47 -37.11
N LYS B 773 -19.11 7.49 -36.42
CA LYS B 773 -20.08 8.58 -36.54
C LYS B 773 -20.50 9.08 -35.16
N GLY B 774 -19.58 9.04 -34.19
CA GLY B 774 -19.91 9.42 -32.83
C GLY B 774 -20.01 10.93 -32.65
N PHE B 775 -20.63 11.32 -31.54
CA PHE B 775 -20.88 12.74 -31.28
C PHE B 775 -19.60 13.51 -30.99
N GLU B 776 -18.58 12.85 -30.43
CA GLU B 776 -17.33 13.52 -30.12
C GLU B 776 -16.16 12.83 -30.80
N LYS B 777 -16.30 12.51 -32.08
CA LYS B 777 -15.23 11.84 -32.81
C LYS B 777 -14.00 12.74 -32.93
N ASP B 778 -14.17 14.05 -32.88
CA ASP B 778 -13.04 14.96 -32.97
C ASP B 778 -12.15 14.89 -31.73
N MET B 779 -12.66 14.34 -30.63
CA MET B 779 -11.87 14.20 -29.41
C MET B 779 -11.11 12.88 -29.36
N PHE B 780 -11.73 11.78 -29.82
CA PHE B 780 -11.09 10.48 -29.78
C PHE B 780 -11.82 9.55 -30.75
N GLN B 781 -11.06 8.63 -31.34
CA GLN B 781 -11.58 7.65 -32.28
C GLN B 781 -11.23 6.25 -31.77
N LEU B 782 -12.24 5.38 -31.72
CA LEU B 782 -12.01 4.02 -31.23
C LEU B 782 -11.19 3.19 -32.21
N PHE B 783 -11.36 3.42 -33.51
CA PHE B 783 -10.82 2.55 -34.55
C PHE B 783 -9.68 3.21 -35.31
N SER B 784 -8.97 4.12 -34.67
CA SER B 784 -7.77 4.74 -35.24
C SER B 784 -7.00 5.40 -34.12
N SER B 785 -5.70 5.62 -34.37
CA SER B 785 -4.85 6.26 -33.38
C SER B 785 -3.58 6.73 -34.05
N ASN B 786 -2.99 7.79 -33.48
CA ASN B 786 -1.67 8.22 -33.90
C ASN B 786 -0.56 7.41 -33.23
N LYS B 787 -0.89 6.69 -32.16
CA LYS B 787 0.11 5.88 -31.48
C LYS B 787 0.49 4.65 -32.30
N GLY B 788 -0.41 4.17 -33.14
CA GLY B 788 -0.14 3.00 -33.94
C GLY B 788 -1.38 2.56 -34.69
N ASN B 789 -1.24 1.42 -35.36
CA ASN B 789 -2.30 0.87 -36.20
C ASN B 789 -2.82 -0.44 -35.62
N ASN B 790 -4.13 -0.64 -35.74
CA ASN B 790 -4.80 -1.86 -35.27
C ASN B 790 -4.63 -2.07 -33.77
N LEU B 791 -4.57 -0.97 -33.01
CA LEU B 791 -4.46 -1.07 -31.56
C LEU B 791 -5.84 -1.26 -30.94
N LEU B 792 -5.91 -2.18 -29.97
CA LEU B 792 -7.16 -2.56 -29.30
C LEU B 792 -8.14 -3.21 -30.27
N PHE B 793 -8.48 -2.51 -31.35
CA PHE B 793 -9.32 -3.04 -32.40
C PHE B 793 -8.63 -2.87 -33.75
N ASN B 794 -9.03 -3.69 -34.71
CA ASN B 794 -8.54 -3.52 -36.07
C ASN B 794 -9.02 -2.19 -36.64
N ASP B 795 -8.13 -1.49 -37.34
CA ASP B 795 -8.48 -0.16 -37.83
C ASP B 795 -9.56 -0.20 -38.90
N ASN B 796 -9.66 -1.29 -39.65
CA ASN B 796 -10.69 -1.45 -40.66
C ASN B 796 -12.02 -1.91 -40.08
N THR B 797 -12.17 -1.88 -38.76
CA THR B 797 -13.43 -2.25 -38.13
C THR B 797 -14.48 -1.17 -38.38
N GLN B 798 -15.64 -1.57 -38.90
CA GLN B 798 -16.72 -0.60 -39.07
C GLN B 798 -17.34 -0.24 -37.72
N CYS B 799 -17.67 -1.25 -36.90
CA CYS B 799 -18.13 -0.96 -35.54
C CYS B 799 -18.14 -2.25 -34.72
N LEU B 800 -18.86 -2.23 -33.60
CA LEU B 800 -18.96 -3.37 -32.71
C LEU B 800 -20.43 -3.72 -32.52
N ILE B 801 -20.81 -4.95 -32.88
CA ILE B 801 -22.18 -5.42 -32.76
C ILE B 801 -22.29 -6.33 -31.54
N THR B 802 -23.37 -6.15 -30.77
CA THR B 802 -23.63 -7.01 -29.63
C THR B 802 -23.84 -8.45 -30.08
N PHE B 803 -23.14 -9.38 -29.45
CA PHE B 803 -23.28 -10.79 -29.77
C PHE B 803 -24.67 -11.27 -29.39
N ASP B 804 -25.44 -11.72 -30.38
CA ASP B 804 -26.77 -12.26 -30.15
C ASP B 804 -26.64 -13.73 -29.77
N ARG B 805 -26.73 -14.02 -28.48
CA ARG B 805 -26.57 -15.38 -27.99
C ARG B 805 -27.73 -16.26 -28.45
N GLN B 806 -27.41 -17.39 -29.07
CA GLN B 806 -28.41 -18.32 -29.54
C GLN B 806 -28.53 -19.52 -28.60
N PRO B 807 -29.70 -20.16 -28.52
CA PRO B 807 -29.83 -21.35 -27.67
C PRO B 807 -29.08 -22.54 -28.23
N LYS B 808 -27.77 -22.42 -28.38
CA LYS B 808 -26.92 -23.49 -28.89
C LYS B 808 -25.64 -23.53 -28.07
N ASP B 809 -24.77 -24.46 -28.41
CA ASP B 809 -23.44 -24.49 -27.81
C ASP B 809 -22.69 -23.21 -28.19
N ILE B 810 -22.06 -22.58 -27.18
CA ILE B 810 -21.38 -21.32 -27.41
C ILE B 810 -20.26 -21.49 -28.44
N MET B 811 -19.62 -22.67 -28.47
CA MET B 811 -18.60 -22.93 -29.48
C MET B 811 -19.22 -22.90 -30.88
N GLU B 812 -20.39 -23.52 -31.04
CA GLU B 812 -21.11 -23.49 -32.30
C GLU B 812 -21.75 -22.13 -32.57
N ASP B 813 -22.17 -21.43 -31.52
CA ASP B 813 -22.80 -20.12 -31.70
C ASP B 813 -21.78 -19.03 -32.02
N TYR B 814 -20.49 -19.26 -31.77
CA TYR B 814 -19.46 -18.33 -32.18
C TYR B 814 -18.76 -18.77 -33.47
N PHE B 815 -18.11 -19.94 -33.43
CA PHE B 815 -17.38 -20.39 -34.61
C PHE B 815 -18.32 -20.69 -35.78
N GLY B 816 -19.54 -21.12 -35.48
CA GLY B 816 -20.36 -21.70 -36.53
C GLY B 816 -20.12 -23.18 -36.65
N LYS B 817 -21.19 -23.92 -36.94
CA LYS B 817 -21.06 -25.37 -37.08
C LYS B 817 -20.02 -25.79 -38.11
N PRO B 818 -19.94 -25.21 -39.32
CA PRO B 818 -18.88 -25.64 -40.25
C PRO B 818 -17.48 -25.46 -39.70
N TYR B 819 -17.14 -24.25 -39.21
CA TYR B 819 -15.79 -24.00 -38.71
C TYR B 819 -15.48 -24.88 -37.52
N TYR B 820 -16.44 -25.02 -36.60
CA TYR B 820 -16.25 -25.88 -35.43
C TYR B 820 -15.94 -27.31 -35.85
N THR B 821 -16.82 -27.90 -36.66
CA THR B 821 -16.63 -29.29 -37.07
C THR B 821 -15.37 -29.47 -37.92
N THR B 822 -14.94 -28.42 -38.61
CA THR B 822 -13.79 -28.55 -39.51
C THR B 822 -12.48 -28.48 -38.76
N VAL B 823 -12.28 -27.45 -37.92
CA VAL B 823 -10.98 -27.26 -37.30
C VAL B 823 -10.91 -27.78 -35.86
N TYR B 824 -12.03 -28.23 -35.29
CA TYR B 824 -12.00 -28.83 -33.96
C TYR B 824 -12.84 -30.10 -33.86
N GLY B 825 -13.44 -30.55 -34.96
CA GLY B 825 -14.23 -31.77 -34.93
C GLY B 825 -15.45 -31.71 -34.05
N ALA B 826 -16.00 -30.51 -33.82
CA ALA B 826 -17.14 -30.32 -32.93
C ALA B 826 -16.88 -30.93 -31.56
N SER B 827 -15.65 -30.81 -31.09
CA SER B 827 -15.22 -31.45 -29.86
C SER B 827 -14.54 -30.44 -28.95
N ARG B 828 -14.64 -30.69 -27.65
CA ARG B 828 -13.97 -29.89 -26.63
C ARG B 828 -12.60 -30.46 -26.26
N SER B 829 -12.10 -31.44 -27.02
CA SER B 829 -10.84 -32.11 -26.72
C SER B 829 -9.89 -32.06 -27.91
N ALA B 830 -10.01 -31.05 -28.76
CA ALA B 830 -9.18 -30.93 -29.94
C ALA B 830 -7.85 -30.22 -29.68
N MET B 831 -7.71 -29.55 -28.54
CA MET B 831 -6.51 -28.77 -28.24
C MET B 831 -6.24 -28.86 -26.75
N SER B 832 -4.96 -28.93 -26.39
CA SER B 832 -4.53 -28.96 -25.00
C SER B 832 -3.45 -27.92 -24.76
N SER B 833 -3.55 -27.23 -23.62
CA SER B 833 -2.55 -26.24 -23.24
C SER B 833 -2.61 -26.09 -21.72
N GLU B 834 -1.64 -25.34 -21.19
CA GLU B 834 -1.61 -25.09 -19.75
C GLU B 834 -2.86 -24.37 -19.28
N LEU B 835 -3.35 -23.42 -20.08
CA LEU B 835 -4.55 -22.68 -19.70
C LEU B 835 -5.78 -23.59 -19.71
N ILE B 836 -5.89 -24.47 -20.71
CA ILE B 836 -7.02 -25.38 -20.78
C ILE B 836 -7.00 -26.34 -19.60
N SER B 837 -5.81 -26.82 -19.21
CA SER B 837 -5.70 -27.66 -18.02
C SER B 837 -6.08 -26.88 -16.77
N ALA B 838 -5.70 -25.61 -16.69
CA ALA B 838 -6.05 -24.79 -15.54
C ALA B 838 -7.55 -24.57 -15.44
N CYS B 839 -8.23 -24.49 -16.58
CA CYS B 839 -9.68 -24.35 -16.61
C CYS B 839 -10.41 -25.68 -16.52
N THR B 840 -9.67 -26.80 -16.52
CA THR B 840 -10.28 -28.11 -16.42
C THR B 840 -10.57 -28.45 -14.96
N ILE B 841 -11.76 -28.97 -14.70
CA ILE B 841 -12.20 -29.29 -13.34
C ILE B 841 -11.82 -30.75 -13.07
N LYS B 842 -10.75 -30.95 -12.31
CA LYS B 842 -10.35 -32.29 -11.90
C LYS B 842 -11.14 -32.72 -10.67
N HIS B 843 -11.65 -33.95 -10.70
CA HIS B 843 -12.43 -34.50 -9.60
C HIS B 843 -12.01 -35.94 -9.35
N CYS B 844 -12.65 -36.56 -8.37
CA CYS B 844 -12.32 -37.92 -7.93
C CYS B 844 -13.55 -38.81 -8.08
N SER B 845 -13.37 -40.09 -7.77
CA SER B 845 -14.45 -41.06 -7.85
C SER B 845 -15.29 -41.02 -6.58
N ASN B 846 -16.14 -42.01 -6.38
CA ASN B 846 -17.01 -42.07 -5.21
C ASN B 846 -16.42 -42.95 -4.12
N SER B 847 -16.69 -44.26 -4.18
CA SER B 847 -16.28 -45.15 -3.10
C SER B 847 -15.89 -46.52 -3.63
N LEU B 848 -16.79 -47.17 -4.37
CA LEU B 848 -16.59 -48.55 -4.80
C LEU B 848 -15.88 -48.59 -6.15
N GLU B 849 -15.12 -49.66 -6.36
CA GLU B 849 -14.31 -49.84 -7.56
C GLU B 849 -14.69 -51.18 -8.21
N VAL B 850 -15.91 -51.24 -8.76
CA VAL B 850 -16.41 -52.43 -9.42
C VAL B 850 -16.70 -52.10 -10.88
N LEU B 851 -16.90 -53.15 -11.68
CA LEU B 851 -17.22 -52.99 -13.09
C LEU B 851 -17.90 -54.24 -13.64
O10 QDX C . 30.80 43.85 19.62
C14 QDX C . 36.19 36.65 9.84
C15 QDX C . 36.75 38.08 9.62
C17 QDX C . 34.76 38.41 12.53
C18 QDX C . 33.29 38.66 12.94
C01 QDX C . 28.39 33.56 12.91
C02 QDX C . 27.82 32.67 12.07
C03 QDX C . 28.10 32.27 9.65
C04 QDX C . 30.33 32.44 8.74
C05 QDX C . 30.95 32.37 10.09
C06 QDX C . 30.08 32.80 11.22
C07 QDX C . 29.79 34.01 12.44
C08 QDX C . 30.52 30.80 11.75
C09 QDX C . 30.57 33.86 8.18
C10 QDX C . 32.16 34.94 6.83
C11 QDX C . 33.21 37.17 7.45
C12 QDX C . 33.91 37.09 8.83
C13 QDX C . 35.23 36.29 8.68
C16 QDX C . 36.71 38.86 10.96
C19 QDX C . 32.89 39.91 13.43
C20 QDX C . 32.35 37.65 12.81
C21 QDX C . 31.56 40.16 13.80
C22 QDX C . 31.03 37.87 13.17
C23 QDX C . 30.62 39.11 13.67
C24 QDX C . 29.15 39.33 14.06
C25 QDX C . 31.16 41.55 14.34
C26 QDX C . 31.19 41.78 15.83
C27 QDX C . 30.80 42.57 13.44
C28 QDX C . 31.52 40.98 17.09
C29 QDX C . 30.83 43.07 16.23
C30 QDX C . 30.45 43.84 13.89
C31 QDX C . 30.71 42.54 11.74
C32 QDX C . 31.38 41.73 18.48
C33 QDX C . 30.75 43.58 17.32
C34 QDX C . 30.12 44.80 13.22
C35 QDX C . 30.27 43.86 11.12
C36 QDX C . 30.96 43.10 18.45
C37 QDX C . 30.03 44.84 12.01
N01 QDX C . 28.59 32.56 10.98
N02 QDX C . 28.88 32.21 8.69
N03 QDX C . 29.95 31.77 12.07
N04 QDX C . 31.28 30.93 10.45
N05 QDX C . 30.51 29.56 12.52
N06 QDX C . 33.31 35.85 6.80
N07 QDX C . 26.67 32.05 9.44
N08 QDX C . 35.32 39.08 11.35
O01 QDX C . 29.75 35.30 11.89
O02 QDX C . 30.73 33.91 13.49
O03 QDX C . 31.95 34.07 7.93
O04 QDX C . 31.40 34.92 5.92
O05 QDX C . 35.44 37.69 13.18
O06 QDX C . 28.70 38.75 15.08
O07 QDX C . 28.41 40.05 13.35
O08 QDX C . 30.50 43.93 15.20
O09 QDX C . 29.63 46.07 11.46
O10 QDX D . -20.96 -22.25 -45.62
C14 QDX D . -27.30 -14.58 -40.90
C15 QDX D . -28.67 -15.02 -41.49
C17 QDX D . -27.81 -18.04 -40.68
C18 QDX D . -26.74 -18.97 -40.08
C01 QDX D . -22.90 -17.81 -36.13
C02 QDX D . -21.85 -17.28 -35.47
C03 QDX D . -20.77 -15.08 -35.35
C04 QDX D . -22.16 -13.12 -35.64
C05 QDX D . -23.42 -13.90 -35.49
C06 QDX D . -23.30 -15.37 -35.74
C07 QDX D . -23.82 -16.71 -36.72
C08 QDX D . -23.98 -15.31 -33.74
C09 QDX D . -22.12 -12.57 -37.09
C10 QDX D . -23.26 -13.31 -39.04
C11 QDX D . -25.55 -13.74 -37.98
C12 QDX D . -27.00 -13.71 -38.54
C13 QDX D . -27.23 -14.97 -39.41
C16 QDX D . -28.48 -16.27 -42.41
C19 QDX D . -26.19 -20.01 -40.85
C20 QDX D . -26.29 -18.77 -38.78
C21 QDX D . -25.20 -20.85 -40.32
C22 QDX D . -25.31 -19.61 -38.25
C23 QDX D . -24.76 -20.64 -39.00
C24 QDX D . -23.68 -21.55 -38.39
C25 QDX D . -24.62 -21.99 -41.18
C26 QDX D . -23.66 -21.66 -42.29
C27 QDX D . -25.02 -23.31 -40.92
C28 QDX D . -23.01 -20.41 -42.88
C29 QDX D . -23.20 -22.76 -43.01
C30 QDX D . -24.53 -24.37 -41.67
C31 QDX D . -26.09 -23.90 -39.73
C32 QDX D . -22.02 -20.61 -44.10
C33 QDX D . -22.44 -22.84 -43.94
C34 QDX D . -24.79 -25.56 -41.54
C35 QDX D . -26.27 -25.42 -39.75
C36 QDX D . -21.82 -21.95 -44.54
C37 QDX D . -25.55 -26.05 -40.69
N01 QDX D . -21.92 -15.95 -35.50
N02 QDX D . -20.90 -13.85 -35.41
N03 QDX D . -23.65 -16.02 -34.61
N04 QDX D . -23.91 -13.85 -34.07
N05 QDX D . -24.42 -15.80 -32.43
N06 QDX D . -24.60 -13.93 -39.09
N07 QDX D . -19.45 -15.66 -35.13
N08 QDX D . -27.47 -17.17 -41.82
O01 QDX D . -23.56 -16.50 -38.08
O02 QDX D . -25.17 -17.01 -36.48
O03 QDX D . -22.36 -13.63 -38.00
O04 QDX D . -22.93 -12.56 -39.90
O05 QDX D . -28.92 -18.03 -40.23
O06 QDX D . -22.55 -21.63 -38.94
O07 QDX D . -23.93 -22.22 -37.35
O08 QDX D . -23.70 -23.98 -42.60
O09 QDX D . -25.69 -27.44 -40.74
#